data_6SMN
#
_entry.id   6SMN
#
_cell.length_a   115.031
_cell.length_b   130.401
_cell.length_c   150.826
_cell.angle_alpha   90.000
_cell.angle_beta   90.000
_cell.angle_gamma   90.000
#
_symmetry.space_group_name_H-M   'P 21 21 21'
#
loop_
_entity.id
_entity.type
_entity.pdbx_description
1 polymer 'Serine hydroxymethyltransferase 2, mitochondrial'
2 polymer 'Serine hydroxymethyltransferase 2, mitochondrial'
3 non-polymer [3-HYDROXY-2-METHYL-5-PHOSPHONOOXYMETHYL-PYRIDIN-4-YLMETHYL]-SERINE
4 non-polymer 1,2-ETHANEDIOL
5 non-polymer METHOTREXATE
6 non-polymer SERINE
7 water water
#
loop_
_entity_poly.entity_id
_entity_poly.type
_entity_poly.pdbx_seq_one_letter_code
_entity_poly.pdbx_strand_id
1 'polypeptide(L)'
;SNAEKSRSSWIKQLNASLDEIDPEVADIIELEKARQWKGFELIPSENFTSLSVMQAVGSVMTNKYSEGYPGARYYGGNEY
IDMAETLCQKRALEAFQLDPSKWGVNVQSLSGSPANFQVYTALLKPHERIMALDLPHGGHLSHGYQTDTKKISAVSIFFE
TMPYRLDENTGYIDYDQLEKSAVLFRPKLIVAGASAYARLYDYARIRKVCNKQKAVMLADMAHISGLVAAGVIPSPFEYA
DVVTTTTHKSLRGPRGAMIFFRKGLKEINKQGKEVMYDYEDRINQAVFPGLQGGPHNHTITGLAVALKQARTPEYKAYQD
QVLRNCSKFAETLLAKGYDLVSGGTDNHLVLVNLKNKGIDGSRVEKVLELVHIAANKNTVPGDVSAMVPGGIRMGTPALT
SRGFIEEDFAKVAEYFDLAVKIALKIKAESQGTKLKDFVATMQSNEKLQSEMSKLREMVEEYAKQFPTIGFEKETMRYKE
;
A,B,C
2 'polypeptide(L)'
;SNAEKSRSSWIKQLNASLDEIDPEVADIIELEKARQWKGFELIPSENFTSLSVMQAVGSVMTNKYSEGYPGARYYGGNEY
IDMAETLCQKRALEAFQLDPSKWGVNVQSLSGSPANFQVYTALLKPHERIMALDLPHGGHLSHGYQTDTKKISAVSIFFE
TMPYRLDENTGYIDYDQLEKSAVLFRPKLIVAGASAYARLYDYARIRKVCNKQKAVMLADMAHISGLVAAGVIPSPFEYA
DVVTTTTH(LLP)SLRGPRGAMIFFRKGLKEINKQGKEVMYDYEDRINQAVFPGLQGGPHNHTITGLAVALKQARTPEYK
AYQDQVLRNCSKFAETLLAKGYDLVSGGTDNHLVLVNLKNKGIDGSRVEKVLELVHIAANKNTVPGDVSAMVPGGIRMGT
PALTSRGFIEEDFAKVAEYFDLAVKIALKIKAESQGTKLKDFVATMQSNEKLQSEMSKLREMVEEYAKQFPTIGFEKETM
RYKE
;
D
#
loop_
_chem_comp.id
_chem_comp.type
_chem_comp.name
_chem_comp.formula
EDO non-polymer 1,2-ETHANEDIOL 'C2 H6 O2'
MTX non-polymer METHOTREXATE 'C20 H22 N8 O5'
PLS non-polymer [3-HYDROXY-2-METHYL-5-PHOSPHONOOXYMETHYL-PYRIDIN-4-YLMETHYL]-SERINE 'C11 H17 N2 O8 P'
#
# COMPACT_ATOMS: atom_id res chain seq x y z
N SER A 6 -7.52 -51.44 22.83
CA SER A 6 -7.42 -50.11 22.21
C SER A 6 -6.17 -49.99 21.34
N ARG A 7 -5.00 -50.22 21.94
CA ARG A 7 -3.72 -50.10 21.26
C ARG A 7 -3.67 -50.92 19.98
N SER A 8 -3.71 -52.25 20.11
CA SER A 8 -3.64 -53.13 18.96
C SER A 8 -4.75 -52.88 17.95
N SER A 9 -5.87 -52.29 18.40
CA SER A 9 -6.98 -52.03 17.49
C SER A 9 -6.66 -50.91 16.52
N TRP A 10 -6.24 -49.74 17.02
CA TRP A 10 -5.97 -48.64 16.10
C TRP A 10 -4.66 -48.83 15.34
N ILE A 11 -3.75 -49.66 15.84
CA ILE A 11 -2.53 -49.93 15.08
C ILE A 11 -2.84 -50.78 13.85
N LYS A 12 -3.80 -51.72 13.97
CA LYS A 12 -4.24 -52.46 12.80
C LYS A 12 -4.93 -51.56 11.78
N GLN A 13 -5.72 -50.57 12.25
CA GLN A 13 -6.33 -49.61 11.33
C GLN A 13 -5.27 -48.82 10.57
N LEU A 14 -4.15 -48.51 11.22
CA LEU A 14 -3.10 -47.70 10.61
C LEU A 14 -2.30 -48.48 9.57
N ASN A 15 -2.31 -49.80 9.64
CA ASN A 15 -1.51 -50.62 8.74
C ASN A 15 -2.35 -51.37 7.72
N ALA A 16 -3.67 -51.22 7.75
CA ALA A 16 -4.52 -51.92 6.80
C ALA A 16 -4.53 -51.20 5.45
N SER A 17 -4.86 -51.97 4.40
CA SER A 17 -4.87 -51.39 3.06
C SER A 17 -6.08 -50.49 2.88
N LEU A 18 -5.99 -49.65 1.83
CA LEU A 18 -7.10 -48.78 1.50
C LEU A 18 -8.35 -49.58 1.15
N ASP A 19 -8.18 -50.70 0.44
CA ASP A 19 -9.31 -51.58 0.13
C ASP A 19 -10.05 -52.00 1.40
N GLU A 20 -9.31 -52.32 2.46
CA GLU A 20 -9.93 -52.75 3.71
C GLU A 20 -10.55 -51.57 4.46
N ILE A 21 -9.80 -50.47 4.59
CA ILE A 21 -10.20 -49.39 5.48
C ILE A 21 -11.31 -48.54 4.89
N ASP A 22 -11.26 -48.26 3.59
CA ASP A 22 -12.12 -47.24 2.98
C ASP A 22 -12.56 -47.69 1.60
N PRO A 23 -13.52 -48.62 1.54
CA PRO A 23 -13.96 -49.13 0.23
C PRO A 23 -14.54 -48.07 -0.67
N GLU A 24 -15.19 -47.04 -0.11
CA GLU A 24 -15.77 -46.00 -0.95
C GLU A 24 -14.68 -45.22 -1.68
N VAL A 25 -13.60 -44.87 -0.98
CA VAL A 25 -12.50 -44.16 -1.63
C VAL A 25 -11.78 -45.08 -2.61
N ALA A 26 -11.53 -46.33 -2.21
CA ALA A 26 -10.91 -47.28 -3.13
C ALA A 26 -11.72 -47.39 -4.42
N ASP A 27 -13.05 -47.40 -4.30
CA ASP A 27 -13.93 -47.47 -5.45
C ASP A 27 -13.77 -46.24 -6.34
N ILE A 28 -13.71 -45.06 -5.74
CA ILE A 28 -13.54 -43.82 -6.52
C ILE A 28 -12.24 -43.87 -7.30
N ILE A 29 -11.15 -44.34 -6.68
CA ILE A 29 -9.87 -44.39 -7.39
C ILE A 29 -9.94 -45.38 -8.54
N GLU A 30 -10.59 -46.53 -8.33
CA GLU A 30 -10.74 -47.50 -9.42
C GLU A 30 -11.57 -46.93 -10.56
N LEU A 31 -12.60 -46.13 -10.24
CA LEU A 31 -13.37 -45.49 -11.29
C LEU A 31 -12.51 -44.52 -12.09
N GLU A 32 -11.65 -43.77 -11.39
CA GLU A 32 -10.76 -42.83 -12.05
C GLU A 32 -9.72 -43.55 -12.88
N LYS A 33 -9.23 -44.70 -12.41
CA LYS A 33 -8.31 -45.50 -13.23
C LYS A 33 -8.97 -45.88 -14.53
N ALA A 34 -10.20 -46.36 -14.47
CA ALA A 34 -10.92 -46.76 -15.68
C ALA A 34 -11.15 -45.55 -16.59
N ARG A 35 -11.44 -44.39 -16.00
CA ARG A 35 -11.65 -43.18 -16.80
C ARG A 35 -10.38 -42.79 -17.55
N GLN A 36 -9.21 -42.93 -16.91
CA GLN A 36 -7.94 -42.63 -17.55
C GLN A 36 -7.59 -43.65 -18.62
N TRP A 37 -8.15 -44.86 -18.52
CA TRP A 37 -7.97 -45.89 -19.54
C TRP A 37 -8.85 -45.64 -20.75
N LYS A 38 -10.11 -45.25 -20.52
CA LYS A 38 -11.16 -45.26 -21.55
C LYS A 38 -11.30 -43.96 -22.33
N GLY A 39 -10.60 -42.88 -21.92
CA GLY A 39 -10.93 -41.59 -22.50
C GLY A 39 -9.82 -40.96 -23.33
N PHE A 40 -10.17 -39.92 -24.08
CA PHE A 40 -9.16 -39.04 -24.70
C PHE A 40 -8.88 -37.92 -23.72
N GLU A 41 -7.73 -37.99 -23.06
CA GLU A 41 -7.33 -36.96 -22.10
C GLU A 41 -6.54 -35.89 -22.85
N LEU A 42 -7.20 -34.79 -23.19
CA LEU A 42 -6.64 -33.78 -24.09
C LEU A 42 -6.26 -32.48 -23.40
N ILE A 43 -6.46 -32.37 -22.09
CA ILE A 43 -6.07 -31.17 -21.35
C ILE A 43 -4.55 -31.07 -21.41
N PRO A 44 -3.99 -29.98 -21.97
CA PRO A 44 -2.54 -29.98 -22.28
C PRO A 44 -1.66 -29.82 -21.06
N SER A 45 -2.23 -29.46 -19.91
CA SER A 45 -1.53 -29.38 -18.64
C SER A 45 -1.62 -30.68 -17.85
N GLU A 46 -2.21 -31.72 -18.41
CA GLU A 46 -2.29 -33.00 -17.74
C GLU A 46 -1.30 -33.99 -18.33
N ASN A 47 -0.87 -34.92 -17.50
CA ASN A 47 -0.02 -36.01 -17.94
C ASN A 47 -0.37 -37.23 -17.09
N PHE A 48 0.29 -38.34 -17.38
CA PHE A 48 0.20 -39.55 -16.58
C PHE A 48 1.58 -39.81 -16.00
N THR A 49 1.74 -39.65 -14.68
CA THR A 49 3.06 -39.82 -14.12
C THR A 49 3.34 -41.30 -13.83
N SER A 50 4.62 -41.61 -13.58
CA SER A 50 5.07 -42.99 -13.47
C SER A 50 4.68 -43.60 -12.12
N LEU A 51 4.64 -44.95 -12.11
CA LEU A 51 4.44 -45.68 -10.86
C LEU A 51 5.52 -45.33 -9.84
N SER A 52 6.76 -45.21 -10.28
CA SER A 52 7.84 -44.94 -9.33
C SER A 52 7.68 -43.58 -8.67
N VAL A 53 7.23 -42.56 -9.41
CA VAL A 53 6.92 -41.28 -8.79
C VAL A 53 5.83 -41.45 -7.74
N MET A 54 4.76 -42.17 -8.10
CA MET A 54 3.62 -42.30 -7.19
C MET A 54 4.02 -43.09 -5.94
N GLN A 55 4.89 -44.08 -6.09
CA GLN A 55 5.33 -44.84 -4.92
C GLN A 55 6.14 -43.97 -3.96
N ALA A 56 6.92 -43.03 -4.50
CA ALA A 56 7.64 -42.10 -3.64
C ALA A 56 6.71 -41.07 -2.99
N VAL A 57 5.73 -40.56 -3.75
CA VAL A 57 4.77 -39.61 -3.19
C VAL A 57 3.92 -40.28 -2.12
N GLY A 58 3.61 -41.56 -2.28
CA GLY A 58 2.83 -42.27 -1.28
C GLY A 58 3.67 -43.00 -0.25
N SER A 59 4.80 -42.40 0.16
CA SER A 59 5.74 -43.04 1.08
C SER A 59 5.77 -42.32 2.43
N VAL A 60 6.53 -42.90 3.37
CA VAL A 60 6.60 -42.38 4.72
C VAL A 60 7.42 -41.08 4.78
N MET A 61 7.95 -40.64 3.64
CA MET A 61 8.59 -39.32 3.63
C MET A 61 7.60 -38.22 4.03
N THR A 62 6.30 -38.50 3.95
CA THR A 62 5.27 -37.54 4.33
C THR A 62 5.30 -37.23 5.83
N ASN A 63 5.91 -38.08 6.66
CA ASN A 63 5.76 -37.92 8.11
C ASN A 63 6.68 -36.87 8.72
N LYS A 64 7.65 -36.35 7.98
CA LYS A 64 8.74 -35.56 8.57
C LYS A 64 8.49 -34.06 8.44
N TYR A 65 8.71 -33.33 9.54
CA TYR A 65 8.83 -31.87 9.50
C TYR A 65 10.29 -31.49 9.31
N SER A 66 10.56 -30.65 8.31
CA SER A 66 11.94 -30.32 7.93
C SER A 66 12.06 -28.86 7.51
N GLU A 67 11.44 -27.95 8.26
CA GLU A 67 11.57 -26.52 7.95
C GLU A 67 13.04 -26.13 7.85
N GLY A 68 13.33 -25.25 6.90
CA GLY A 68 14.70 -24.85 6.63
C GLY A 68 15.19 -25.46 5.33
N TYR A 69 16.50 -25.63 5.21
CA TYR A 69 17.14 -26.16 4.02
C TYR A 69 18.14 -27.22 4.42
N PRO A 70 18.57 -28.08 3.49
CA PRO A 70 19.44 -29.20 3.85
C PRO A 70 20.66 -28.75 4.62
N GLY A 71 20.94 -29.46 5.72
CA GLY A 71 22.02 -29.08 6.61
C GLY A 71 21.80 -27.82 7.39
N ALA A 72 20.62 -27.21 7.29
CA ALA A 72 20.30 -26.00 8.04
C ALA A 72 18.81 -26.06 8.42
N ARG A 73 18.44 -27.13 9.12
CA ARG A 73 17.06 -27.37 9.53
C ARG A 73 16.79 -26.83 10.91
N TYR A 74 15.51 -26.63 11.21
CA TYR A 74 15.09 -26.25 12.55
C TYR A 74 14.83 -27.44 13.45
N TYR A 75 14.43 -28.59 12.89
CA TYR A 75 14.17 -29.81 13.64
C TYR A 75 15.32 -30.81 13.47
N GLY A 76 15.44 -31.73 14.43
CA GLY A 76 16.32 -32.86 14.26
C GLY A 76 15.66 -33.96 13.45
N GLY A 77 16.44 -35.01 13.16
CA GLY A 77 15.93 -36.18 12.49
C GLY A 77 15.92 -36.13 10.98
N ASN A 78 16.59 -35.15 10.36
CA ASN A 78 16.43 -34.88 8.95
C ASN A 78 17.57 -35.41 8.08
N GLU A 79 18.36 -36.38 8.58
CA GLU A 79 19.48 -36.90 7.82
C GLU A 79 19.07 -37.41 6.44
N TYR A 80 17.98 -38.16 6.37
CA TYR A 80 17.58 -38.76 5.10
C TYR A 80 16.69 -37.84 4.29
N ILE A 81 15.87 -37.03 4.93
CA ILE A 81 15.16 -35.98 4.20
C ILE A 81 16.15 -35.05 3.52
N ASP A 82 17.28 -34.77 4.18
CA ASP A 82 18.31 -33.94 3.57
C ASP A 82 18.90 -34.60 2.32
N MET A 83 19.14 -35.91 2.37
CA MET A 83 19.60 -36.62 1.18
C MET A 83 18.63 -36.44 0.02
N ALA A 84 17.32 -36.57 0.31
CA ALA A 84 16.33 -36.48 -0.75
C ALA A 84 16.28 -35.08 -1.35
N GLU A 85 16.25 -34.04 -0.51
CA GLU A 85 16.13 -32.69 -1.06
C GLU A 85 17.41 -32.28 -1.79
N THR A 86 18.56 -32.64 -1.25
CA THR A 86 19.82 -32.37 -1.93
C THR A 86 19.87 -33.10 -3.27
N LEU A 87 19.46 -34.36 -3.29
CA LEU A 87 19.42 -35.13 -4.53
C LEU A 87 18.44 -34.51 -5.53
N CYS A 88 17.29 -34.05 -5.04
CA CYS A 88 16.32 -33.41 -5.92
C CYS A 88 16.91 -32.13 -6.55
N GLN A 89 17.58 -31.31 -5.74
CA GLN A 89 18.20 -30.10 -6.28
C GLN A 89 19.24 -30.45 -7.34
N LYS A 90 20.10 -31.43 -7.04
CA LYS A 90 21.13 -31.81 -8.00
C LYS A 90 20.52 -32.28 -9.30
N ARG A 91 19.46 -33.10 -9.22
CA ARG A 91 18.83 -33.61 -10.42
C ARG A 91 18.07 -32.51 -11.16
N ALA A 92 17.55 -31.51 -10.44
CA ALA A 92 16.85 -30.42 -11.10
C ALA A 92 17.79 -29.64 -12.01
N LEU A 93 18.97 -29.30 -11.50
CA LEU A 93 19.94 -28.59 -12.33
C LEU A 93 20.40 -29.47 -13.49
N GLU A 94 20.61 -30.76 -13.25
CA GLU A 94 21.08 -31.66 -14.31
C GLU A 94 20.03 -31.81 -15.41
N ALA A 95 18.75 -31.85 -15.04
CA ALA A 95 17.70 -32.04 -16.03
C ALA A 95 17.64 -30.90 -17.04
N PHE A 96 18.13 -29.72 -16.69
CA PHE A 96 18.11 -28.57 -17.57
C PHE A 96 19.51 -28.14 -17.98
N GLN A 97 20.50 -29.00 -17.75
CA GLN A 97 21.90 -28.79 -18.14
C GLN A 97 22.43 -27.47 -17.61
N LEU A 98 22.17 -27.21 -16.33
CA LEU A 98 22.54 -25.95 -15.72
C LEU A 98 23.84 -26.08 -14.94
N ASP A 99 24.69 -25.07 -15.08
CA ASP A 99 25.92 -24.98 -14.31
C ASP A 99 25.59 -24.59 -12.87
N PRO A 100 25.88 -25.43 -11.87
CA PRO A 100 25.48 -25.09 -10.49
C PRO A 100 26.20 -23.88 -9.92
N SER A 101 27.27 -23.40 -10.56
CA SER A 101 27.85 -22.14 -10.11
C SER A 101 27.12 -20.93 -10.69
N LYS A 102 26.26 -21.13 -11.68
CA LYS A 102 25.50 -20.05 -12.31
C LYS A 102 24.01 -20.10 -12.00
N TRP A 103 23.49 -21.26 -11.59
CA TRP A 103 22.09 -21.45 -11.29
C TRP A 103 21.93 -22.15 -9.94
N GLY A 104 20.93 -21.69 -9.16
CA GLY A 104 20.44 -22.41 -8.01
C GLY A 104 18.97 -22.76 -8.20
N VAL A 105 18.45 -23.54 -7.26
CA VAL A 105 17.06 -24.00 -7.38
C VAL A 105 16.48 -24.20 -5.98
N ASN A 106 15.19 -23.87 -5.87
CA ASN A 106 14.38 -24.19 -4.71
C ASN A 106 13.33 -25.21 -5.17
N VAL A 107 13.26 -26.35 -4.49
CA VAL A 107 12.34 -27.41 -4.86
C VAL A 107 11.18 -27.56 -3.86
N GLN A 108 11.01 -26.60 -2.94
CA GLN A 108 10.00 -26.72 -1.90
C GLN A 108 8.65 -26.10 -2.24
N SER A 109 8.57 -25.27 -3.28
N SER A 109 8.57 -25.25 -3.28
CA SER A 109 7.30 -24.59 -3.55
CA SER A 109 7.30 -24.61 -3.63
C SER A 109 6.20 -25.60 -3.89
C SER A 109 6.22 -25.66 -3.85
N LEU A 110 5.05 -25.44 -3.27
CA LEU A 110 4.04 -26.49 -3.26
C LEU A 110 3.36 -26.66 -4.61
N SER A 111 3.29 -25.61 -5.44
CA SER A 111 2.64 -25.73 -6.74
C SER A 111 2.98 -24.47 -7.56
N GLY A 112 2.52 -24.45 -8.80
CA GLY A 112 2.93 -23.37 -9.70
C GLY A 112 2.46 -21.99 -9.28
N SER A 113 1.20 -21.88 -8.85
CA SER A 113 0.67 -20.58 -8.48
C SER A 113 1.42 -19.97 -7.29
N PRO A 114 1.59 -20.67 -6.16
CA PRO A 114 2.39 -20.08 -5.07
C PRO A 114 3.84 -19.85 -5.44
N ALA A 115 4.42 -20.67 -6.33
CA ALA A 115 5.80 -20.46 -6.72
C ALA A 115 5.99 -19.08 -7.34
N ASN A 116 5.08 -18.68 -8.24
CA ASN A 116 5.19 -17.34 -8.82
C ASN A 116 4.99 -16.26 -7.76
N PHE A 117 4.02 -16.44 -6.87
CA PHE A 117 3.80 -15.46 -5.81
C PHE A 117 5.02 -15.32 -4.92
N GLN A 118 5.73 -16.44 -4.68
CA GLN A 118 6.94 -16.39 -3.87
C GLN A 118 8.05 -15.61 -4.57
N VAL A 119 8.15 -15.73 -5.91
CA VAL A 119 9.13 -14.93 -6.64
C VAL A 119 8.80 -13.45 -6.52
N TYR A 120 7.51 -13.10 -6.70
CA TYR A 120 7.13 -11.69 -6.57
C TYR A 120 7.44 -11.18 -5.18
N THR A 121 7.11 -11.98 -4.15
CA THR A 121 7.35 -11.54 -2.78
C THR A 121 8.84 -11.39 -2.50
N ALA A 122 9.65 -12.25 -3.11
CA ALA A 122 11.09 -12.17 -2.93
C ALA A 122 11.69 -10.90 -3.53
N LEU A 123 11.23 -10.52 -4.72
CA LEU A 123 11.95 -9.54 -5.54
C LEU A 123 11.25 -8.20 -5.68
N LEU A 124 9.96 -8.12 -5.34
CA LEU A 124 9.18 -6.90 -5.49
C LEU A 124 8.59 -6.50 -4.15
N LYS A 125 8.54 -5.19 -3.87
CA LYS A 125 7.78 -4.70 -2.76
C LYS A 125 6.29 -4.75 -3.11
N PRO A 126 5.40 -4.77 -2.10
CA PRO A 126 3.97 -4.67 -2.40
C PRO A 126 3.68 -3.48 -3.32
N HIS A 127 2.76 -3.70 -4.25
CA HIS A 127 2.28 -2.73 -5.24
C HIS A 127 3.31 -2.37 -6.31
N GLU A 128 4.45 -3.07 -6.37
CA GLU A 128 5.35 -2.85 -7.49
C GLU A 128 4.83 -3.58 -8.75
N ARG A 129 5.40 -3.23 -9.90
CA ARG A 129 4.74 -3.45 -11.19
C ARG A 129 5.22 -4.70 -11.93
N ILE A 130 4.25 -5.45 -12.47
CA ILE A 130 4.47 -6.71 -13.19
C ILE A 130 3.74 -6.63 -14.53
N MET A 131 4.42 -7.01 -15.60
CA MET A 131 3.78 -7.22 -16.90
C MET A 131 3.78 -8.69 -17.25
N ALA A 132 2.70 -9.13 -17.89
CA ALA A 132 2.54 -10.55 -18.25
C ALA A 132 1.51 -10.65 -19.37
N LEU A 133 1.49 -11.81 -20.01
CA LEU A 133 0.51 -12.04 -21.07
C LEU A 133 -0.91 -12.03 -20.51
N ASP A 134 -1.78 -11.27 -21.16
CA ASP A 134 -3.18 -11.14 -20.72
C ASP A 134 -3.83 -12.51 -20.61
N LEU A 135 -4.57 -12.71 -19.51
CA LEU A 135 -5.31 -13.96 -19.34
C LEU A 135 -6.18 -14.33 -20.55
N PRO A 136 -7.03 -13.46 -21.12
CA PRO A 136 -7.79 -13.85 -22.28
C PRO A 136 -6.97 -14.13 -23.54
N HIS A 137 -5.69 -13.78 -23.51
CA HIS A 137 -4.80 -14.06 -24.63
C HIS A 137 -3.87 -15.22 -24.36
N GLY A 138 -4.14 -16.01 -23.31
CA GLY A 138 -3.39 -17.23 -23.06
C GLY A 138 -2.47 -17.20 -21.86
N GLY A 139 -2.53 -16.14 -21.04
CA GLY A 139 -1.74 -16.06 -19.84
C GLY A 139 -2.32 -16.89 -18.72
N HIS A 140 -1.75 -16.70 -17.53
CA HIS A 140 -2.12 -17.48 -16.36
C HIS A 140 -2.49 -16.55 -15.22
N LEU A 141 -3.45 -17.00 -14.41
CA LEU A 141 -3.93 -16.17 -13.30
C LEU A 141 -2.81 -15.79 -12.34
N SER A 142 -1.81 -16.67 -12.15
CA SER A 142 -0.74 -16.34 -11.20
C SER A 142 0.22 -15.28 -11.74
N HIS A 143 -0.02 -14.75 -12.95
CA HIS A 143 0.72 -13.61 -13.44
C HIS A 143 -0.05 -12.31 -13.26
N GLY A 144 -1.23 -12.39 -12.67
CA GLY A 144 -2.09 -11.24 -12.48
C GLY A 144 -3.30 -11.28 -13.41
N TYR A 145 -4.42 -10.74 -12.93
CA TYR A 145 -5.60 -10.52 -13.74
C TYR A 145 -6.65 -9.76 -12.95
N GLN A 146 -7.20 -8.72 -13.57
CA GLN A 146 -8.28 -7.97 -12.97
C GLN A 146 -9.21 -7.49 -14.07
N THR A 147 -10.47 -7.31 -13.71
CA THR A 147 -11.45 -6.67 -14.57
C THR A 147 -11.59 -5.22 -14.16
N ASP A 148 -12.53 -4.50 -14.77
CA ASP A 148 -12.69 -3.11 -14.35
C ASP A 148 -13.35 -2.98 -12.99
N THR A 149 -13.87 -4.07 -12.43
CA THR A 149 -14.58 -4.03 -11.17
C THR A 149 -13.99 -4.92 -10.09
N LYS A 150 -13.10 -5.86 -10.42
CA LYS A 150 -12.67 -6.84 -9.44
C LYS A 150 -11.28 -7.35 -9.77
N LYS A 151 -10.43 -7.44 -8.75
CA LYS A 151 -9.17 -8.16 -8.86
C LYS A 151 -9.49 -9.65 -8.75
N ILE A 152 -9.20 -10.40 -9.81
CA ILE A 152 -9.52 -11.83 -9.82
C ILE A 152 -8.39 -12.66 -9.23
N SER A 153 -7.17 -12.43 -9.71
CA SER A 153 -5.99 -13.01 -9.11
C SER A 153 -5.53 -12.16 -7.93
N ALA A 154 -5.11 -12.81 -6.85
CA ALA A 154 -4.53 -12.08 -5.73
C ALA A 154 -3.21 -11.43 -6.10
N VAL A 155 -2.56 -11.87 -7.18
CA VAL A 155 -1.37 -11.17 -7.63
C VAL A 155 -1.69 -9.72 -7.95
N SER A 156 -2.89 -9.45 -8.45
CA SER A 156 -3.30 -8.08 -8.78
C SER A 156 -3.80 -7.32 -7.57
N ILE A 157 -4.03 -8.00 -6.46
CA ILE A 157 -4.30 -7.31 -5.19
C ILE A 157 -3.02 -6.77 -4.59
N PHE A 158 -1.99 -7.62 -4.52
CA PHE A 158 -0.79 -7.26 -3.77
C PHE A 158 0.28 -6.62 -4.64
N PHE A 159 0.18 -6.76 -5.97
CA PHE A 159 1.11 -6.12 -6.88
C PHE A 159 0.30 -5.39 -7.96
N GLU A 160 0.99 -4.54 -8.71
CA GLU A 160 0.35 -3.72 -9.74
C GLU A 160 0.64 -4.36 -11.10
N THR A 161 -0.39 -4.95 -11.71
CA THR A 161 -0.19 -5.71 -12.93
C THR A 161 -0.77 -4.98 -14.14
N MET A 162 -0.16 -5.26 -15.30
CA MET A 162 -0.69 -4.74 -16.56
C MET A 162 -0.35 -5.77 -17.63
N PRO A 163 -1.28 -6.11 -18.52
CA PRO A 163 -1.02 -7.16 -19.51
C PRO A 163 -0.27 -6.64 -20.73
N TYR A 164 0.40 -7.57 -21.41
CA TYR A 164 0.71 -7.41 -22.82
C TYR A 164 -0.11 -8.41 -23.61
N ARG A 165 -0.30 -8.13 -24.90
CA ARG A 165 -1.33 -8.79 -25.68
C ARG A 165 -0.77 -9.37 -26.98
N LEU A 166 -1.57 -10.26 -27.57
CA LEU A 166 -1.30 -10.78 -28.89
C LEU A 166 -1.59 -9.72 -29.94
N ASP A 167 -0.92 -9.85 -31.08
CA ASP A 167 -1.39 -9.25 -32.32
C ASP A 167 -2.64 -10.01 -32.74
N GLU A 168 -3.80 -9.36 -32.68
CA GLU A 168 -5.01 -10.14 -32.92
C GLU A 168 -5.16 -10.55 -34.38
N ASN A 169 -4.33 -10.01 -35.29
CA ASN A 169 -4.34 -10.49 -36.67
C ASN A 169 -3.56 -11.80 -36.81
N THR A 170 -2.44 -11.94 -36.10
CA THR A 170 -1.56 -13.08 -36.30
C THR A 170 -1.64 -14.13 -35.20
N GLY A 171 -2.12 -13.76 -34.01
CA GLY A 171 -2.13 -14.67 -32.90
C GLY A 171 -0.80 -14.86 -32.20
N TYR A 172 0.22 -14.11 -32.60
CA TYR A 172 1.52 -14.11 -31.93
C TYR A 172 1.59 -12.90 -30.99
N ILE A 173 2.42 -13.02 -29.95
CA ILE A 173 2.62 -11.90 -29.05
C ILE A 173 3.12 -10.70 -29.84
N ASP A 174 2.54 -9.54 -29.57
CA ASP A 174 2.96 -8.29 -30.20
C ASP A 174 4.12 -7.74 -29.39
N TYR A 175 5.35 -8.12 -29.78
CA TYR A 175 6.52 -7.71 -29.00
C TYR A 175 6.79 -6.22 -29.12
N ASP A 176 6.45 -5.61 -30.26
CA ASP A 176 6.65 -4.17 -30.40
C ASP A 176 5.79 -3.40 -29.40
N GLN A 177 4.53 -3.80 -29.24
CA GLN A 177 3.67 -3.14 -28.28
C GLN A 177 4.08 -3.44 -26.85
N LEU A 178 4.53 -4.67 -26.59
CA LEU A 178 5.07 -5.02 -25.28
C LEU A 178 6.17 -4.03 -24.90
N GLU A 179 7.12 -3.82 -25.81
CA GLU A 179 8.23 -2.93 -25.52
C GLU A 179 7.75 -1.49 -25.31
N LYS A 180 6.85 -1.02 -26.18
CA LYS A 180 6.37 0.36 -26.02
C LYS A 180 5.59 0.54 -24.73
N SER A 181 4.75 -0.44 -24.37
CA SER A 181 4.02 -0.39 -23.12
C SER A 181 4.96 -0.34 -21.93
N ALA A 182 6.04 -1.13 -21.98
CA ALA A 182 6.95 -1.19 -20.84
C ALA A 182 7.65 0.14 -20.60
N VAL A 183 7.90 0.92 -21.66
CA VAL A 183 8.50 2.23 -21.47
C VAL A 183 7.62 3.08 -20.59
N LEU A 184 6.30 3.03 -20.83
CA LEU A 184 5.34 3.86 -20.11
C LEU A 184 5.04 3.31 -18.71
N PHE A 185 4.93 1.98 -18.59
CA PHE A 185 4.49 1.34 -17.36
C PHE A 185 5.62 1.09 -16.38
N ARG A 186 6.87 0.97 -16.87
CA ARG A 186 8.03 0.76 -16.00
C ARG A 186 7.88 -0.49 -15.13
N PRO A 187 7.69 -1.66 -15.72
CA PRO A 187 7.61 -2.87 -14.91
C PRO A 187 8.91 -3.13 -14.17
N LYS A 188 8.80 -3.69 -12.97
CA LYS A 188 9.96 -4.21 -12.27
C LYS A 188 10.22 -5.68 -12.58
N LEU A 189 9.25 -6.36 -13.18
CA LEU A 189 9.37 -7.75 -13.53
C LEU A 189 8.46 -8.01 -14.71
N ILE A 190 8.94 -8.77 -15.69
CA ILE A 190 8.16 -9.17 -16.86
C ILE A 190 8.14 -10.69 -16.91
N VAL A 191 6.95 -11.26 -17.09
CA VAL A 191 6.78 -12.71 -17.15
C VAL A 191 6.75 -13.13 -18.62
N ALA A 192 7.54 -14.14 -18.94
CA ALA A 192 7.55 -14.79 -20.26
C ALA A 192 7.09 -16.24 -20.05
N GLY A 193 5.79 -16.48 -20.23
CA GLY A 193 5.26 -17.82 -20.07
C GLY A 193 3.75 -17.80 -20.16
N ALA A 194 3.13 -18.92 -20.53
CA ALA A 194 1.73 -18.90 -20.88
C ALA A 194 1.10 -20.26 -20.64
N SER A 195 -0.23 -20.28 -20.62
N SER A 195 -0.23 -20.29 -20.64
CA SER A 195 -1.01 -21.50 -20.48
CA SER A 195 -0.97 -21.54 -20.49
C SER A 195 -1.68 -21.95 -21.77
C SER A 195 -1.72 -21.95 -21.75
N ALA A 196 -1.94 -21.03 -22.69
CA ALA A 196 -2.65 -21.38 -23.91
C ALA A 196 -2.06 -20.69 -25.13
N TYR A 197 -0.77 -20.39 -25.09
CA TYR A 197 -0.04 -19.86 -26.23
C TYR A 197 0.57 -21.03 -26.99
N ALA A 198 0.34 -21.09 -28.30
CA ALA A 198 0.75 -22.24 -29.10
C ALA A 198 2.08 -22.05 -29.78
N ARG A 199 2.78 -20.95 -29.52
CA ARG A 199 4.02 -20.65 -30.22
C ARG A 199 5.18 -20.54 -29.24
N LEU A 200 6.39 -20.60 -29.76
CA LEU A 200 7.58 -20.42 -28.94
C LEU A 200 7.76 -18.94 -28.59
N TYR A 201 8.22 -18.71 -27.37
CA TYR A 201 8.51 -17.36 -26.92
C TYR A 201 9.79 -16.82 -27.55
N ASP A 202 9.78 -15.51 -27.85
CA ASP A 202 10.99 -14.82 -28.27
C ASP A 202 11.67 -14.34 -26.99
N TYR A 203 12.36 -15.27 -26.32
CA TYR A 203 13.00 -14.93 -25.05
C TYR A 203 14.09 -13.88 -25.24
N ALA A 204 14.75 -13.87 -26.40
CA ALA A 204 15.79 -12.88 -26.62
C ALA A 204 15.21 -11.47 -26.65
N ARG A 205 14.04 -11.31 -27.26
CA ARG A 205 13.38 -10.01 -27.29
C ARG A 205 12.93 -9.58 -25.90
N ILE A 206 12.36 -10.49 -25.13
CA ILE A 206 11.99 -10.16 -23.74
C ILE A 206 13.22 -9.76 -22.95
N ARG A 207 14.33 -10.46 -23.15
CA ARG A 207 15.58 -10.12 -22.48
C ARG A 207 16.00 -8.69 -22.79
N LYS A 208 15.88 -8.28 -24.06
CA LYS A 208 16.26 -6.92 -24.42
C LYS A 208 15.35 -5.90 -23.74
N VAL A 209 14.04 -6.17 -23.66
CA VAL A 209 13.13 -5.26 -22.99
C VAL A 209 13.44 -5.20 -21.49
N CYS A 210 13.68 -6.36 -20.87
CA CYS A 210 14.00 -6.38 -19.45
C CYS A 210 15.29 -5.63 -19.16
N ASN A 211 16.28 -5.76 -20.05
CA ASN A 211 17.53 -5.03 -19.85
C ASN A 211 17.30 -3.53 -19.91
N LYS A 212 16.52 -3.07 -20.90
CA LYS A 212 16.24 -1.65 -21.04
C LYS A 212 15.48 -1.11 -19.83
N GLN A 213 14.56 -1.90 -19.28
CA GLN A 213 13.73 -1.47 -18.16
C GLN A 213 14.35 -1.79 -16.79
N LYS A 214 15.52 -2.44 -16.77
CA LYS A 214 16.10 -2.96 -15.52
C LYS A 214 15.07 -3.77 -14.75
N ALA A 215 14.33 -4.59 -15.47
CA ALA A 215 13.30 -5.46 -14.91
C ALA A 215 13.80 -6.89 -14.81
N VAL A 216 13.30 -7.60 -13.80
CA VAL A 216 13.57 -9.04 -13.69
C VAL A 216 12.86 -9.76 -14.83
N MET A 217 13.59 -10.63 -15.53
CA MET A 217 12.99 -11.51 -16.52
C MET A 217 12.66 -12.86 -15.86
N LEU A 218 11.36 -13.11 -15.68
CA LEU A 218 10.85 -14.36 -15.14
C LEU A 218 10.27 -15.17 -16.28
N ALA A 219 10.85 -16.33 -16.56
CA ALA A 219 10.22 -17.28 -17.46
C ALA A 219 9.41 -18.27 -16.64
N ASP A 220 8.12 -18.37 -16.95
CA ASP A 220 7.26 -19.38 -16.34
C ASP A 220 7.06 -20.47 -17.39
N MET A 221 7.87 -21.52 -17.29
CA MET A 221 7.89 -22.57 -18.32
C MET A 221 7.05 -23.78 -17.95
N ALA A 222 6.09 -23.63 -17.02
CA ALA A 222 5.27 -24.75 -16.54
C ALA A 222 4.82 -25.69 -17.67
N HIS A 223 4.23 -25.14 -18.73
CA HIS A 223 3.66 -26.00 -19.76
C HIS A 223 4.73 -26.72 -20.58
N ILE A 224 5.89 -26.10 -20.76
CA ILE A 224 6.86 -26.58 -21.73
C ILE A 224 8.09 -27.20 -21.06
N SER A 225 8.06 -27.35 -19.73
CA SER A 225 9.29 -27.70 -19.00
C SER A 225 9.85 -29.04 -19.47
N GLY A 226 8.99 -30.01 -19.75
CA GLY A 226 9.48 -31.29 -20.24
C GLY A 226 10.10 -31.18 -21.61
N LEU A 227 9.50 -30.37 -22.48
CA LEU A 227 10.09 -30.11 -23.79
C LEU A 227 11.46 -29.47 -23.65
N VAL A 228 11.59 -28.52 -22.71
CA VAL A 228 12.87 -27.85 -22.48
C VAL A 228 13.89 -28.85 -21.94
N ALA A 229 13.49 -29.67 -20.98
CA ALA A 229 14.41 -30.63 -20.36
C ALA A 229 14.97 -31.59 -21.41
N ALA A 230 14.14 -32.01 -22.35
CA ALA A 230 14.56 -32.93 -23.40
C ALA A 230 15.33 -32.24 -24.51
N GLY A 231 15.36 -30.91 -24.53
CA GLY A 231 16.09 -30.19 -25.56
C GLY A 231 15.41 -30.13 -26.90
N VAL A 232 14.09 -30.31 -26.96
CA VAL A 232 13.40 -30.32 -28.25
C VAL A 232 12.81 -28.96 -28.62
N ILE A 233 12.83 -27.99 -27.71
CA ILE A 233 12.57 -26.58 -28.02
C ILE A 233 13.64 -25.75 -27.34
N PRO A 234 13.83 -24.49 -27.77
CA PRO A 234 14.85 -23.64 -27.12
C PRO A 234 14.54 -23.41 -25.64
N SER A 235 15.62 -23.20 -24.86
CA SER A 235 15.51 -23.14 -23.42
C SER A 235 15.41 -21.70 -22.92
N PRO A 236 14.45 -21.41 -22.03
CA PRO A 236 14.41 -20.06 -21.43
C PRO A 236 15.61 -19.77 -20.56
N PHE A 237 16.34 -20.80 -20.10
CA PHE A 237 17.51 -20.56 -19.26
C PHE A 237 18.61 -19.84 -20.00
N GLU A 238 18.55 -19.80 -21.33
CA GLU A 238 19.51 -19.02 -22.10
C GLU A 238 19.42 -17.52 -21.80
N TYR A 239 18.26 -17.04 -21.33
CA TYR A 239 18.01 -15.61 -21.21
C TYR A 239 17.50 -15.16 -19.85
N ALA A 240 16.70 -15.99 -19.18
CA ALA A 240 15.94 -15.53 -18.03
C ALA A 240 16.81 -15.34 -16.79
N ASP A 241 16.35 -14.45 -15.89
CA ASP A 241 16.94 -14.27 -14.57
C ASP A 241 16.44 -15.35 -13.61
N VAL A 242 15.14 -15.63 -13.67
CA VAL A 242 14.47 -16.60 -12.80
C VAL A 242 13.58 -17.43 -13.70
N VAL A 243 13.46 -18.73 -13.39
CA VAL A 243 12.57 -19.62 -14.13
C VAL A 243 11.72 -20.39 -13.12
N THR A 244 10.40 -20.29 -13.27
CA THR A 244 9.50 -21.10 -12.47
C THR A 244 8.90 -22.18 -13.35
N THR A 245 8.47 -23.26 -12.70
CA THR A 245 7.81 -24.34 -13.41
C THR A 245 7.00 -25.16 -12.42
N THR A 246 5.91 -25.73 -12.90
CA THR A 246 5.31 -26.85 -12.21
C THR A 246 6.02 -28.13 -12.62
N THR A 247 5.75 -29.20 -11.89
CA THR A 247 6.43 -30.45 -12.14
C THR A 247 5.48 -31.53 -12.67
N HIS A 248 4.18 -31.23 -12.82
CA HIS A 248 3.20 -32.24 -13.15
C HIS A 248 2.68 -32.16 -14.59
N LYS A 249 3.14 -31.21 -15.39
CA LYS A 249 2.66 -31.10 -16.77
C LYS A 249 3.58 -31.88 -17.71
N SER A 250 4.14 -31.23 -18.74
CA SER A 250 5.00 -31.96 -19.67
C SER A 250 6.21 -32.59 -18.98
N LEU A 251 6.63 -32.06 -17.82
CA LEU A 251 7.74 -32.68 -17.10
C LEU A 251 7.41 -34.11 -16.68
N ARG A 252 6.12 -34.41 -16.47
CA ARG A 252 5.61 -35.76 -16.17
C ARG A 252 5.95 -36.21 -14.74
N GLY A 253 6.05 -35.28 -13.80
CA GLY A 253 6.34 -35.63 -12.43
C GLY A 253 5.18 -35.47 -11.50
N PRO A 254 5.46 -35.35 -10.19
CA PRO A 254 4.38 -35.15 -9.20
C PRO A 254 3.84 -33.73 -9.27
N ARG A 255 2.77 -33.49 -8.52
CA ARG A 255 2.22 -32.13 -8.41
C ARG A 255 3.11 -31.33 -7.48
N GLY A 256 3.76 -30.30 -8.02
CA GLY A 256 4.73 -29.53 -7.28
C GLY A 256 5.29 -28.46 -8.19
N ALA A 257 6.40 -27.85 -7.76
CA ALA A 257 6.98 -26.75 -8.51
C ALA A 257 8.45 -26.58 -8.14
N MET A 258 9.15 -25.85 -9.00
CA MET A 258 10.55 -25.49 -8.76
C MET A 258 10.75 -24.04 -9.16
N ILE A 259 11.68 -23.37 -8.47
CA ILE A 259 12.11 -22.00 -8.79
C ILE A 259 13.61 -22.05 -9.02
N PHE A 260 14.03 -21.72 -10.24
CA PHE A 260 15.44 -21.62 -10.61
C PHE A 260 15.82 -20.15 -10.66
N PHE A 261 17.08 -19.85 -10.34
CA PHE A 261 17.53 -18.45 -10.33
C PHE A 261 19.02 -18.36 -10.57
N ARG A 262 19.42 -17.28 -11.23
CA ARG A 262 20.85 -17.01 -11.42
C ARG A 262 21.52 -16.73 -10.09
N LYS A 263 22.78 -17.13 -9.99
CA LYS A 263 23.58 -16.87 -8.81
C LYS A 263 25.01 -16.62 -9.26
N GLY A 264 25.83 -16.13 -8.34
CA GLY A 264 27.21 -15.86 -8.66
C GLY A 264 27.39 -14.51 -9.33
N LEU A 265 28.51 -14.41 -10.04
CA LEU A 265 28.89 -13.14 -10.67
C LEU A 265 27.90 -12.78 -11.76
N LYS A 266 27.41 -11.54 -11.70
CA LYS A 266 26.57 -10.98 -12.76
C LYS A 266 27.38 -10.13 -13.73
N GLU A 267 28.26 -9.26 -13.21
CA GLU A 267 28.95 -8.28 -14.03
C GLU A 267 30.00 -7.59 -13.18
N ILE A 268 30.89 -6.85 -13.85
CA ILE A 268 31.87 -5.99 -13.21
C ILE A 268 31.39 -4.55 -13.39
N ASN A 269 31.41 -3.77 -12.30
CA ASN A 269 30.93 -2.40 -12.38
C ASN A 269 32.02 -1.48 -12.93
N LYS A 270 31.69 -0.18 -13.01
CA LYS A 270 32.60 0.79 -13.60
C LYS A 270 33.87 0.97 -12.78
N GLN A 271 33.87 0.55 -11.52
CA GLN A 271 35.03 0.70 -10.64
C GLN A 271 35.81 -0.60 -10.48
N GLY A 272 35.54 -1.60 -11.33
CA GLY A 272 36.27 -2.86 -11.26
C GLY A 272 35.83 -3.79 -10.17
N LYS A 273 34.71 -3.51 -9.51
CA LYS A 273 34.20 -4.33 -8.41
C LYS A 273 33.17 -5.33 -8.95
N GLU A 274 33.28 -6.58 -8.51
CA GLU A 274 32.33 -7.60 -8.93
C GLU A 274 30.93 -7.29 -8.38
N VAL A 275 29.93 -7.52 -9.22
CA VAL A 275 28.53 -7.37 -8.86
C VAL A 275 27.90 -8.74 -8.94
N MET A 276 27.35 -9.23 -7.83
CA MET A 276 26.77 -10.56 -7.76
C MET A 276 25.26 -10.49 -7.96
N TYR A 277 24.71 -11.56 -8.52
CA TYR A 277 23.25 -11.71 -8.53
C TYR A 277 22.73 -11.72 -7.11
N ASP A 278 21.53 -11.19 -6.94
CA ASP A 278 20.87 -11.04 -5.66
C ASP A 278 19.47 -11.65 -5.72
N TYR A 279 19.38 -12.90 -6.14
CA TYR A 279 18.11 -13.63 -6.20
C TYR A 279 18.02 -14.76 -5.19
N GLU A 280 19.12 -15.48 -4.95
CA GLU A 280 19.07 -16.75 -4.23
C GLU A 280 18.54 -16.61 -2.81
N ASP A 281 19.18 -15.77 -1.99
CA ASP A 281 18.75 -15.62 -0.60
C ASP A 281 17.33 -15.08 -0.52
N ARG A 282 17.00 -14.09 -1.37
CA ARG A 282 15.67 -13.51 -1.34
C ARG A 282 14.60 -14.54 -1.68
N ILE A 283 14.84 -15.34 -2.71
CA ILE A 283 13.85 -16.33 -3.12
C ILE A 283 13.73 -17.43 -2.07
N ASN A 284 14.86 -17.96 -1.59
CA ASN A 284 14.79 -19.02 -0.59
C ASN A 284 14.08 -18.53 0.67
N GLN A 285 14.35 -17.28 1.08
CA GLN A 285 13.71 -16.77 2.29
C GLN A 285 12.24 -16.46 2.07
N ALA A 286 11.84 -16.13 0.84
CA ALA A 286 10.42 -15.93 0.57
C ALA A 286 9.65 -17.25 0.65
N VAL A 287 10.25 -18.33 0.16
CA VAL A 287 9.60 -19.64 0.30
C VAL A 287 9.52 -20.04 1.76
N PHE A 288 10.64 -19.97 2.49
CA PHE A 288 10.64 -20.23 3.91
C PHE A 288 11.72 -19.35 4.54
N PRO A 289 11.40 -18.57 5.58
CA PRO A 289 10.17 -18.56 6.38
C PRO A 289 9.05 -17.64 5.89
N GLY A 290 9.19 -17.08 4.69
CA GLY A 290 8.25 -16.04 4.26
C GLY A 290 6.82 -16.53 4.11
N LEU A 291 6.63 -17.60 3.33
CA LEU A 291 5.28 -17.97 2.88
C LEU A 291 4.89 -19.42 3.10
N GLN A 292 5.84 -20.34 3.28
CA GLN A 292 5.52 -21.74 3.51
C GLN A 292 6.09 -22.18 4.85
N GLY A 293 5.62 -23.34 5.31
CA GLY A 293 6.12 -23.98 6.50
C GLY A 293 6.93 -25.23 6.15
N GLY A 294 6.50 -26.37 6.66
CA GLY A 294 7.20 -27.62 6.42
C GLY A 294 7.15 -28.03 4.95
N PRO A 295 8.30 -28.38 4.38
CA PRO A 295 8.32 -28.94 3.02
C PRO A 295 7.55 -30.25 2.95
N HIS A 296 7.02 -30.53 1.77
CA HIS A 296 6.32 -31.79 1.52
C HIS A 296 7.34 -32.77 0.96
N ASN A 297 7.98 -33.52 1.85
CA ASN A 297 9.12 -34.32 1.46
C ASN A 297 8.73 -35.52 0.62
N HIS A 298 7.49 -36.01 0.74
CA HIS A 298 7.05 -37.06 -0.17
C HIS A 298 7.01 -36.54 -1.61
N THR A 299 6.54 -35.30 -1.81
CA THR A 299 6.52 -34.73 -3.15
C THR A 299 7.93 -34.45 -3.66
N ILE A 300 8.80 -33.90 -2.79
CA ILE A 300 10.17 -33.64 -3.20
C ILE A 300 10.88 -34.92 -3.60
N THR A 301 10.62 -36.01 -2.87
CA THR A 301 11.22 -37.30 -3.21
C THR A 301 10.70 -37.81 -4.56
N GLY A 302 9.38 -37.76 -4.77
CA GLY A 302 8.85 -38.13 -6.07
C GLY A 302 9.36 -37.25 -7.20
N LEU A 303 9.61 -35.97 -6.90
CA LEU A 303 10.17 -35.07 -7.89
C LEU A 303 11.58 -35.48 -8.28
N ALA A 304 12.40 -35.87 -7.30
CA ALA A 304 13.74 -36.39 -7.63
C ALA A 304 13.65 -37.56 -8.59
N VAL A 305 12.67 -38.46 -8.38
CA VAL A 305 12.48 -39.58 -9.29
C VAL A 305 12.16 -39.09 -10.69
N ALA A 306 11.21 -38.15 -10.80
CA ALA A 306 10.79 -37.65 -12.11
C ALA A 306 11.95 -36.96 -12.85
N LEU A 307 12.80 -36.25 -12.10
CA LEU A 307 13.90 -35.51 -12.74
C LEU A 307 14.96 -36.45 -13.28
N LYS A 308 15.19 -37.58 -12.61
CA LYS A 308 16.07 -38.60 -13.18
C LYS A 308 15.46 -39.19 -14.44
N GLN A 309 14.15 -39.45 -14.44
CA GLN A 309 13.51 -40.00 -15.63
C GLN A 309 13.61 -39.04 -16.81
N ALA A 310 13.72 -37.73 -16.55
CA ALA A 310 13.77 -36.73 -17.61
C ALA A 310 15.08 -36.75 -18.38
N ARG A 311 16.08 -37.52 -17.92
CA ARG A 311 17.39 -37.57 -18.55
C ARG A 311 17.52 -38.65 -19.62
N THR A 312 16.56 -39.55 -19.76
CA THR A 312 16.76 -40.73 -20.58
C THR A 312 16.50 -40.44 -22.06
N PRO A 313 17.09 -41.25 -22.94
CA PRO A 313 16.77 -41.14 -24.37
C PRO A 313 15.31 -41.42 -24.66
N GLU A 314 14.67 -42.30 -23.89
CA GLU A 314 13.25 -42.58 -24.08
C GLU A 314 12.41 -41.35 -23.78
N TYR A 315 12.78 -40.60 -22.73
CA TYR A 315 12.08 -39.36 -22.41
C TYR A 315 12.22 -38.34 -23.53
N LYS A 316 13.42 -38.22 -24.11
CA LYS A 316 13.59 -37.29 -25.24
C LYS A 316 12.74 -37.73 -26.43
N ALA A 317 12.71 -39.03 -26.71
CA ALA A 317 11.87 -39.53 -27.80
C ALA A 317 10.40 -39.22 -27.52
N TYR A 318 9.99 -39.33 -26.26
CA TYR A 318 8.62 -38.98 -25.90
C TYR A 318 8.30 -37.52 -26.23
N GLN A 319 9.17 -36.59 -25.80
CA GLN A 319 8.89 -35.18 -26.02
C GLN A 319 8.92 -34.82 -27.50
N ASP A 320 9.81 -35.46 -28.27
CA ASP A 320 9.77 -35.26 -29.73
C ASP A 320 8.45 -35.74 -30.31
N GLN A 321 7.93 -36.87 -29.80
CA GLN A 321 6.64 -37.36 -30.27
C GLN A 321 5.51 -36.42 -29.88
N VAL A 322 5.59 -35.81 -28.68
CA VAL A 322 4.60 -34.83 -28.24
C VAL A 322 4.48 -33.71 -29.28
N LEU A 323 5.62 -33.21 -29.77
CA LEU A 323 5.61 -32.14 -30.77
C LEU A 323 5.06 -32.62 -32.10
N ARG A 324 5.54 -33.76 -32.60
CA ARG A 324 5.06 -34.24 -33.89
C ARG A 324 3.57 -34.55 -33.85
N ASN A 325 3.10 -35.11 -32.73
CA ASN A 325 1.67 -35.39 -32.58
C ASN A 325 0.86 -34.11 -32.65
N CYS A 326 1.33 -33.05 -31.98
CA CYS A 326 0.54 -31.83 -31.98
C CYS A 326 0.54 -31.19 -33.36
N SER A 327 1.65 -31.26 -34.09
N SER A 327 1.65 -31.28 -34.09
CA SER A 327 1.69 -30.75 -35.46
CA SER A 327 1.70 -30.76 -35.45
C SER A 327 0.66 -31.45 -36.32
C SER A 327 0.68 -31.45 -36.34
N LYS A 328 0.59 -32.78 -36.24
CA LYS A 328 -0.38 -33.51 -37.04
C LYS A 328 -1.80 -33.23 -36.58
N PHE A 329 -1.99 -33.11 -35.26
CA PHE A 329 -3.29 -32.74 -34.71
C PHE A 329 -3.76 -31.40 -35.27
N ALA A 330 -2.88 -30.40 -35.22
CA ALA A 330 -3.20 -29.07 -35.76
C ALA A 330 -3.53 -29.15 -37.24
N GLU A 331 -2.69 -29.88 -37.99
CA GLU A 331 -2.89 -29.99 -39.43
C GLU A 331 -4.27 -30.59 -39.75
N THR A 332 -4.65 -31.62 -39.00
CA THR A 332 -5.92 -32.28 -39.26
C THR A 332 -7.10 -31.40 -38.87
N LEU A 333 -7.03 -30.72 -37.72
CA LEU A 333 -8.07 -29.77 -37.35
C LEU A 333 -8.24 -28.70 -38.42
N LEU A 334 -7.13 -28.15 -38.93
CA LEU A 334 -7.21 -27.15 -39.97
C LEU A 334 -7.89 -27.70 -41.22
N ALA A 335 -7.50 -28.91 -41.62
CA ALA A 335 -8.10 -29.52 -42.81
C ALA A 335 -9.59 -29.73 -42.64
N LYS A 336 -10.06 -29.95 -41.41
CA LYS A 336 -11.48 -30.16 -41.14
C LYS A 336 -12.24 -28.85 -40.95
N GLY A 337 -11.58 -27.70 -41.17
CA GLY A 337 -12.26 -26.42 -41.19
C GLY A 337 -12.14 -25.60 -39.92
N TYR A 338 -11.43 -26.09 -38.90
CA TYR A 338 -11.29 -25.34 -37.66
C TYR A 338 -10.24 -24.26 -37.79
N ASP A 339 -10.47 -23.17 -37.08
CA ASP A 339 -9.51 -22.08 -36.93
C ASP A 339 -8.75 -22.26 -35.64
N LEU A 340 -7.43 -22.09 -35.70
CA LEU A 340 -6.55 -22.16 -34.55
C LEU A 340 -5.97 -20.78 -34.28
N VAL A 341 -5.87 -20.42 -32.99
CA VAL A 341 -5.22 -19.17 -32.65
C VAL A 341 -3.75 -19.28 -33.05
N SER A 342 -3.28 -18.28 -33.81
CA SER A 342 -1.97 -18.22 -34.45
C SER A 342 -1.87 -19.14 -35.67
N GLY A 343 -2.95 -19.83 -36.03
CA GLY A 343 -2.99 -20.63 -37.24
C GLY A 343 -2.26 -21.95 -37.17
N GLY A 344 -1.81 -22.38 -36.00
CA GLY A 344 -1.04 -23.60 -35.89
C GLY A 344 -0.41 -23.71 -34.52
N THR A 345 0.67 -24.47 -34.45
CA THR A 345 1.35 -24.73 -33.20
C THR A 345 2.84 -24.97 -33.43
N ASP A 346 3.64 -24.59 -32.45
CA ASP A 346 5.03 -25.01 -32.35
C ASP A 346 5.30 -25.76 -31.06
N ASN A 347 4.26 -26.10 -30.29
CA ASN A 347 4.53 -26.80 -29.06
C ASN A 347 3.54 -27.95 -28.86
N HIS A 348 3.10 -28.17 -27.64
CA HIS A 348 2.30 -29.32 -27.26
C HIS A 348 0.80 -29.08 -27.27
N LEU A 349 0.35 -27.85 -27.59
CA LEU A 349 -1.08 -27.58 -27.51
C LEU A 349 -1.57 -26.83 -28.74
N VAL A 350 -2.90 -26.81 -28.90
CA VAL A 350 -3.59 -25.97 -29.87
C VAL A 350 -4.72 -25.27 -29.14
N LEU A 351 -5.15 -24.13 -29.70
CA LEU A 351 -6.31 -23.41 -29.19
C LEU A 351 -7.25 -23.19 -30.36
N VAL A 352 -8.39 -23.90 -30.35
CA VAL A 352 -9.38 -23.81 -31.42
C VAL A 352 -10.31 -22.64 -31.14
N ASN A 353 -10.45 -21.74 -32.12
CA ASN A 353 -11.40 -20.63 -32.05
C ASN A 353 -12.63 -21.05 -32.85
N LEU A 354 -13.74 -21.31 -32.13
CA LEU A 354 -14.94 -21.86 -32.78
C LEU A 354 -15.81 -20.82 -33.48
N LYS A 355 -15.39 -19.55 -33.57
CA LYS A 355 -16.28 -18.51 -34.09
C LYS A 355 -16.81 -18.86 -35.48
N ASN A 356 -15.96 -19.38 -36.36
CA ASN A 356 -16.41 -19.68 -37.72
C ASN A 356 -17.41 -20.83 -37.77
N LYS A 357 -17.52 -21.62 -36.70
CA LYS A 357 -18.51 -22.69 -36.64
C LYS A 357 -19.83 -22.24 -36.04
N GLY A 358 -19.91 -21.03 -35.49
CA GLY A 358 -21.17 -20.54 -34.96
C GLY A 358 -21.61 -21.18 -33.67
N ILE A 359 -20.67 -21.59 -32.82
CA ILE A 359 -20.99 -22.20 -31.54
C ILE A 359 -19.86 -21.87 -30.57
N ASP A 360 -20.18 -21.81 -29.28
CA ASP A 360 -19.19 -21.42 -28.28
C ASP A 360 -18.56 -22.65 -27.61
N GLY A 361 -17.51 -22.38 -26.83
CA GLY A 361 -16.77 -23.46 -26.20
C GLY A 361 -17.53 -24.17 -25.11
N SER A 362 -18.43 -23.48 -24.42
CA SER A 362 -19.22 -24.11 -23.36
C SER A 362 -20.06 -25.24 -23.93
N ARG A 363 -20.76 -24.96 -25.02
CA ARG A 363 -21.63 -25.97 -25.62
C ARG A 363 -20.83 -27.15 -26.14
N VAL A 364 -19.69 -26.88 -26.79
CA VAL A 364 -18.91 -27.98 -27.34
C VAL A 364 -18.30 -28.81 -26.22
N GLU A 365 -17.79 -28.17 -25.17
CA GLU A 365 -17.18 -28.93 -24.09
C GLU A 365 -18.20 -29.83 -23.39
N LYS A 366 -19.46 -29.41 -23.31
CA LYS A 366 -20.47 -30.27 -22.70
C LYS A 366 -20.63 -31.58 -23.47
N VAL A 367 -20.57 -31.51 -24.80
CA VAL A 367 -20.64 -32.73 -25.60
C VAL A 367 -19.35 -33.53 -25.46
N LEU A 368 -18.19 -32.86 -25.53
CA LEU A 368 -16.92 -33.57 -25.33
C LEU A 368 -16.95 -34.37 -24.04
N GLU A 369 -17.38 -33.75 -22.94
CA GLU A 369 -17.47 -34.45 -21.66
C GLU A 369 -18.28 -35.73 -21.76
N LEU A 370 -19.44 -35.66 -22.43
CA LEU A 370 -20.34 -36.80 -22.51
C LEU A 370 -19.83 -37.91 -23.43
N VAL A 371 -18.90 -37.61 -24.34
CA VAL A 371 -18.29 -38.65 -25.16
C VAL A 371 -16.88 -39.00 -24.67
N HIS A 372 -16.54 -38.59 -23.45
CA HIS A 372 -15.30 -38.97 -22.77
C HIS A 372 -14.06 -38.41 -23.46
N ILE A 373 -14.19 -37.20 -23.98
CA ILE A 373 -13.06 -36.39 -24.41
C ILE A 373 -12.91 -35.29 -23.37
N ALA A 374 -11.80 -35.31 -22.64
CA ALA A 374 -11.55 -34.35 -21.56
C ALA A 374 -10.72 -33.22 -22.12
N ALA A 375 -11.30 -32.02 -22.17
CA ALA A 375 -10.64 -30.82 -22.67
C ALA A 375 -11.09 -29.66 -21.79
N ASN A 376 -10.94 -28.43 -22.27
CA ASN A 376 -11.49 -27.30 -21.52
C ASN A 376 -11.97 -26.23 -22.49
N LYS A 377 -13.12 -25.64 -22.17
CA LYS A 377 -13.53 -24.40 -22.80
C LYS A 377 -12.51 -23.32 -22.48
N ASN A 378 -12.25 -22.44 -23.44
CA ASN A 378 -11.13 -21.51 -23.29
C ASN A 378 -11.45 -20.20 -24.01
N THR A 379 -11.18 -19.08 -23.35
CA THR A 379 -11.32 -17.78 -24.00
C THR A 379 -10.38 -17.70 -25.20
N VAL A 380 -10.82 -16.97 -26.24
CA VAL A 380 -9.99 -16.74 -27.41
C VAL A 380 -9.97 -15.25 -27.71
N PRO A 381 -8.96 -14.77 -28.41
CA PRO A 381 -8.95 -13.37 -28.85
C PRO A 381 -10.19 -13.06 -29.67
N GLY A 382 -10.85 -11.96 -29.33
CA GLY A 382 -12.08 -11.55 -29.96
C GLY A 382 -13.33 -11.85 -29.16
N ASP A 383 -13.24 -12.70 -28.14
CA ASP A 383 -14.38 -12.93 -27.26
C ASP A 383 -14.81 -11.63 -26.61
N VAL A 384 -16.11 -11.36 -26.62
CA VAL A 384 -16.62 -10.15 -25.97
C VAL A 384 -16.77 -10.33 -24.47
N SER A 385 -16.89 -11.56 -23.98
CA SER A 385 -17.13 -11.82 -22.56
C SER A 385 -16.35 -13.04 -22.12
N ALA A 386 -15.67 -12.92 -20.98
CA ALA A 386 -14.98 -14.07 -20.41
C ALA A 386 -15.97 -15.13 -19.91
N MET A 387 -17.23 -14.75 -19.68
CA MET A 387 -18.25 -15.70 -19.27
C MET A 387 -18.73 -16.57 -20.42
N VAL A 388 -18.44 -16.20 -21.67
CA VAL A 388 -18.81 -17.01 -22.82
C VAL A 388 -17.56 -17.31 -23.64
N PRO A 389 -16.75 -18.27 -23.23
CA PRO A 389 -15.51 -18.58 -23.97
C PRO A 389 -15.82 -19.11 -25.36
N GLY A 390 -15.08 -18.61 -26.35
CA GLY A 390 -15.31 -19.01 -27.72
C GLY A 390 -14.44 -20.13 -28.25
N GLY A 391 -13.65 -20.79 -27.41
CA GLY A 391 -12.70 -21.76 -27.91
C GLY A 391 -12.63 -23.03 -27.08
N ILE A 392 -11.80 -23.96 -27.58
CA ILE A 392 -11.47 -25.21 -26.91
C ILE A 392 -9.96 -25.36 -26.95
N ARG A 393 -9.35 -25.63 -25.81
CA ARG A 393 -7.91 -25.88 -25.72
C ARG A 393 -7.68 -27.39 -25.60
N MET A 394 -6.73 -27.91 -26.39
CA MET A 394 -6.40 -29.33 -26.41
C MET A 394 -4.89 -29.49 -26.63
N GLY A 395 -4.35 -30.63 -26.20
CA GLY A 395 -2.94 -30.87 -26.44
C GLY A 395 -2.59 -32.34 -26.33
N THR A 396 -1.30 -32.62 -26.54
CA THR A 396 -0.86 -34.00 -26.75
C THR A 396 -0.08 -34.70 -25.62
N PRO A 397 0.42 -34.03 -24.56
CA PRO A 397 1.29 -34.77 -23.61
C PRO A 397 0.70 -36.06 -23.04
N ALA A 398 -0.57 -36.03 -22.60
CA ALA A 398 -1.11 -37.17 -21.85
C ALA A 398 -1.30 -38.39 -22.76
N LEU A 399 -1.99 -38.24 -23.89
CA LEU A 399 -2.17 -39.40 -24.76
C LEU A 399 -0.86 -39.84 -25.41
N THR A 400 0.08 -38.90 -25.63
CA THR A 400 1.39 -39.33 -26.14
C THR A 400 2.08 -40.23 -25.13
N SER A 401 1.92 -39.95 -23.83
CA SER A 401 2.50 -40.82 -22.81
C SER A 401 1.94 -42.23 -22.91
N ARG A 402 0.70 -42.38 -23.39
CA ARG A 402 0.08 -43.70 -23.56
C ARG A 402 0.44 -44.36 -24.88
N GLY A 403 1.24 -43.72 -25.72
CA GLY A 403 1.68 -44.31 -26.98
C GLY A 403 0.95 -43.84 -28.22
N PHE A 404 0.09 -42.83 -28.11
CA PHE A 404 -0.51 -42.26 -29.32
C PHE A 404 0.58 -41.71 -30.23
N ILE A 405 0.45 -41.96 -31.53
CA ILE A 405 1.37 -41.38 -32.49
C ILE A 405 0.58 -40.52 -33.47
N GLU A 406 1.20 -40.07 -34.56
CA GLU A 406 0.59 -39.03 -35.38
C GLU A 406 -0.76 -39.46 -35.94
N GLU A 407 -0.83 -40.66 -36.52
CA GLU A 407 -2.10 -41.11 -37.09
C GLU A 407 -3.17 -41.20 -36.02
N ASP A 408 -2.78 -41.47 -34.77
CA ASP A 408 -3.77 -41.52 -33.69
C ASP A 408 -4.32 -40.13 -33.39
N PHE A 409 -3.48 -39.10 -33.45
CA PHE A 409 -4.03 -37.77 -33.23
C PHE A 409 -4.80 -37.24 -34.42
N ALA A 410 -4.55 -37.75 -35.63
CA ALA A 410 -5.49 -37.46 -36.71
C ALA A 410 -6.88 -38.00 -36.38
N LYS A 411 -6.93 -39.17 -35.75
CA LYS A 411 -8.23 -39.72 -35.36
C LYS A 411 -8.84 -38.93 -34.20
N VAL A 412 -8.03 -38.45 -33.26
CA VAL A 412 -8.57 -37.59 -32.20
C VAL A 412 -9.25 -36.36 -32.80
N ALA A 413 -8.60 -35.76 -33.80
CA ALA A 413 -9.20 -34.60 -34.48
C ALA A 413 -10.52 -34.97 -35.14
N GLU A 414 -10.61 -36.16 -35.74
CA GLU A 414 -11.88 -36.59 -36.34
C GLU A 414 -12.96 -36.68 -35.28
N TYR A 415 -12.67 -37.30 -34.14
CA TYR A 415 -13.70 -37.49 -33.13
C TYR A 415 -14.09 -36.16 -32.48
N PHE A 416 -13.14 -35.25 -32.31
CA PHE A 416 -13.47 -33.89 -31.89
C PHE A 416 -14.44 -33.25 -32.88
N ASP A 417 -14.16 -33.38 -34.17
CA ASP A 417 -15.04 -32.83 -35.20
C ASP A 417 -16.44 -33.44 -35.11
N LEU A 418 -16.53 -34.75 -34.90
CA LEU A 418 -17.84 -35.39 -34.77
C LEU A 418 -18.61 -34.85 -33.57
N ALA A 419 -17.89 -34.55 -32.47
CA ALA A 419 -18.55 -33.99 -31.29
C ALA A 419 -19.04 -32.58 -31.55
N VAL A 420 -18.27 -31.77 -32.27
CA VAL A 420 -18.75 -30.43 -32.62
C VAL A 420 -20.02 -30.51 -33.47
N LYS A 421 -20.04 -31.43 -34.44
CA LYS A 421 -21.23 -31.59 -35.27
C LYS A 421 -22.45 -31.96 -34.43
N ILE A 422 -22.28 -32.79 -33.41
CA ILE A 422 -23.39 -33.09 -32.50
C ILE A 422 -23.80 -31.85 -31.72
N ALA A 423 -22.82 -31.11 -31.19
CA ALA A 423 -23.15 -29.88 -30.48
C ALA A 423 -23.93 -28.91 -31.36
N LEU A 424 -23.56 -28.81 -32.64
CA LEU A 424 -24.30 -27.93 -33.56
C LEU A 424 -25.73 -28.43 -33.75
N LYS A 425 -25.92 -29.74 -33.80
CA LYS A 425 -27.28 -30.29 -33.91
C LYS A 425 -28.09 -29.99 -32.66
N ILE A 426 -27.48 -30.13 -31.47
CA ILE A 426 -28.19 -29.81 -30.23
C ILE A 426 -28.62 -28.34 -30.24
N LYS A 427 -27.70 -27.45 -30.62
CA LYS A 427 -28.03 -26.04 -30.71
C LYS A 427 -29.19 -25.80 -31.67
N ALA A 428 -29.17 -26.47 -32.84
CA ALA A 428 -30.22 -26.28 -33.82
C ALA A 428 -31.59 -26.75 -33.29
N GLU A 429 -31.60 -27.79 -32.48
CA GLU A 429 -32.85 -28.30 -31.91
C GLU A 429 -33.29 -27.54 -30.65
N SER A 430 -32.41 -26.73 -30.07
CA SER A 430 -32.76 -26.00 -28.86
C SER A 430 -33.77 -24.92 -29.18
N GLN A 431 -34.94 -24.99 -28.55
CA GLN A 431 -35.96 -23.99 -28.79
C GLN A 431 -35.52 -22.62 -28.28
N GLY A 432 -34.86 -22.59 -27.13
CA GLY A 432 -34.36 -21.34 -26.59
C GLY A 432 -32.94 -21.02 -27.05
N THR A 433 -32.42 -19.93 -26.51
CA THR A 433 -31.07 -19.47 -26.84
C THR A 433 -30.11 -19.55 -25.66
N LYS A 434 -30.60 -19.82 -24.46
CA LYS A 434 -29.75 -19.87 -23.27
C LYS A 434 -29.02 -21.20 -23.20
N LEU A 435 -27.93 -21.21 -22.43
CA LEU A 435 -27.16 -22.43 -22.26
C LEU A 435 -27.97 -23.52 -21.57
N LYS A 436 -28.87 -23.14 -20.66
CA LYS A 436 -29.70 -24.14 -20.00
C LYS A 436 -30.70 -24.77 -20.96
N ASP A 437 -31.11 -24.05 -22.00
CA ASP A 437 -31.94 -24.66 -23.04
C ASP A 437 -31.13 -25.67 -23.84
N PHE A 438 -29.88 -25.34 -24.16
CA PHE A 438 -28.97 -26.30 -24.80
C PHE A 438 -28.79 -27.54 -23.94
N VAL A 439 -28.66 -27.36 -22.63
CA VAL A 439 -28.48 -28.51 -21.74
C VAL A 439 -29.75 -29.34 -21.70
N ALA A 440 -30.91 -28.68 -21.65
CA ALA A 440 -32.18 -29.41 -21.62
C ALA A 440 -32.37 -30.24 -22.88
N THR A 441 -32.06 -29.66 -24.05
CA THR A 441 -32.10 -30.43 -25.29
C THR A 441 -31.11 -31.60 -25.25
N MET A 442 -29.90 -31.33 -24.78
CA MET A 442 -28.85 -32.33 -24.78
C MET A 442 -29.22 -33.53 -23.92
N GLN A 443 -30.02 -33.32 -22.88
CA GLN A 443 -30.35 -34.36 -21.94
C GLN A 443 -31.67 -35.06 -22.23
N SER A 444 -32.48 -34.54 -23.16
CA SER A 444 -33.80 -35.09 -23.42
C SER A 444 -34.02 -35.57 -24.86
N ASN A 445 -33.17 -35.17 -25.80
CA ASN A 445 -33.35 -35.56 -27.20
C ASN A 445 -32.81 -36.97 -27.40
N GLU A 446 -33.70 -37.92 -27.68
CA GLU A 446 -33.29 -39.32 -27.78
C GLU A 446 -32.34 -39.56 -28.95
N LYS A 447 -32.61 -38.95 -30.12
CA LYS A 447 -31.76 -39.17 -31.28
C LYS A 447 -30.33 -38.67 -31.02
N LEU A 448 -30.21 -37.49 -30.43
CA LEU A 448 -28.89 -36.92 -30.19
C LEU A 448 -28.20 -37.59 -29.02
N GLN A 449 -28.96 -38.09 -28.04
CA GLN A 449 -28.36 -38.94 -27.00
C GLN A 449 -27.77 -40.20 -27.61
N SER A 450 -28.45 -40.78 -28.60
CA SER A 450 -27.94 -41.96 -29.27
C SER A 450 -26.67 -41.64 -30.05
N GLU A 451 -26.63 -40.48 -30.71
CA GLU A 451 -25.40 -40.10 -31.42
C GLU A 451 -24.25 -39.91 -30.46
N MET A 452 -24.51 -39.30 -29.30
CA MET A 452 -23.44 -39.12 -28.33
C MET A 452 -22.98 -40.47 -27.76
N SER A 453 -23.93 -41.38 -27.55
CA SER A 453 -23.56 -42.71 -27.07
C SER A 453 -22.70 -43.44 -28.09
N LYS A 454 -23.04 -43.32 -29.38
CA LYS A 454 -22.22 -43.95 -30.41
C LYS A 454 -20.82 -43.36 -30.45
N LEU A 455 -20.70 -42.03 -30.38
CA LEU A 455 -19.38 -41.42 -30.40
C LEU A 455 -18.60 -41.77 -29.14
N ARG A 456 -19.26 -41.81 -27.99
CA ARG A 456 -18.58 -42.21 -26.75
C ARG A 456 -17.98 -43.60 -26.90
N GLU A 457 -18.76 -44.53 -27.48
CA GLU A 457 -18.26 -45.89 -27.69
C GLU A 457 -17.06 -45.88 -28.63
N MET A 458 -17.08 -45.01 -29.65
CA MET A 458 -15.95 -44.92 -30.56
C MET A 458 -14.71 -44.43 -29.85
N VAL A 459 -14.86 -43.39 -29.03
CA VAL A 459 -13.73 -42.85 -28.28
C VAL A 459 -13.15 -43.93 -27.36
N GLU A 460 -14.03 -44.60 -26.60
CA GLU A 460 -13.55 -45.59 -25.64
C GLU A 460 -12.87 -46.76 -26.34
N GLU A 461 -13.45 -47.25 -27.46
CA GLU A 461 -12.82 -48.35 -28.16
C GLU A 461 -11.42 -47.98 -28.64
N TYR A 462 -11.25 -46.74 -29.08
CA TYR A 462 -9.94 -46.31 -29.56
C TYR A 462 -8.95 -46.20 -28.42
N ALA A 463 -9.35 -45.50 -27.34
CA ALA A 463 -8.44 -45.23 -26.22
C ALA A 463 -8.08 -46.50 -25.47
N LYS A 464 -9.01 -47.45 -25.32
CA LYS A 464 -8.74 -48.60 -24.46
C LYS A 464 -7.63 -49.48 -24.99
N GLN A 465 -7.35 -49.44 -26.29
CA GLN A 465 -6.33 -50.34 -26.83
C GLN A 465 -4.93 -49.99 -26.35
N PHE A 466 -4.72 -48.75 -25.89
CA PHE A 466 -3.39 -48.28 -25.52
C PHE A 466 -3.05 -48.66 -24.09
N PRO A 467 -1.75 -48.75 -23.78
CA PRO A 467 -1.34 -49.06 -22.40
C PRO A 467 -1.90 -48.09 -21.40
N THR A 468 -2.16 -48.59 -20.19
CA THR A 468 -2.41 -47.73 -19.03
C THR A 468 -1.08 -47.36 -18.38
N ILE A 469 -1.01 -46.13 -17.86
CA ILE A 469 0.22 -45.60 -17.28
C ILE A 469 0.05 -45.51 -15.77
N GLY A 470 0.90 -46.21 -15.03
CA GLY A 470 0.92 -46.14 -13.59
C GLY A 470 0.18 -47.27 -12.90
N PHE A 471 -0.50 -48.13 -13.65
CA PHE A 471 -1.19 -49.29 -13.11
C PHE A 471 -1.39 -50.28 -14.24
N GLU A 472 -1.68 -51.52 -13.87
CA GLU A 472 -1.87 -52.58 -14.84
C GLU A 472 -3.36 -52.81 -15.13
N LYS A 473 -3.66 -53.13 -16.39
CA LYS A 473 -5.05 -53.38 -16.77
C LYS A 473 -5.63 -54.59 -16.04
N GLU A 474 -4.81 -55.62 -15.82
CA GLU A 474 -5.33 -56.89 -15.35
C GLU A 474 -5.99 -56.78 -13.99
N THR A 475 -5.57 -55.83 -13.16
CA THR A 475 -6.09 -55.70 -11.81
C THR A 475 -7.08 -54.54 -11.65
N MET A 476 -7.53 -53.94 -12.75
N MET A 476 -7.50 -53.91 -12.75
CA MET A 476 -8.53 -52.88 -12.66
CA MET A 476 -8.55 -52.90 -12.69
C MET A 476 -9.86 -53.47 -12.21
C MET A 476 -9.84 -53.51 -12.15
N ARG A 477 -10.49 -52.80 -11.23
CA ARG A 477 -11.78 -53.28 -10.73
C ARG A 477 -12.90 -53.10 -11.76
N TYR A 478 -12.82 -52.05 -12.57
CA TYR A 478 -13.88 -51.69 -13.52
C TYR A 478 -13.35 -51.84 -14.94
N LYS A 479 -13.37 -53.06 -15.43
CA LYS A 479 -12.96 -53.33 -16.81
C LYS A 479 -14.08 -53.12 -17.81
N GLU A 480 -15.32 -52.95 -17.34
CA GLU A 480 -16.48 -52.84 -18.22
C GLU A 480 -17.27 -51.55 -17.97
N SER B 6 11.56 -47.03 -28.65
CA SER B 6 11.56 -46.17 -27.47
C SER B 6 10.15 -46.00 -26.90
N ARG B 7 9.14 -46.26 -27.74
CA ARG B 7 7.75 -46.08 -27.32
C ARG B 7 7.34 -47.15 -26.31
N SER B 8 7.49 -48.43 -26.69
CA SER B 8 7.24 -49.52 -25.73
C SER B 8 8.24 -49.47 -24.58
N SER B 9 9.44 -48.94 -24.82
CA SER B 9 10.46 -48.90 -23.78
C SER B 9 10.14 -47.85 -22.72
N TRP B 10 9.66 -46.67 -23.12
CA TRP B 10 9.34 -45.68 -22.10
C TRP B 10 8.07 -46.03 -21.36
N ILE B 11 7.22 -46.89 -21.95
CA ILE B 11 6.06 -47.38 -21.20
C ILE B 11 6.49 -48.34 -20.11
N LYS B 12 7.51 -49.17 -20.37
CA LYS B 12 8.07 -50.02 -19.33
C LYS B 12 8.61 -49.17 -18.16
N GLN B 13 9.30 -48.08 -18.48
CA GLN B 13 9.87 -47.22 -17.44
C GLN B 13 8.78 -46.49 -16.66
N LEU B 14 7.63 -46.24 -17.28
CA LEU B 14 6.55 -45.57 -16.56
C LEU B 14 5.79 -46.52 -15.64
N ASN B 15 5.86 -47.82 -15.87
CA ASN B 15 5.09 -48.77 -15.08
C ASN B 15 5.93 -49.61 -14.14
N ALA B 16 7.25 -49.42 -14.16
CA ALA B 16 8.16 -50.17 -13.31
C ALA B 16 8.14 -49.61 -11.89
N SER B 17 8.57 -50.44 -10.95
CA SER B 17 8.57 -50.05 -9.54
C SER B 17 9.73 -49.10 -9.23
N LEU B 18 9.60 -48.43 -8.09
CA LEU B 18 10.64 -47.51 -7.65
C LEU B 18 11.96 -48.24 -7.42
N ASP B 19 11.90 -49.45 -6.84
CA ASP B 19 13.11 -50.24 -6.63
C ASP B 19 13.90 -50.43 -7.92
N GLU B 20 13.19 -50.65 -9.03
CA GLU B 20 13.88 -50.92 -10.29
C GLU B 20 14.33 -49.63 -10.97
N ILE B 21 13.51 -48.57 -10.91
CA ILE B 21 13.78 -47.36 -11.68
C ILE B 21 14.81 -46.47 -10.98
N ASP B 22 14.72 -46.35 -9.65
CA ASP B 22 15.51 -45.38 -8.92
C ASP B 22 15.97 -45.99 -7.60
N PRO B 23 16.95 -46.90 -7.66
CA PRO B 23 17.43 -47.53 -6.42
C PRO B 23 17.97 -46.54 -5.40
N GLU B 24 18.54 -45.41 -5.83
CA GLU B 24 19.05 -44.45 -4.85
C GLU B 24 17.92 -43.86 -4.01
N VAL B 25 16.82 -43.46 -4.66
CA VAL B 25 15.67 -42.95 -3.93
C VAL B 25 15.02 -44.05 -3.09
N ALA B 26 14.90 -45.25 -3.65
CA ALA B 26 14.35 -46.37 -2.87
C ALA B 26 15.16 -46.61 -1.60
N ASP B 27 16.49 -46.47 -1.69
CA ASP B 27 17.33 -46.68 -0.52
C ASP B 27 17.12 -45.57 0.51
N ILE B 28 16.95 -44.33 0.06
CA ILE B 28 16.69 -43.23 0.99
C ILE B 28 15.42 -43.49 1.79
N ILE B 29 14.36 -43.94 1.12
CA ILE B 29 13.11 -44.20 1.81
C ILE B 29 13.29 -45.34 2.83
N GLU B 30 14.04 -46.39 2.45
CA GLU B 30 14.29 -47.47 3.39
C GLU B 30 15.08 -47.00 4.62
N LEU B 31 16.03 -46.10 4.42
CA LEU B 31 16.75 -45.54 5.56
C LEU B 31 15.82 -44.74 6.46
N GLU B 32 14.90 -43.98 5.86
CA GLU B 32 13.96 -43.20 6.64
C GLU B 32 12.98 -44.10 7.37
N LYS B 33 12.56 -45.21 6.74
CA LYS B 33 11.72 -46.19 7.44
C LYS B 33 12.40 -46.70 8.69
N ALA B 34 13.70 -47.05 8.59
CA ALA B 34 14.42 -47.51 9.75
C ALA B 34 14.56 -46.41 10.80
N ARG B 35 14.74 -45.16 10.36
CA ARG B 35 14.84 -44.05 11.31
C ARG B 35 13.54 -43.91 12.11
N GLN B 36 12.38 -44.00 11.44
CA GLN B 36 11.10 -43.91 12.12
C GLN B 36 10.85 -45.12 13.02
N TRP B 37 11.48 -46.26 12.71
CA TRP B 37 11.34 -47.46 13.52
C TRP B 37 12.13 -47.37 14.82
N LYS B 38 13.35 -46.81 14.77
CA LYS B 38 14.33 -46.90 15.85
C LYS B 38 14.38 -45.66 16.75
N GLY B 39 13.57 -44.64 16.48
CA GLY B 39 13.77 -43.38 17.18
C GLY B 39 12.66 -42.99 18.14
N PHE B 40 12.98 -42.07 19.06
CA PHE B 40 11.96 -41.40 19.86
C PHE B 40 11.56 -40.13 19.10
N GLU B 41 10.43 -40.19 18.41
CA GLU B 41 9.97 -39.07 17.59
C GLU B 41 9.07 -38.20 18.47
N LEU B 42 9.63 -37.10 18.99
CA LEU B 42 8.96 -36.28 20.00
C LEU B 42 8.53 -34.91 19.49
N ILE B 43 8.76 -34.59 18.22
CA ILE B 43 8.29 -33.33 17.64
C ILE B 43 6.77 -33.35 17.66
N PRO B 44 6.11 -32.43 18.39
CA PRO B 44 4.66 -32.59 18.61
C PRO B 44 3.81 -32.31 17.38
N SER B 45 4.40 -31.76 16.32
CA SER B 45 3.72 -31.55 15.05
C SER B 45 3.88 -32.71 14.09
N GLU B 46 4.57 -33.77 14.48
CA GLU B 46 4.77 -34.92 13.63
C GLU B 46 3.87 -36.07 14.07
N ASN B 47 3.53 -36.92 13.10
CA ASN B 47 2.75 -38.11 13.36
C ASN B 47 3.17 -39.17 12.34
N PHE B 48 2.57 -40.34 12.43
CA PHE B 48 2.76 -41.40 11.45
C PHE B 48 1.41 -41.66 10.82
N THR B 49 1.26 -41.35 9.54
CA THR B 49 -0.06 -41.53 8.94
C THR B 49 -0.23 -42.98 8.47
N SER B 50 -1.49 -43.32 8.19
CA SER B 50 -1.86 -44.69 7.89
C SER B 50 -1.41 -45.10 6.49
N LEU B 51 -1.29 -46.42 6.29
CA LEU B 51 -1.03 -46.95 4.95
C LEU B 51 -2.14 -46.57 3.98
N SER B 52 -3.40 -46.56 4.44
CA SER B 52 -4.51 -46.27 3.53
C SER B 52 -4.45 -44.82 3.05
N VAL B 53 -4.05 -43.88 3.91
CA VAL B 53 -3.85 -42.50 3.46
C VAL B 53 -2.76 -42.45 2.41
N MET B 54 -1.64 -43.13 2.66
CA MET B 54 -0.51 -43.06 1.73
C MET B 54 -0.85 -43.72 0.40
N GLN B 55 -1.66 -44.77 0.40
CA GLN B 55 -2.05 -45.38 -0.87
C GLN B 55 -2.92 -44.43 -1.69
N ALA B 56 -3.76 -43.62 -1.03
CA ALA B 56 -4.55 -42.63 -1.77
C ALA B 56 -3.68 -41.49 -2.30
N VAL B 57 -2.74 -41.02 -1.47
CA VAL B 57 -1.86 -39.93 -1.89
C VAL B 57 -0.94 -40.40 -3.01
N GLY B 58 -0.59 -41.69 -3.02
CA GLY B 58 0.24 -42.23 -4.09
C GLY B 58 -0.56 -42.85 -5.23
N SER B 59 -1.72 -42.28 -5.56
CA SER B 59 -2.60 -42.85 -6.58
C SER B 59 -2.68 -41.94 -7.80
N VAL B 60 -3.40 -42.44 -8.82
CA VAL B 60 -3.54 -41.72 -10.09
C VAL B 60 -4.43 -40.50 -9.95
N MET B 61 -5.01 -40.27 -8.77
CA MET B 61 -5.71 -38.99 -8.57
C MET B 61 -4.77 -37.80 -8.81
N THR B 62 -3.46 -38.02 -8.70
CA THR B 62 -2.50 -36.95 -8.96
C THR B 62 -2.54 -36.45 -10.40
N ASN B 63 -3.12 -37.21 -11.33
CA ASN B 63 -3.00 -36.84 -12.74
C ASN B 63 -4.01 -35.79 -13.21
N LYS B 64 -4.98 -35.40 -12.39
CA LYS B 64 -6.14 -34.65 -12.87
C LYS B 64 -6.05 -33.17 -12.53
N TYR B 65 -6.38 -32.33 -13.52
CA TYR B 65 -6.62 -30.90 -13.30
C TYR B 65 -8.10 -30.66 -13.07
N SER B 66 -8.42 -29.92 -11.99
CA SER B 66 -9.82 -29.77 -11.59
C SER B 66 -10.07 -28.41 -10.95
N GLU B 67 -9.49 -27.35 -11.53
CA GLU B 67 -9.74 -26.01 -11.01
C GLU B 67 -11.25 -25.75 -10.91
N GLY B 68 -11.62 -25.05 -9.84
CA GLY B 68 -13.02 -24.79 -9.55
C GLY B 68 -13.46 -25.61 -8.37
N TYR B 69 -14.74 -25.95 -8.32
CA TYR B 69 -15.32 -26.67 -7.20
C TYR B 69 -16.25 -27.74 -7.76
N PRO B 70 -16.62 -28.74 -6.96
CA PRO B 70 -17.37 -29.88 -7.51
C PRO B 70 -18.62 -29.43 -8.26
N GLY B 71 -18.81 -30.03 -9.44
CA GLY B 71 -19.90 -29.66 -10.32
C GLY B 71 -19.79 -28.31 -10.98
N ALA B 72 -18.69 -27.59 -10.76
CA ALA B 72 -18.47 -26.26 -11.32
C ALA B 72 -16.97 -26.13 -11.62
N ARG B 73 -16.47 -26.99 -12.49
CA ARG B 73 -15.06 -27.05 -12.84
C ARG B 73 -14.76 -26.34 -14.15
N TYR B 74 -13.50 -25.95 -14.31
CA TYR B 74 -13.02 -25.39 -15.57
C TYR B 74 -12.46 -26.43 -16.52
N TYR B 75 -12.57 -27.72 -16.19
CA TYR B 75 -12.08 -28.81 -17.03
C TYR B 75 -13.10 -29.93 -17.07
N GLY B 76 -13.13 -30.64 -18.22
CA GLY B 76 -13.88 -31.88 -18.29
C GLY B 76 -13.16 -33.02 -17.59
N GLY B 77 -13.84 -34.16 -17.48
CA GLY B 77 -13.23 -35.36 -16.95
C GLY B 77 -13.25 -35.52 -15.44
N ASN B 78 -14.03 -34.70 -14.72
CA ASN B 78 -13.91 -34.63 -13.27
C ASN B 78 -15.04 -35.32 -12.51
N GLU B 79 -15.74 -36.26 -13.14
CA GLU B 79 -16.83 -36.96 -12.44
C GLU B 79 -16.37 -37.58 -11.13
N TYR B 80 -15.23 -38.26 -11.14
CA TYR B 80 -14.78 -39.00 -9.96
C TYR B 80 -13.93 -38.13 -9.04
N ILE B 81 -13.18 -37.18 -9.58
CA ILE B 81 -12.55 -36.18 -8.72
C ILE B 81 -13.61 -35.42 -7.92
N ASP B 82 -14.76 -35.15 -8.55
CA ASP B 82 -15.84 -34.47 -7.84
C ASP B 82 -16.36 -35.34 -6.70
N MET B 83 -16.53 -36.65 -6.94
CA MET B 83 -16.92 -37.55 -5.86
C MET B 83 -15.96 -37.47 -4.69
N ALA B 84 -14.66 -37.45 -4.99
CA ALA B 84 -13.65 -37.41 -3.92
C ALA B 84 -13.72 -36.11 -3.13
N GLU B 85 -13.81 -34.96 -3.83
CA GLU B 85 -13.80 -33.70 -3.09
C GLU B 85 -15.09 -33.50 -2.31
N THR B 86 -16.23 -33.87 -2.89
CA THR B 86 -17.50 -33.80 -2.17
C THR B 86 -17.48 -34.72 -0.95
N LEU B 87 -16.97 -35.95 -1.11
CA LEU B 87 -16.86 -36.86 0.03
C LEU B 87 -15.93 -36.29 1.10
N CYS B 88 -14.81 -35.71 0.67
CA CYS B 88 -13.87 -35.11 1.61
C CYS B 88 -14.53 -33.99 2.40
N GLN B 89 -15.27 -33.11 1.73
CA GLN B 89 -15.95 -32.02 2.41
C GLN B 89 -16.97 -32.56 3.40
N LYS B 90 -17.76 -33.55 2.98
CA LYS B 90 -18.76 -34.12 3.87
C LYS B 90 -18.12 -34.71 5.11
N ARG B 91 -17.03 -35.47 4.93
CA ARG B 91 -16.36 -36.09 6.07
C ARG B 91 -15.66 -35.07 6.95
N ALA B 92 -15.20 -33.96 6.37
CA ALA B 92 -14.58 -32.91 7.17
C ALA B 92 -15.58 -32.32 8.17
N LEU B 93 -16.78 -31.98 7.69
CA LEU B 93 -17.81 -31.45 8.59
C LEU B 93 -18.22 -32.50 9.63
N GLU B 94 -18.34 -33.76 9.21
CA GLU B 94 -18.73 -34.82 10.13
C GLU B 94 -17.65 -35.05 11.19
N ALA B 95 -16.38 -34.91 10.82
CA ALA B 95 -15.30 -35.18 11.78
C ALA B 95 -15.33 -34.20 12.94
N PHE B 96 -15.89 -32.99 12.74
CA PHE B 96 -15.95 -31.99 13.79
C PHE B 96 -17.39 -31.73 14.22
N GLN B 97 -18.30 -32.64 13.86
CA GLN B 97 -19.71 -32.60 14.27
C GLN B 97 -20.36 -31.26 13.94
N LEU B 98 -20.12 -30.79 12.71
CA LEU B 98 -20.58 -29.49 12.27
C LEU B 98 -21.86 -29.63 11.46
N ASP B 99 -22.82 -28.78 11.77
CA ASP B 99 -24.06 -28.68 10.99
C ASP B 99 -23.75 -28.10 9.62
N PRO B 100 -23.98 -28.83 8.53
CA PRO B 100 -23.60 -28.31 7.20
C PRO B 100 -24.40 -27.08 6.77
N SER B 101 -25.50 -26.76 7.43
CA SER B 101 -26.20 -25.51 7.14
C SER B 101 -25.57 -24.32 7.84
N LYS B 102 -24.70 -24.56 8.82
CA LYS B 102 -24.04 -23.51 9.58
C LYS B 102 -22.55 -23.39 9.30
N TRP B 103 -21.93 -24.43 8.73
CA TRP B 103 -20.50 -24.47 8.47
C TRP B 103 -20.23 -24.98 7.07
N GLY B 104 -19.28 -24.34 6.38
CA GLY B 104 -18.76 -24.84 5.14
C GLY B 104 -17.27 -25.12 5.28
N VAL B 105 -16.70 -25.74 4.26
CA VAL B 105 -15.28 -26.10 4.31
C VAL B 105 -14.68 -26.03 2.92
N ASN B 106 -13.41 -25.62 2.88
CA ASN B 106 -12.57 -25.68 1.70
C ASN B 106 -11.44 -26.67 1.98
N VAL B 107 -11.31 -27.69 1.14
CA VAL B 107 -10.32 -28.74 1.38
C VAL B 107 -9.16 -28.67 0.40
N GLN B 108 -9.03 -27.58 -0.37
CA GLN B 108 -8.01 -27.47 -1.41
C GLN B 108 -6.73 -26.77 -0.98
N SER B 109 -6.70 -26.11 0.17
N SER B 109 -6.72 -26.10 0.17
CA SER B 109 -5.50 -25.36 0.55
CA SER B 109 -5.49 -25.41 0.62
C SER B 109 -4.33 -26.31 0.77
C SER B 109 -4.34 -26.39 0.70
N LEU B 110 -3.19 -25.99 0.17
CA LEU B 110 -2.09 -26.94 0.05
C LEU B 110 -1.37 -27.23 1.37
N SER B 111 -1.38 -26.30 2.32
CA SER B 111 -0.73 -26.56 3.61
C SER B 111 -1.18 -25.47 4.58
N GLY B 112 -0.71 -25.57 5.82
CA GLY B 112 -1.23 -24.69 6.86
C GLY B 112 -0.87 -23.22 6.64
N SER B 113 0.37 -22.95 6.25
CA SER B 113 0.80 -21.57 6.06
C SER B 113 0.03 -20.87 4.95
N PRO B 114 -0.10 -21.43 3.74
CA PRO B 114 -0.93 -20.74 2.73
C PRO B 114 -2.41 -20.70 3.10
N ALA B 115 -2.91 -21.68 3.87
CA ALA B 115 -4.31 -21.63 4.29
C ALA B 115 -4.60 -20.36 5.07
N ASN B 116 -3.73 -20.01 6.01
CA ASN B 116 -3.93 -18.77 6.77
C ASN B 116 -3.83 -17.56 5.86
N PHE B 117 -2.83 -17.53 4.97
CA PHE B 117 -2.69 -16.40 4.08
C PHE B 117 -3.92 -16.23 3.21
N GLN B 118 -4.52 -17.34 2.78
CA GLN B 118 -5.72 -17.29 1.98
C GLN B 118 -6.88 -16.70 2.77
N VAL B 119 -6.99 -17.03 4.06
CA VAL B 119 -8.01 -16.41 4.89
C VAL B 119 -7.81 -14.90 4.97
N TYR B 120 -6.57 -14.47 5.24
CA TYR B 120 -6.31 -13.03 5.30
C TYR B 120 -6.66 -12.35 3.98
N THR B 121 -6.27 -12.98 2.87
CA THR B 121 -6.54 -12.40 1.55
C THR B 121 -8.04 -12.31 1.28
N ALA B 122 -8.79 -13.30 1.77
CA ALA B 122 -10.23 -13.32 1.57
C ALA B 122 -10.92 -12.21 2.35
N LEU B 123 -10.51 -11.99 3.60
CA LEU B 123 -11.30 -11.18 4.51
C LEU B 123 -10.70 -9.80 4.81
N LEU B 124 -9.42 -9.58 4.48
CA LEU B 124 -8.74 -8.34 4.80
C LEU B 124 -8.19 -7.70 3.53
N LYS B 125 -8.24 -6.37 3.47
CA LYS B 125 -7.51 -5.68 2.42
C LYS B 125 -6.03 -5.64 2.78
N PRO B 126 -5.15 -5.46 1.79
CA PRO B 126 -3.73 -5.30 2.10
C PRO B 126 -3.53 -4.24 3.16
N HIS B 127 -2.61 -4.50 4.09
CA HIS B 127 -2.21 -3.60 5.16
C HIS B 127 -3.25 -3.48 6.26
N GLU B 128 -4.32 -4.28 6.23
CA GLU B 128 -5.24 -4.28 7.37
C GLU B 128 -4.64 -5.11 8.51
N ARG B 129 -5.22 -4.96 9.69
CA ARG B 129 -4.53 -5.29 10.95
C ARG B 129 -4.91 -6.66 11.51
N ILE B 130 -3.89 -7.40 11.94
CA ILE B 130 -4.02 -8.76 12.48
C ILE B 130 -3.29 -8.81 13.81
N MET B 131 -3.92 -9.44 14.82
CA MET B 131 -3.24 -9.77 16.07
C MET B 131 -3.15 -11.27 16.24
N ALA B 132 -2.04 -11.74 16.81
CA ALA B 132 -1.82 -13.16 17.01
C ALA B 132 -0.77 -13.35 18.10
N LEU B 133 -0.67 -14.58 18.60
CA LEU B 133 0.31 -14.89 19.63
C LEU B 133 1.73 -14.70 19.09
N ASP B 134 2.55 -13.97 19.85
CA ASP B 134 3.93 -13.69 19.46
C ASP B 134 4.68 -15.01 19.21
N LEU B 135 5.45 -15.05 18.10
CA LEU B 135 6.23 -16.24 17.79
C LEU B 135 7.10 -16.72 18.95
N PRO B 136 7.91 -15.89 19.61
CA PRO B 136 8.70 -16.39 20.72
C PRO B 136 7.87 -16.85 21.94
N HIS B 137 6.59 -16.52 21.96
CA HIS B 137 5.71 -16.97 23.04
C HIS B 137 4.83 -18.13 22.62
N GLY B 138 5.16 -18.80 21.51
CA GLY B 138 4.48 -20.01 21.10
C GLY B 138 3.60 -19.88 19.87
N GLY B 139 3.62 -18.74 19.19
CA GLY B 139 2.85 -18.55 17.99
C GLY B 139 3.48 -19.21 16.78
N HIS B 140 2.97 -18.83 15.61
CA HIS B 140 3.40 -19.43 14.35
C HIS B 140 3.69 -18.33 13.33
N LEU B 141 4.70 -18.58 12.49
CA LEU B 141 5.10 -17.59 11.48
C LEU B 141 3.94 -17.19 10.58
N SER B 142 3.03 -18.11 10.26
CA SER B 142 1.95 -17.78 9.33
C SER B 142 0.88 -16.87 9.95
N HIS B 143 1.07 -16.44 11.20
CA HIS B 143 0.25 -15.42 11.83
C HIS B 143 0.92 -14.05 11.80
N GLY B 144 2.09 -13.96 11.20
CA GLY B 144 2.89 -12.75 11.17
C GLY B 144 4.06 -12.84 12.12
N TYR B 145 5.13 -12.13 11.77
CA TYR B 145 6.28 -11.97 12.65
C TYR B 145 7.31 -11.01 12.06
N GLN B 146 7.79 -10.09 12.87
CA GLN B 146 8.86 -9.21 12.46
C GLN B 146 9.77 -8.95 13.65
N THR B 147 11.03 -8.70 13.36
CA THR B 147 12.01 -8.34 14.36
C THR B 147 12.21 -6.83 14.34
N ASP B 148 13.18 -6.35 15.13
CA ASP B 148 13.49 -4.92 15.13
C ASP B 148 13.86 -4.42 13.74
N THR B 149 14.41 -5.30 12.89
CA THR B 149 14.99 -4.86 11.63
C THR B 149 14.42 -5.54 10.39
N LYS B 150 13.60 -6.58 10.52
CA LYS B 150 13.21 -7.33 9.35
C LYS B 150 11.84 -7.96 9.54
N LYS B 151 11.00 -7.88 8.51
CA LYS B 151 9.78 -8.66 8.45
C LYS B 151 10.13 -10.07 8.02
N ILE B 152 9.88 -11.04 8.90
CA ILE B 152 10.29 -12.42 8.67
C ILE B 152 9.22 -13.20 7.93
N SER B 153 7.99 -13.16 8.43
CA SER B 153 6.86 -13.72 7.70
C SER B 153 6.32 -12.72 6.70
N ALA B 154 6.00 -13.20 5.50
CA ALA B 154 5.39 -12.33 4.50
C ALA B 154 3.99 -11.89 4.90
N VAL B 155 3.37 -12.53 5.90
CA VAL B 155 2.12 -12.02 6.45
C VAL B 155 2.33 -10.59 6.97
N SER B 156 3.49 -10.33 7.58
CA SER B 156 3.79 -9.00 8.09
C SER B 156 4.22 -8.01 7.00
N ILE B 157 4.48 -8.50 5.79
CA ILE B 157 4.74 -7.63 4.65
C ILE B 157 3.42 -7.13 4.07
N PHE B 158 2.49 -8.04 3.82
CA PHE B 158 1.26 -7.69 3.12
C PHE B 158 0.16 -7.22 4.07
N PHE B 159 0.28 -7.51 5.36
CA PHE B 159 -0.69 -7.09 6.35
C PHE B 159 0.04 -6.45 7.51
N GLU B 160 -0.70 -5.78 8.38
CA GLU B 160 -0.11 -5.07 9.52
C GLU B 160 -0.36 -5.88 10.78
N THR B 161 0.70 -6.45 11.34
CA THR B 161 0.56 -7.40 12.44
C THR B 161 1.03 -6.79 13.76
N MET B 162 0.45 -7.29 14.85
CA MET B 162 0.90 -6.93 16.18
C MET B 162 0.71 -8.14 17.08
N PRO B 163 1.71 -8.50 17.89
CA PRO B 163 1.58 -9.69 18.73
C PRO B 163 0.79 -9.43 20.01
N TYR B 164 0.22 -10.50 20.56
CA TYR B 164 -0.11 -10.55 21.97
C TYR B 164 0.77 -11.61 22.64
N ARG B 165 0.87 -11.54 23.97
CA ARG B 165 1.93 -12.20 24.70
C ARG B 165 1.37 -13.05 25.83
N LEU B 166 2.24 -13.92 26.35
CA LEU B 166 1.99 -14.65 27.58
C LEU B 166 2.20 -13.73 28.78
N ASP B 167 1.53 -14.07 29.88
CA ASP B 167 1.95 -13.59 31.18
C ASP B 167 3.20 -14.38 31.56
N GLU B 168 4.35 -13.72 31.58
CA GLU B 168 5.58 -14.47 31.82
C GLU B 168 5.63 -15.08 33.21
N ASN B 169 4.78 -14.62 34.14
CA ASN B 169 4.78 -15.22 35.48
C ASN B 169 3.99 -16.52 35.53
N THR B 170 2.96 -16.67 34.71
CA THR B 170 2.13 -17.86 34.74
C THR B 170 2.32 -18.80 33.56
N GLY B 171 2.82 -18.29 32.43
CA GLY B 171 2.91 -19.10 31.24
C GLY B 171 1.60 -19.24 30.48
N TYR B 172 0.54 -18.58 30.92
CA TYR B 172 -0.71 -18.54 30.18
C TYR B 172 -0.80 -17.24 29.40
N ILE B 173 -1.62 -17.27 28.34
CA ILE B 173 -1.84 -16.06 27.55
C ILE B 173 -2.38 -14.96 28.44
N ASP B 174 -1.85 -13.75 28.27
CA ASP B 174 -2.30 -12.59 29.03
C ASP B 174 -3.48 -11.99 28.28
N TYR B 175 -4.69 -12.50 28.56
CA TYR B 175 -5.87 -12.03 27.84
C TYR B 175 -6.23 -10.60 28.20
N ASP B 176 -5.99 -10.18 29.44
CA ASP B 176 -6.22 -8.79 29.81
C ASP B 176 -5.40 -7.84 28.93
N GLN B 177 -4.12 -8.16 28.73
CA GLN B 177 -3.30 -7.29 27.90
C GLN B 177 -3.71 -7.38 26.43
N LEU B 178 -4.10 -8.57 25.98
CA LEU B 178 -4.62 -8.72 24.62
C LEU B 178 -5.79 -7.76 24.39
N GLU B 179 -6.75 -7.76 25.32
CA GLU B 179 -7.93 -6.92 25.18
C GLU B 179 -7.56 -5.45 25.16
N LYS B 180 -6.70 -5.01 26.07
CA LYS B 180 -6.31 -3.60 26.12
C LYS B 180 -5.55 -3.18 24.86
N SER B 181 -4.63 -4.04 24.41
CA SER B 181 -3.89 -3.77 23.17
C SER B 181 -4.83 -3.61 22.00
N ALA B 182 -5.83 -4.49 21.91
CA ALA B 182 -6.75 -4.48 20.78
C ALA B 182 -7.54 -3.18 20.71
N VAL B 183 -7.86 -2.56 21.86
CA VAL B 183 -8.59 -1.30 21.84
C VAL B 183 -7.82 -0.24 21.07
N LEU B 184 -6.49 -0.20 21.26
CA LEU B 184 -5.66 0.79 20.61
C LEU B 184 -5.34 0.42 19.17
N PHE B 185 -5.06 -0.86 18.92
CA PHE B 185 -4.57 -1.29 17.61
C PHE B 185 -5.70 -1.51 16.60
N ARG B 186 -6.90 -1.83 17.07
CA ARG B 186 -8.06 -2.02 16.21
C ARG B 186 -7.84 -3.12 15.18
N PRO B 187 -7.55 -4.35 15.60
CA PRO B 187 -7.37 -5.43 14.63
C PRO B 187 -8.68 -5.70 13.87
N LYS B 188 -8.52 -6.09 12.61
CA LYS B 188 -9.66 -6.60 11.84
C LYS B 188 -9.81 -8.10 11.97
N LEU B 189 -8.79 -8.79 12.50
CA LEU B 189 -8.79 -10.23 12.64
C LEU B 189 -7.84 -10.57 13.79
N ILE B 190 -8.28 -11.48 14.65
CA ILE B 190 -7.46 -11.97 15.76
C ILE B 190 -7.35 -13.48 15.62
N VAL B 191 -6.13 -13.98 15.73
CA VAL B 191 -5.86 -15.41 15.58
C VAL B 191 -5.79 -16.05 16.97
N ALA B 192 -6.55 -17.14 17.15
CA ALA B 192 -6.50 -17.96 18.36
C ALA B 192 -5.92 -19.31 17.96
N GLY B 193 -4.60 -19.45 18.13
CA GLY B 193 -3.95 -20.70 17.79
C GLY B 193 -2.46 -20.63 18.03
N ALA B 194 -1.83 -21.76 18.31
CA ALA B 194 -0.44 -21.74 18.72
C ALA B 194 0.28 -23.01 18.25
N SER B 195 1.60 -22.93 18.22
CA SER B 195 2.49 -24.06 17.95
C SER B 195 3.18 -24.61 19.18
N ALA B 196 3.37 -23.81 20.22
CA ALA B 196 4.12 -24.25 21.38
C ALA B 196 3.47 -23.77 22.67
N TYR B 197 2.14 -23.77 22.70
CA TYR B 197 1.37 -23.46 23.90
C TYR B 197 0.84 -24.76 24.49
N ALA B 198 1.09 -24.99 25.78
CA ALA B 198 0.73 -26.25 26.41
C ALA B 198 -0.63 -26.22 27.10
N ARG B 199 -1.38 -25.13 26.98
CA ARG B 199 -2.65 -25.00 27.68
C ARG B 199 -3.78 -24.81 26.67
N LEU B 200 -5.02 -24.93 27.16
CA LEU B 200 -6.17 -24.74 26.30
C LEU B 200 -6.46 -23.25 26.13
N TYR B 201 -6.88 -22.88 24.92
CA TYR B 201 -7.23 -21.49 24.65
C TYR B 201 -8.54 -21.12 25.34
N ASP B 202 -8.61 -19.87 25.80
CA ASP B 202 -9.86 -19.31 26.28
C ASP B 202 -10.58 -18.72 25.06
N TYR B 203 -11.21 -19.60 24.28
CA TYR B 203 -11.89 -19.15 23.07
C TYR B 203 -13.03 -18.19 23.37
N ALA B 204 -13.70 -18.39 24.52
CA ALA B 204 -14.77 -17.48 24.92
C ALA B 204 -14.25 -16.06 25.09
N ARG B 205 -13.07 -15.90 25.71
CA ARG B 205 -12.49 -14.59 25.89
C ARG B 205 -12.09 -13.96 24.56
N ILE B 206 -11.46 -14.76 23.67
CA ILE B 206 -11.12 -14.25 22.34
C ILE B 206 -12.39 -13.79 21.63
N ARG B 207 -13.47 -14.55 21.74
CA ARG B 207 -14.74 -14.17 21.11
C ARG B 207 -15.24 -12.84 21.65
N LYS B 208 -15.17 -12.65 22.97
CA LYS B 208 -15.59 -11.38 23.56
C LYS B 208 -14.80 -10.21 22.98
N VAL B 209 -13.47 -10.36 22.85
CA VAL B 209 -12.65 -9.29 22.31
C VAL B 209 -12.97 -9.05 20.83
N CYS B 210 -13.13 -10.14 20.07
CA CYS B 210 -13.46 -9.99 18.65
C CYS B 210 -14.80 -9.28 18.48
N ASN B 211 -15.79 -9.61 19.32
CA ASN B 211 -17.08 -8.93 19.22
C ASN B 211 -16.95 -7.44 19.50
N LYS B 212 -16.19 -7.07 20.53
CA LYS B 212 -16.03 -5.66 20.86
C LYS B 212 -15.29 -4.92 19.74
N GLN B 213 -14.34 -5.57 19.09
CA GLN B 213 -13.56 -4.92 18.05
C GLN B 213 -14.15 -5.09 16.66
N LYS B 214 -15.26 -5.82 16.53
CA LYS B 214 -15.82 -6.21 15.24
C LYS B 214 -14.73 -6.85 14.35
N ALA B 215 -13.96 -7.74 14.96
CA ALA B 215 -12.89 -8.45 14.29
C ALA B 215 -13.32 -9.88 13.99
N VAL B 216 -12.79 -10.41 12.90
CA VAL B 216 -12.94 -11.83 12.60
C VAL B 216 -12.15 -12.64 13.63
N MET B 217 -12.80 -13.66 14.19
CA MET B 217 -12.13 -14.63 15.06
C MET B 217 -11.68 -15.82 14.22
N LEU B 218 -10.38 -15.95 14.01
CA LEU B 218 -9.79 -17.08 13.31
C LEU B 218 -9.13 -18.00 14.35
N ALA B 219 -9.61 -19.23 14.45
CA ALA B 219 -8.95 -20.23 15.27
C ALA B 219 -8.07 -21.06 14.36
N ASP B 220 -6.78 -21.15 14.67
CA ASP B 220 -5.86 -21.99 13.92
C ASP B 220 -5.57 -23.19 14.80
N MET B 221 -6.28 -24.30 14.56
CA MET B 221 -6.22 -25.46 15.45
C MET B 221 -5.27 -26.54 14.94
N ALA B 222 -4.32 -26.18 14.06
CA ALA B 222 -3.40 -27.15 13.46
C ALA B 222 -2.88 -28.18 14.45
N HIS B 223 -2.39 -27.74 15.61
CA HIS B 223 -1.76 -28.68 16.52
C HIS B 223 -2.77 -29.58 17.22
N ILE B 224 -4.00 -29.11 17.42
CA ILE B 224 -4.95 -29.80 18.29
C ILE B 224 -6.12 -30.40 17.52
N SER B 225 -6.09 -30.35 16.19
CA SER B 225 -7.28 -30.70 15.42
C SER B 225 -7.73 -32.13 15.68
N GLY B 226 -6.80 -33.07 15.83
CA GLY B 226 -7.19 -34.45 16.11
C GLY B 226 -7.82 -34.59 17.48
N LEU B 227 -7.31 -33.85 18.47
CA LEU B 227 -7.93 -33.82 19.79
C LEU B 227 -9.34 -33.27 19.74
N VAL B 228 -9.53 -32.21 18.94
CA VAL B 228 -10.86 -31.60 18.78
C VAL B 228 -11.80 -32.58 18.10
N ALA B 229 -11.33 -33.22 17.01
CA ALA B 229 -12.17 -34.16 16.29
C ALA B 229 -12.66 -35.28 17.20
N ALA B 230 -11.80 -35.80 18.07
CA ALA B 230 -12.18 -36.87 18.96
C ALA B 230 -13.00 -36.40 20.15
N GLY B 231 -13.17 -35.09 20.33
CA GLY B 231 -13.95 -34.55 21.43
C GLY B 231 -13.30 -34.63 22.79
N VAL B 232 -11.96 -34.74 22.84
CA VAL B 232 -11.28 -34.88 24.13
C VAL B 232 -10.79 -33.55 24.70
N ILE B 233 -10.89 -32.46 23.93
CA ILE B 233 -10.72 -31.09 24.44
C ILE B 233 -11.84 -30.24 23.87
N PRO B 234 -12.08 -29.06 24.46
CA PRO B 234 -13.14 -28.18 23.93
C PRO B 234 -12.84 -27.71 22.51
N SER B 235 -13.92 -27.51 21.75
CA SER B 235 -13.81 -27.25 20.32
C SER B 235 -13.77 -25.75 20.02
N PRO B 236 -12.84 -25.27 19.19
CA PRO B 236 -12.90 -23.85 18.78
C PRO B 236 -14.12 -23.51 17.95
N PHE B 237 -14.79 -24.51 17.36
CA PHE B 237 -15.98 -24.25 16.55
C PHE B 237 -17.13 -23.71 17.39
N GLU B 238 -17.05 -23.84 18.71
CA GLU B 238 -18.07 -23.25 19.56
C GLU B 238 -18.07 -21.72 19.47
N TYR B 239 -16.96 -21.11 19.06
CA TYR B 239 -16.83 -19.65 19.14
C TYR B 239 -16.34 -18.99 17.85
N ALA B 240 -15.48 -19.66 17.09
CA ALA B 240 -14.75 -18.99 16.01
C ALA B 240 -15.64 -18.71 14.80
N ASP B 241 -15.22 -17.70 14.02
CA ASP B 241 -15.86 -17.42 12.73
C ASP B 241 -15.29 -18.30 11.64
N VAL B 242 -13.98 -18.49 11.67
CA VAL B 242 -13.22 -19.25 10.69
C VAL B 242 -12.26 -20.13 11.47
N VAL B 243 -12.03 -21.34 10.99
CA VAL B 243 -11.11 -22.28 11.64
C VAL B 243 -10.20 -22.85 10.56
N THR B 244 -8.90 -22.63 10.70
CA THR B 244 -7.93 -23.29 9.83
C THR B 244 -7.25 -24.44 10.56
N THR B 245 -6.74 -25.39 9.77
CA THR B 245 -5.98 -26.48 10.35
C THR B 245 -5.14 -27.13 9.26
N THR B 246 -3.97 -27.62 9.67
CA THR B 246 -3.27 -28.60 8.86
C THR B 246 -3.91 -29.97 9.04
N THR B 247 -3.61 -30.88 8.14
CA THR B 247 -4.18 -32.21 8.21
C THR B 247 -3.17 -33.28 8.63
N HIS B 248 -1.90 -32.91 8.84
CA HIS B 248 -0.83 -33.87 9.05
C HIS B 248 -0.33 -33.97 10.50
N LYS B 249 -0.85 -33.17 11.43
CA LYS B 249 -0.34 -33.23 12.79
C LYS B 249 -1.20 -34.20 13.61
N SER B 250 -1.81 -33.74 14.71
CA SER B 250 -2.60 -34.66 15.51
C SER B 250 -3.76 -35.27 14.73
N LEU B 251 -4.22 -34.62 13.64
CA LEU B 251 -5.27 -35.21 12.84
C LEU B 251 -4.83 -36.53 12.21
N ARG B 252 -3.53 -36.68 11.96
CA ARG B 252 -2.91 -37.92 11.47
C ARG B 252 -3.26 -38.20 10.01
N GLY B 253 -3.43 -37.15 9.21
CA GLY B 253 -3.72 -37.31 7.81
C GLY B 253 -2.55 -36.96 6.92
N PRO B 254 -2.82 -36.74 5.63
CA PRO B 254 -1.76 -36.33 4.70
C PRO B 254 -1.33 -34.90 4.96
N ARG B 255 -0.26 -34.50 4.28
CA ARG B 255 0.16 -33.10 4.37
C ARG B 255 -0.79 -32.23 3.54
N GLY B 256 -1.46 -31.31 4.22
CA GLY B 256 -2.50 -30.53 3.58
C GLY B 256 -3.17 -29.64 4.61
N ALA B 257 -4.32 -29.08 4.24
CA ALA B 257 -4.98 -28.14 5.14
C ALA B 257 -6.46 -28.05 4.82
N MET B 258 -7.21 -27.52 5.77
CA MET B 258 -8.63 -27.24 5.58
C MET B 258 -8.95 -25.87 6.14
N ILE B 259 -9.94 -25.20 5.53
CA ILE B 259 -10.46 -23.93 6.03
C ILE B 259 -11.95 -24.11 6.24
N PHE B 260 -12.40 -23.98 7.48
CA PHE B 260 -13.81 -24.02 7.84
C PHE B 260 -14.31 -22.61 8.06
N PHE B 261 -15.59 -22.37 7.78
CA PHE B 261 -16.13 -21.03 7.93
C PHE B 261 -17.62 -21.10 8.18
N ARG B 262 -18.12 -20.16 8.99
N ARG B 262 -18.13 -20.14 8.95
CA ARG B 262 -19.56 -20.05 9.18
CA ARG B 262 -19.56 -20.05 9.19
C ARG B 262 -20.23 -19.68 7.85
C ARG B 262 -20.28 -19.59 7.92
N LYS B 263 -21.47 -20.13 7.71
CA LYS B 263 -22.28 -19.83 6.53
C LYS B 263 -23.73 -19.77 6.98
N GLY B 264 -24.59 -19.29 6.09
CA GLY B 264 -25.99 -19.18 6.42
C GLY B 264 -26.28 -17.95 7.27
N LEU B 265 -27.40 -18.01 7.98
CA LEU B 265 -27.87 -16.87 8.75
C LEU B 265 -26.94 -16.55 9.91
N LYS B 266 -26.66 -15.26 10.08
CA LYS B 266 -25.92 -14.82 11.25
C LYS B 266 -26.82 -14.87 12.48
N GLU B 267 -26.19 -14.77 13.65
CA GLU B 267 -26.91 -14.63 14.90
C GLU B 267 -27.90 -13.47 14.80
N ILE B 268 -29.01 -13.60 15.52
CA ILE B 268 -30.08 -12.60 15.49
C ILE B 268 -29.52 -11.19 15.68
N ASN B 269 -28.62 -11.02 16.65
CA ASN B 269 -28.16 -9.68 17.00
C ASN B 269 -27.02 -9.20 16.10
N LYS B 270 -26.64 -9.97 15.09
CA LYS B 270 -25.59 -9.59 14.16
C LYS B 270 -26.08 -9.48 12.72
N GLN B 271 -27.38 -9.66 12.49
CA GLN B 271 -27.93 -9.45 11.15
C GLN B 271 -28.15 -7.96 10.90
N GLY B 272 -27.80 -7.51 9.71
CA GLY B 272 -27.97 -6.10 9.39
C GLY B 272 -28.34 -5.89 7.95
N LYS B 273 -27.58 -5.04 7.25
CA LYS B 273 -27.81 -4.89 5.81
C LYS B 273 -27.64 -6.21 5.09
N GLU B 274 -26.81 -7.11 5.62
CA GLU B 274 -26.78 -8.49 5.20
C GLU B 274 -27.15 -9.38 6.38
N VAL B 275 -28.01 -10.37 6.12
CA VAL B 275 -28.40 -11.30 7.18
C VAL B 275 -27.55 -12.56 7.17
N MET B 276 -26.84 -12.84 6.08
CA MET B 276 -26.04 -14.05 5.92
C MET B 276 -24.58 -13.76 6.19
N TYR B 277 -23.88 -14.77 6.71
CA TYR B 277 -22.43 -14.69 6.79
C TYR B 277 -21.83 -14.44 5.41
N ASP B 278 -20.70 -13.72 5.40
CA ASP B 278 -19.99 -13.35 4.19
C ASP B 278 -18.55 -13.88 4.25
N TYR B 279 -18.39 -15.18 4.51
CA TYR B 279 -17.09 -15.82 4.51
C TYR B 279 -16.90 -16.82 3.37
N GLU B 280 -17.97 -17.55 3.02
CA GLU B 280 -17.83 -18.72 2.15
C GLU B 280 -17.31 -18.33 0.77
N ASP B 281 -17.99 -17.41 0.10
CA ASP B 281 -17.58 -17.05 -1.26
C ASP B 281 -16.22 -16.38 -1.24
N ARG B 282 -15.96 -15.51 -0.25
CA ARG B 282 -14.69 -14.82 -0.21
C ARG B 282 -13.53 -15.79 0.01
N ILE B 283 -13.68 -16.75 0.91
CA ILE B 283 -12.61 -17.69 1.16
C ILE B 283 -12.43 -18.63 -0.03
N ASN B 284 -13.52 -19.18 -0.55
CA ASN B 284 -13.40 -20.09 -1.70
C ASN B 284 -12.73 -19.38 -2.88
N GLN B 285 -13.08 -18.10 -3.11
CA GLN B 285 -12.48 -17.37 -4.23
C GLN B 285 -11.04 -16.97 -3.96
N ALA B 286 -10.66 -16.73 -2.70
CA ALA B 286 -9.26 -16.47 -2.39
C ALA B 286 -8.40 -17.69 -2.65
N VAL B 287 -8.92 -18.88 -2.36
CA VAL B 287 -8.19 -20.11 -2.66
C VAL B 287 -8.08 -20.29 -4.17
N PHE B 288 -9.20 -20.22 -4.88
CA PHE B 288 -9.20 -20.27 -6.33
C PHE B 288 -10.35 -19.39 -6.82
N PRO B 289 -10.11 -18.43 -7.72
CA PRO B 289 -8.88 -18.22 -8.52
C PRO B 289 -7.81 -17.34 -7.87
N GLY B 290 -7.96 -16.97 -6.61
CA GLY B 290 -7.07 -15.97 -6.04
C GLY B 290 -5.61 -16.35 -5.95
N LEU B 291 -5.32 -17.49 -5.29
CA LEU B 291 -3.95 -17.80 -4.91
C LEU B 291 -3.49 -19.20 -5.28
N GLN B 292 -4.39 -20.11 -5.63
CA GLN B 292 -4.01 -21.45 -6.06
C GLN B 292 -4.58 -21.74 -7.43
N GLY B 293 -4.03 -22.77 -8.06
CA GLY B 293 -4.51 -23.29 -9.33
C GLY B 293 -5.20 -24.63 -9.13
N GLY B 294 -4.66 -25.68 -9.74
CA GLY B 294 -5.29 -26.99 -9.70
C GLY B 294 -5.20 -27.61 -8.32
N PRO B 295 -6.33 -28.10 -7.80
CA PRO B 295 -6.30 -28.86 -6.54
C PRO B 295 -5.41 -30.09 -6.65
N HIS B 296 -4.83 -30.49 -5.53
CA HIS B 296 -4.03 -31.71 -5.48
C HIS B 296 -4.95 -32.84 -5.07
N ASN B 297 -5.54 -33.52 -6.06
CA ASN B 297 -6.60 -34.46 -5.75
C ASN B 297 -6.11 -35.73 -5.10
N HIS B 298 -4.83 -36.07 -5.27
CA HIS B 298 -4.29 -37.20 -4.52
C HIS B 298 -4.29 -36.89 -3.02
N THR B 299 -3.89 -35.67 -2.64
CA THR B 299 -3.93 -35.27 -1.23
C THR B 299 -5.37 -35.18 -0.72
N ILE B 300 -6.28 -34.60 -1.51
CA ILE B 300 -7.67 -34.48 -1.08
C ILE B 300 -8.28 -35.85 -0.84
N THR B 301 -7.94 -36.82 -1.70
CA THR B 301 -8.46 -38.18 -1.53
C THR B 301 -7.88 -38.84 -0.29
N GLY B 302 -6.59 -38.67 -0.04
CA GLY B 302 -6.00 -39.17 1.19
C GLY B 302 -6.60 -38.50 2.41
N LEU B 303 -6.92 -37.21 2.30
CA LEU B 303 -7.56 -36.49 3.40
C LEU B 303 -8.94 -37.09 3.71
N ALA B 304 -9.72 -37.43 2.67
CA ALA B 304 -10.99 -38.10 2.89
C ALA B 304 -10.83 -39.36 3.72
N VAL B 305 -9.79 -40.15 3.40
CA VAL B 305 -9.50 -41.36 4.16
C VAL B 305 -9.22 -41.03 5.62
N ALA B 306 -8.35 -40.05 5.86
CA ALA B 306 -7.99 -39.69 7.23
C ALA B 306 -9.21 -39.20 8.02
N LEU B 307 -10.11 -38.47 7.35
CA LEU B 307 -11.28 -37.94 8.06
C LEU B 307 -12.27 -39.04 8.43
N LYS B 308 -12.37 -40.09 7.63
CA LYS B 308 -13.17 -41.24 8.03
C LYS B 308 -12.56 -41.93 9.24
N GLN B 309 -11.22 -42.08 9.24
CA GLN B 309 -10.55 -42.70 10.38
C GLN B 309 -10.77 -41.90 11.67
N ALA B 310 -10.93 -40.58 11.55
CA ALA B 310 -11.09 -39.71 12.71
C ALA B 310 -12.41 -39.92 13.44
N ARG B 311 -13.36 -40.65 12.85
CA ARG B 311 -14.66 -40.91 13.46
C ARG B 311 -14.68 -42.13 14.37
N THR B 312 -13.65 -42.97 14.35
CA THR B 312 -13.79 -44.29 14.95
C THR B 312 -13.56 -44.25 16.45
N PRO B 313 -14.07 -45.26 17.17
CA PRO B 313 -13.74 -45.35 18.61
C PRO B 313 -12.26 -45.56 18.86
N GLU B 314 -11.58 -46.27 17.96
CA GLU B 314 -10.14 -46.47 18.08
C GLU B 314 -9.41 -45.13 18.02
N TYR B 315 -9.89 -44.22 17.17
CA TYR B 315 -9.27 -42.91 17.05
C TYR B 315 -9.48 -42.07 18.30
N LYS B 316 -10.68 -42.14 18.88
CA LYS B 316 -10.93 -41.42 20.12
C LYS B 316 -10.05 -41.97 21.24
N ALA B 317 -9.95 -43.31 21.33
CA ALA B 317 -9.05 -43.91 22.31
C ALA B 317 -7.62 -43.45 22.11
N TYR B 318 -7.19 -43.32 20.85
CA TYR B 318 -5.84 -42.83 20.55
C TYR B 318 -5.63 -41.42 21.10
N GLN B 319 -6.57 -40.51 20.81
CA GLN B 319 -6.41 -39.13 21.28
C GLN B 319 -6.51 -39.03 22.80
N ASP B 320 -7.37 -39.85 23.42
N ASP B 320 -7.34 -39.87 23.42
CA ASP B 320 -7.36 -39.93 24.87
CA ASP B 320 -7.35 -39.92 24.87
C ASP B 320 -5.98 -40.34 25.39
C ASP B 320 -6.00 -40.36 25.42
N GLN B 321 -5.35 -41.32 24.75
CA GLN B 321 -4.04 -41.77 25.17
C GLN B 321 -2.97 -40.68 24.95
N VAL B 322 -3.12 -39.91 23.88
CA VAL B 322 -2.20 -38.79 23.63
C VAL B 322 -2.19 -37.85 24.84
N LEU B 323 -3.38 -37.49 25.34
CA LEU B 323 -3.47 -36.58 26.48
C LEU B 323 -2.93 -37.22 27.75
N ARG B 324 -3.31 -38.48 28.01
CA ARG B 324 -2.85 -39.14 29.23
C ARG B 324 -1.35 -39.34 29.21
N ASN B 325 -0.79 -39.66 28.03
CA ASN B 325 0.65 -39.80 27.91
C ASN B 325 1.36 -38.48 28.20
N CYS B 326 0.80 -37.38 27.71
CA CYS B 326 1.49 -36.11 27.90
C CYS B 326 1.40 -35.66 29.35
N SER B 327 0.28 -35.93 30.01
CA SER B 327 0.17 -35.65 31.45
C SER B 327 1.22 -36.42 32.25
N LYS B 328 1.36 -37.72 31.97
CA LYS B 328 2.36 -38.53 32.66
C LYS B 328 3.77 -38.04 32.33
N PHE B 329 4.01 -37.74 31.06
CA PHE B 329 5.30 -37.21 30.61
C PHE B 329 5.67 -35.96 31.40
N ALA B 330 4.73 -35.03 31.53
CA ALA B 330 5.01 -33.78 32.26
C ALA B 330 5.30 -34.06 33.73
N GLU B 331 4.51 -34.94 34.35
CA GLU B 331 4.71 -35.29 35.75
C GLU B 331 6.10 -35.87 35.98
N THR B 332 6.54 -36.74 35.09
CA THR B 332 7.85 -37.37 35.22
C THR B 332 8.96 -36.34 35.04
N LEU B 333 8.79 -35.41 34.10
CA LEU B 333 9.78 -34.37 33.90
C LEU B 333 9.88 -33.45 35.11
N LEU B 334 8.73 -33.07 35.67
CA LEU B 334 8.74 -32.22 36.86
C LEU B 334 9.43 -32.90 38.02
N ALA B 335 9.19 -34.21 38.20
CA ALA B 335 9.79 -34.96 39.28
C ALA B 335 11.31 -35.15 39.11
N LYS B 336 11.80 -35.09 37.87
CA LYS B 336 13.23 -35.10 37.60
C LYS B 336 13.83 -33.71 37.61
N GLY B 337 13.06 -32.69 38.00
CA GLY B 337 13.59 -31.36 38.22
C GLY B 337 13.41 -30.39 37.08
N TYR B 338 12.81 -30.80 35.98
CA TYR B 338 12.70 -29.90 34.83
C TYR B 338 11.60 -28.87 35.06
N ASP B 339 11.87 -27.65 34.60
CA ASP B 339 10.90 -26.56 34.62
C ASP B 339 10.09 -26.62 33.34
N LEU B 340 8.76 -26.57 33.47
CA LEU B 340 7.88 -26.55 32.30
C LEU B 340 7.18 -25.20 32.20
N VAL B 341 7.11 -24.66 30.98
CA VAL B 341 6.41 -23.40 30.78
C VAL B 341 4.93 -23.61 31.10
N SER B 342 4.38 -22.75 31.96
CA SER B 342 3.05 -22.86 32.55
C SER B 342 2.96 -23.96 33.60
N GLY B 343 4.07 -24.66 33.91
CA GLY B 343 4.10 -25.63 34.97
C GLY B 343 3.48 -26.97 34.67
N GLY B 344 3.06 -27.22 33.42
CA GLY B 344 2.39 -28.47 33.09
C GLY B 344 1.81 -28.41 31.69
N THR B 345 0.75 -29.19 31.48
CA THR B 345 0.14 -29.28 30.17
C THR B 345 -1.34 -29.64 30.29
N ASP B 346 -2.13 -29.11 29.34
CA ASP B 346 -3.50 -29.55 29.09
C ASP B 346 -3.64 -30.25 27.75
N ASN B 347 -2.56 -30.42 26.98
CA ASN B 347 -2.75 -30.95 25.63
C ASN B 347 -1.69 -32.00 25.29
N HIS B 348 -1.21 -31.97 24.06
CA HIS B 348 -0.34 -33.01 23.51
C HIS B 348 1.15 -32.68 23.63
N LEU B 349 1.52 -31.52 24.18
CA LEU B 349 2.92 -31.14 24.18
C LEU B 349 3.34 -30.57 25.54
N VAL B 350 4.65 -30.49 25.74
CA VAL B 350 5.26 -29.78 26.87
C VAL B 350 6.36 -28.89 26.31
N LEU B 351 6.70 -27.85 27.06
CA LEU B 351 7.81 -26.97 26.72
C LEU B 351 8.73 -26.89 27.94
N VAL B 352 9.88 -27.55 27.85
CA VAL B 352 10.84 -27.56 28.94
C VAL B 352 11.69 -26.29 28.85
N ASN B 353 11.76 -25.54 29.95
CA ASN B 353 12.62 -24.37 30.07
C ASN B 353 13.88 -24.80 30.81
N LEU B 354 15.01 -24.85 30.09
CA LEU B 354 16.25 -25.37 30.65
C LEU B 354 17.03 -24.36 31.48
N LYS B 355 16.45 -23.20 31.79
CA LYS B 355 17.21 -22.18 32.49
C LYS B 355 17.69 -22.68 33.85
N ASN B 356 16.86 -23.42 34.58
CA ASN B 356 17.25 -23.89 35.91
C ASN B 356 18.34 -24.97 35.86
N LYS B 357 18.74 -25.41 34.66
CA LYS B 357 19.79 -26.40 34.52
C LYS B 357 21.10 -25.83 34.00
N GLY B 358 21.14 -24.56 33.60
CA GLY B 358 22.38 -23.96 33.18
C GLY B 358 22.87 -24.39 31.81
N ILE B 359 21.95 -24.68 30.90
CA ILE B 359 22.31 -25.05 29.53
C ILE B 359 21.18 -24.64 28.62
N ASP B 360 21.48 -24.43 27.34
CA ASP B 360 20.48 -23.93 26.41
C ASP B 360 19.96 -25.05 25.51
N GLY B 361 18.94 -24.70 24.72
CA GLY B 361 18.28 -25.70 23.89
C GLY B 361 19.13 -26.20 22.75
N SER B 362 19.99 -25.34 22.20
CA SER B 362 20.84 -25.77 21.09
C SER B 362 21.76 -26.90 21.52
N ARG B 363 22.40 -26.75 22.69
CA ARG B 363 23.31 -27.78 23.16
C ARG B 363 22.58 -29.10 23.45
N VAL B 364 21.41 -29.02 24.09
CA VAL B 364 20.69 -30.25 24.44
C VAL B 364 20.18 -30.94 23.17
N GLU B 365 19.62 -30.18 22.23
CA GLU B 365 19.08 -30.80 21.01
C GLU B 365 20.17 -31.49 20.20
N LYS B 366 21.40 -30.96 20.22
CA LYS B 366 22.49 -31.62 19.50
C LYS B 366 22.75 -33.01 20.07
N VAL B 367 22.71 -33.15 21.39
CA VAL B 367 22.86 -34.47 21.99
C VAL B 367 21.64 -35.35 21.70
N LEU B 368 20.43 -34.78 21.81
CA LEU B 368 19.22 -35.56 21.50
C LEU B 368 19.31 -36.16 20.11
N GLU B 369 19.72 -35.36 19.13
CA GLU B 369 19.83 -35.85 17.75
C GLU B 369 20.79 -37.02 17.66
N LEU B 370 21.94 -36.94 18.35
CA LEU B 370 22.92 -38.02 18.29
C LEU B 370 22.45 -39.30 18.99
N VAL B 371 21.51 -39.22 19.93
CA VAL B 371 20.98 -40.42 20.57
C VAL B 371 19.62 -40.81 19.99
N HIS B 372 19.30 -40.28 18.81
N HIS B 372 19.28 -40.31 18.79
CA HIS B 372 18.09 -40.61 18.05
CA HIS B 372 18.08 -40.72 18.06
C HIS B 372 16.82 -40.30 18.83
C HIS B 372 16.79 -40.25 18.75
N ILE B 373 16.83 -39.14 19.47
CA ILE B 373 15.64 -38.51 20.03
C ILE B 373 15.40 -37.24 19.21
N ALA B 374 14.26 -37.20 18.51
CA ALA B 374 13.94 -36.10 17.61
C ALA B 374 13.01 -35.12 18.33
N ALA B 375 13.50 -33.91 18.57
CA ALA B 375 12.74 -32.86 19.22
C ALA B 375 13.15 -31.55 18.57
N ASN B 376 12.85 -30.42 19.20
CA ASN B 376 13.34 -29.16 18.67
C ASN B 376 13.66 -28.20 19.80
N LYS B 377 14.77 -27.49 19.63
CA LYS B 377 15.03 -26.33 20.46
C LYS B 377 13.94 -25.30 20.23
N ASN B 378 13.62 -24.55 21.29
CA ASN B 378 12.43 -23.72 21.25
C ASN B 378 12.64 -22.54 22.19
N THR B 379 12.31 -21.34 21.71
CA THR B 379 12.32 -20.16 22.56
C THR B 379 11.38 -20.38 23.75
N VAL B 380 11.78 -19.85 24.90
CA VAL B 380 10.94 -19.86 26.09
C VAL B 380 10.79 -18.42 26.59
N PRO B 381 9.72 -18.09 27.31
CA PRO B 381 9.61 -16.74 27.88
C PRO B 381 10.81 -16.44 28.77
N GLY B 382 11.33 -15.23 28.65
CA GLY B 382 12.50 -14.81 29.38
C GLY B 382 13.80 -14.92 28.60
N ASP B 383 13.81 -15.65 27.48
CA ASP B 383 14.99 -15.70 26.61
C ASP B 383 15.35 -14.30 26.16
N VAL B 384 16.64 -13.96 26.27
CA VAL B 384 17.11 -12.65 25.84
C VAL B 384 17.09 -12.55 24.32
N SER B 385 17.43 -13.64 23.63
CA SER B 385 17.57 -13.63 22.18
C SER B 385 16.83 -14.82 21.57
N ALA B 386 16.18 -14.57 20.43
CA ALA B 386 15.56 -15.65 19.68
C ALA B 386 16.60 -16.56 19.02
N MET B 387 17.81 -16.05 18.78
CA MET B 387 18.89 -16.86 18.23
C MET B 387 19.38 -17.93 19.20
N VAL B 388 19.17 -17.73 20.50
CA VAL B 388 19.68 -18.65 21.52
C VAL B 388 18.50 -19.20 22.31
N PRO B 389 17.78 -20.19 21.78
CA PRO B 389 16.58 -20.69 22.47
C PRO B 389 16.94 -21.42 23.76
N GLY B 390 16.19 -21.13 24.80
CA GLY B 390 16.46 -21.72 26.11
C GLY B 390 15.66 -22.96 26.43
N GLY B 391 14.89 -23.52 25.50
CA GLY B 391 13.99 -24.60 25.83
C GLY B 391 14.03 -25.73 24.82
N ILE B 392 13.26 -26.79 25.15
CA ILE B 392 13.06 -27.93 24.28
C ILE B 392 11.58 -28.24 24.24
N ARG B 393 11.02 -28.39 23.04
CA ARG B 393 9.62 -28.73 22.87
C ARG B 393 9.50 -30.22 22.54
N MET B 394 8.57 -30.90 23.21
CA MET B 394 8.35 -32.33 23.03
C MET B 394 6.86 -32.63 23.16
N GLY B 395 6.40 -33.69 22.48
CA GLY B 395 5.01 -34.06 22.59
C GLY B 395 4.75 -35.53 22.30
N THR B 396 3.50 -35.92 22.47
CA THR B 396 3.17 -37.35 22.44
C THR B 396 2.46 -37.91 21.20
N PRO B 397 1.95 -37.12 20.23
CA PRO B 397 1.17 -37.77 19.15
C PRO B 397 1.88 -38.92 18.42
N ALA B 398 3.13 -38.75 18.02
CA ALA B 398 3.75 -39.72 17.10
C ALA B 398 4.02 -41.05 17.81
N LEU B 399 4.66 -41.02 18.98
CA LEU B 399 4.93 -42.29 19.65
C LEU B 399 3.66 -42.93 20.19
N THR B 400 2.65 -42.13 20.54
CA THR B 400 1.37 -42.71 20.93
C THR B 400 0.76 -43.51 19.79
N SER B 401 0.95 -43.04 18.54
CA SER B 401 0.46 -43.77 17.39
C SER B 401 1.12 -45.15 17.27
N ARG B 402 2.36 -45.28 17.73
CA ARG B 402 3.05 -46.57 17.71
C ARG B 402 2.71 -47.45 18.91
N GLY B 403 1.90 -46.97 19.84
CA GLY B 403 1.49 -47.74 20.99
C GLY B 403 2.18 -47.43 22.29
N PHE B 404 2.96 -46.35 22.36
CA PHE B 404 3.50 -45.93 23.66
C PHE B 404 2.35 -45.59 24.60
N ILE B 405 2.44 -46.06 25.84
CA ILE B 405 1.48 -45.67 26.86
C ILE B 405 2.23 -44.99 27.99
N GLU B 406 1.57 -44.80 29.14
CA GLU B 406 2.08 -43.87 30.16
C GLU B 406 3.46 -44.28 30.66
N GLU B 407 3.66 -45.56 30.96
CA GLU B 407 4.95 -45.99 31.47
C GLU B 407 6.05 -45.89 30.40
N ASP B 408 5.67 -45.94 29.12
CA ASP B 408 6.67 -45.76 28.06
C ASP B 408 7.14 -44.32 27.99
N PHE B 409 6.24 -43.35 28.21
CA PHE B 409 6.68 -41.97 28.22
C PHE B 409 7.42 -41.60 29.49
N ALA B 410 7.19 -42.31 30.59
CA ALA B 410 8.09 -42.21 31.73
C ALA B 410 9.51 -42.59 31.33
N LYS B 411 9.64 -43.61 30.49
CA LYS B 411 10.96 -44.01 30.01
C LYS B 411 11.54 -42.96 29.06
N VAL B 412 10.69 -42.36 28.21
CA VAL B 412 11.18 -41.29 27.33
C VAL B 412 11.75 -40.15 28.17
N ALA B 413 11.06 -39.78 29.24
CA ALA B 413 11.53 -38.71 30.12
C ALA B 413 12.87 -39.07 30.76
N GLU B 414 13.02 -40.34 31.14
CA GLU B 414 14.28 -40.81 31.70
C GLU B 414 15.43 -40.64 30.71
N TYR B 415 15.20 -41.04 29.45
CA TYR B 415 16.28 -40.96 28.46
C TYR B 415 16.55 -39.52 28.05
N PHE B 416 15.50 -38.69 28.00
CA PHE B 416 15.72 -37.26 27.83
C PHE B 416 16.63 -36.72 28.93
N ASP B 417 16.37 -37.12 30.17
CA ASP B 417 17.15 -36.65 31.30
C ASP B 417 18.61 -37.07 31.17
N LEU B 418 18.85 -38.33 30.74
CA LEU B 418 20.22 -38.80 30.55
C LEU B 418 20.93 -38.02 29.44
N ALA B 419 20.19 -37.64 28.40
CA ALA B 419 20.78 -36.83 27.34
C ALA B 419 21.16 -35.44 27.83
N VAL B 420 20.31 -34.83 28.66
CA VAL B 420 20.66 -33.53 29.23
C VAL B 420 21.92 -33.64 30.08
N LYS B 421 22.03 -34.70 30.87
CA LYS B 421 23.22 -34.89 31.69
C LYS B 421 24.49 -35.02 30.83
N ILE B 422 24.37 -35.66 29.66
CA ILE B 422 25.52 -35.74 28.77
C ILE B 422 25.86 -34.37 28.20
N ALA B 423 24.83 -33.61 27.80
CA ALA B 423 25.07 -32.25 27.31
C ALA B 423 25.78 -31.40 28.35
N LEU B 424 25.38 -31.54 29.63
CA LEU B 424 26.03 -30.79 30.69
C LEU B 424 27.49 -31.19 30.85
N LYS B 425 27.80 -32.48 30.66
CA LYS B 425 29.19 -32.91 30.69
C LYS B 425 29.99 -32.35 29.52
N ILE B 426 29.39 -32.37 28.32
CA ILE B 426 30.06 -31.79 27.16
C ILE B 426 30.34 -30.31 27.40
N LYS B 427 29.39 -29.60 28.01
CA LYS B 427 29.63 -28.19 28.32
C LYS B 427 30.74 -28.04 29.34
N ALA B 428 30.75 -28.87 30.39
CA ALA B 428 31.78 -28.77 31.41
C ALA B 428 33.16 -29.06 30.84
N GLU B 429 33.25 -30.00 29.89
CA GLU B 429 34.51 -30.32 29.25
C GLU B 429 34.90 -29.34 28.16
N SER B 430 33.99 -28.45 27.76
CA SER B 430 34.31 -27.48 26.72
C SER B 430 35.27 -26.42 27.26
N GLN B 431 36.18 -25.97 26.39
CA GLN B 431 37.15 -24.95 26.77
C GLN B 431 36.50 -23.57 26.79
N GLY B 432 35.94 -23.15 25.66
CA GLY B 432 35.35 -21.83 25.55
C GLY B 432 33.86 -21.83 25.82
N THR B 433 33.28 -20.64 25.69
CA THR B 433 31.84 -20.42 25.90
C THR B 433 31.03 -20.63 24.63
N LYS B 434 31.68 -20.83 23.49
CA LYS B 434 31.00 -20.80 22.20
C LYS B 434 30.37 -22.14 21.87
N LEU B 435 29.30 -22.09 21.07
CA LEU B 435 28.65 -23.32 20.61
C LEU B 435 29.57 -24.11 19.70
N LYS B 436 30.51 -23.45 19.02
CA LYS B 436 31.48 -24.16 18.21
C LYS B 436 32.40 -25.01 19.08
N ASP B 437 32.75 -24.50 20.27
CA ASP B 437 33.58 -25.27 21.20
C ASP B 437 32.81 -26.46 21.78
N PHE B 438 31.51 -26.28 22.02
CA PHE B 438 30.67 -27.40 22.45
C PHE B 438 30.66 -28.50 21.41
N VAL B 439 30.43 -28.13 20.14
CA VAL B 439 30.39 -29.12 19.07
C VAL B 439 31.74 -29.81 18.92
N ALA B 440 32.84 -29.06 19.09
CA ALA B 440 34.17 -29.66 18.98
C ALA B 440 34.40 -30.69 20.07
N THR B 441 34.00 -30.38 21.31
CA THR B 441 34.07 -31.37 22.39
C THR B 441 33.17 -32.56 22.08
N MET B 442 31.96 -32.27 21.59
CA MET B 442 30.97 -33.32 21.34
C MET B 442 31.46 -34.32 20.29
N GLN B 443 32.33 -33.89 19.38
CA GLN B 443 32.80 -34.74 18.30
C GLN B 443 34.20 -35.30 18.52
N SER B 444 34.92 -34.83 19.55
CA SER B 444 36.29 -35.25 19.77
C SER B 444 36.51 -36.02 21.07
N ASN B 445 35.68 -35.81 22.09
CA ASN B 445 35.86 -36.49 23.37
C ASN B 445 35.42 -37.95 23.25
N GLU B 446 36.35 -38.87 23.54
CA GLU B 446 36.05 -40.28 23.31
C GLU B 446 35.12 -40.85 24.36
N LYS B 447 35.28 -40.45 25.62
CA LYS B 447 34.43 -40.99 26.68
C LYS B 447 32.99 -40.51 26.52
N LEU B 448 32.78 -39.24 26.17
CA LEU B 448 31.42 -38.74 26.03
C LEU B 448 30.75 -39.26 24.76
N GLN B 449 31.54 -39.52 23.72
CA GLN B 449 30.98 -40.20 22.55
C GLN B 449 30.56 -41.62 22.89
N SER B 450 31.27 -42.26 23.82
CA SER B 450 30.86 -43.58 24.27
C SER B 450 29.54 -43.52 25.03
N GLU B 451 29.34 -42.49 25.85
CA GLU B 451 28.09 -42.36 26.60
C GLU B 451 26.92 -42.06 25.67
N MET B 452 27.13 -41.19 24.68
CA MET B 452 26.07 -40.95 23.69
C MET B 452 25.76 -42.22 22.91
N SER B 453 26.80 -42.99 22.57
CA SER B 453 26.59 -44.23 21.82
C SER B 453 25.80 -45.23 22.65
N LYS B 454 26.07 -45.31 23.95
CA LYS B 454 25.31 -46.20 24.82
C LYS B 454 23.87 -45.73 24.96
N LEU B 455 23.65 -44.43 25.14
CA LEU B 455 22.28 -43.91 25.22
C LEU B 455 21.53 -44.14 23.91
N ARG B 456 22.20 -43.94 22.78
CA ARG B 456 21.57 -44.18 21.49
C ARG B 456 21.07 -45.62 21.38
N GLU B 457 21.88 -46.58 21.85
CA GLU B 457 21.47 -47.98 21.81
C GLU B 457 20.26 -48.23 22.71
N MET B 458 20.19 -47.54 23.86
CA MET B 458 19.06 -47.71 24.75
C MET B 458 17.78 -47.18 24.12
N VAL B 459 17.83 -45.99 23.51
CA VAL B 459 16.67 -45.44 22.81
C VAL B 459 16.22 -46.40 21.71
N GLU B 460 17.15 -46.83 20.87
CA GLU B 460 16.78 -47.67 19.74
C GLU B 460 16.21 -49.01 20.18
N GLU B 461 16.82 -49.64 21.19
CA GLU B 461 16.30 -50.91 21.68
C GLU B 461 14.87 -50.75 22.18
N TYR B 462 14.59 -49.63 22.86
CA TYR B 462 13.24 -49.42 23.38
C TYR B 462 12.25 -49.20 22.26
N ALA B 463 12.59 -48.32 21.31
CA ALA B 463 11.67 -47.95 20.25
C ALA B 463 11.41 -49.10 19.28
N LYS B 464 12.42 -49.94 19.03
CA LYS B 464 12.27 -51.05 18.08
C LYS B 464 11.21 -52.05 18.50
N GLN B 465 10.90 -52.15 19.79
CA GLN B 465 9.92 -53.13 20.25
C GLN B 465 8.51 -52.83 19.74
N PHE B 466 8.24 -51.57 19.35
CA PHE B 466 6.90 -51.14 19.02
C PHE B 466 6.61 -51.35 17.54
N PRO B 467 5.33 -51.51 17.19
CA PRO B 467 4.97 -51.68 15.78
C PRO B 467 5.44 -50.51 14.92
N THR B 468 5.77 -50.82 13.66
CA THR B 468 5.95 -49.78 12.67
C THR B 468 4.60 -49.40 12.09
N ILE B 469 4.45 -48.12 11.75
CA ILE B 469 3.20 -47.58 11.24
C ILE B 469 3.35 -47.23 9.77
N GLY B 470 2.52 -47.85 8.93
CA GLY B 470 2.50 -47.54 7.52
C GLY B 470 3.30 -48.48 6.65
N PHE B 471 4.06 -49.40 7.25
CA PHE B 471 4.85 -50.39 6.53
C PHE B 471 5.13 -51.55 7.46
N GLU B 472 5.54 -52.68 6.87
CA GLU B 472 5.81 -53.90 7.62
C GLU B 472 7.29 -53.99 7.98
N LYS B 473 7.56 -54.44 9.22
CA LYS B 473 8.93 -54.70 9.62
C LYS B 473 9.57 -55.78 8.75
N GLU B 474 8.77 -56.80 8.38
CA GLU B 474 9.32 -57.99 7.74
C GLU B 474 9.98 -57.69 6.39
N THR B 475 9.51 -56.66 5.70
CA THR B 475 10.05 -56.35 4.37
C THR B 475 11.01 -55.17 4.37
N MET B 476 11.37 -54.65 5.55
CA MET B 476 12.34 -53.55 5.62
C MET B 476 13.70 -54.00 5.13
N ARG B 477 14.37 -53.11 4.40
CA ARG B 477 15.74 -53.40 3.97
C ARG B 477 16.71 -53.37 5.15
N TYR B 478 16.51 -52.45 6.07
CA TYR B 478 17.45 -52.24 7.19
C TYR B 478 16.81 -52.74 8.47
N LYS B 479 17.14 -53.98 8.85
CA LYS B 479 16.57 -54.63 10.01
C LYS B 479 17.48 -54.61 11.23
N GLU B 480 18.68 -54.08 11.12
CA GLU B 480 19.60 -54.07 12.27
C GLU B 480 19.47 -52.78 13.05
N SER C 6 -8.97 50.40 -24.25
CA SER C 6 -9.14 49.19 -23.46
C SER C 6 -7.94 48.95 -22.54
N ARG C 7 -6.73 49.15 -23.08
CA ARG C 7 -5.52 48.98 -22.28
C ARG C 7 -5.58 49.87 -21.04
N SER C 8 -5.90 51.15 -21.22
CA SER C 8 -6.06 52.03 -20.06
C SER C 8 -7.11 51.50 -19.10
N SER C 9 -8.12 50.78 -19.62
CA SER C 9 -9.24 50.35 -18.80
C SER C 9 -8.79 49.34 -17.75
N TRP C 10 -8.02 48.32 -18.14
CA TRP C 10 -7.66 47.33 -17.13
C TRP C 10 -6.47 47.78 -16.27
N ILE C 11 -5.65 48.72 -16.74
CA ILE C 11 -4.59 49.27 -15.89
C ILE C 11 -5.21 49.95 -14.67
N LYS C 12 -6.22 50.78 -14.90
CA LYS C 12 -6.89 51.46 -13.80
C LYS C 12 -7.50 50.47 -12.81
N GLN C 13 -8.11 49.40 -13.32
CA GLN C 13 -8.69 48.36 -12.47
C GLN C 13 -7.63 47.71 -11.60
N LEU C 14 -6.44 47.48 -12.16
CA LEU C 14 -5.39 46.79 -11.41
C LEU C 14 -4.75 47.65 -10.34
N ASN C 15 -4.81 48.98 -10.49
CA ASN C 15 -4.15 49.85 -9.53
C ASN C 15 -5.11 50.53 -8.58
N ALA C 16 -6.41 50.27 -8.69
CA ALA C 16 -7.39 50.91 -7.82
C ALA C 16 -7.40 50.26 -6.44
N SER C 17 -7.83 51.05 -5.46
CA SER C 17 -7.91 50.56 -4.09
C SER C 17 -9.05 49.56 -3.94
N LEU C 18 -8.96 48.77 -2.87
CA LEU C 18 -10.03 47.84 -2.52
C LEU C 18 -11.36 48.57 -2.31
N ASP C 19 -11.33 49.74 -1.65
CA ASP C 19 -12.54 50.53 -1.46
C ASP C 19 -13.22 50.85 -2.79
N GLU C 20 -12.44 51.17 -3.83
CA GLU C 20 -13.02 51.50 -5.12
C GLU C 20 -13.48 50.26 -5.87
N ILE C 21 -12.70 49.18 -5.82
CA ILE C 21 -12.95 48.01 -6.67
C ILE C 21 -14.06 47.13 -6.08
N ASP C 22 -14.06 46.93 -4.77
CA ASP C 22 -14.89 45.89 -4.14
C ASP C 22 -15.43 46.39 -2.81
N PRO C 23 -16.41 47.30 -2.84
CA PRO C 23 -16.98 47.81 -1.58
C PRO C 23 -17.54 46.74 -0.68
N GLU C 24 -18.08 45.66 -1.25
CA GLU C 24 -18.63 44.61 -0.41
C GLU C 24 -17.52 43.94 0.40
N VAL C 25 -16.41 43.58 -0.23
CA VAL C 25 -15.30 42.98 0.51
C VAL C 25 -14.70 43.98 1.50
N ALA C 26 -14.55 45.24 1.08
CA ALA C 26 -14.04 46.25 2.00
C ALA C 26 -14.91 46.35 3.26
N ASP C 27 -16.23 46.27 3.08
CA ASP C 27 -17.13 46.33 4.22
C ASP C 27 -17.00 45.11 5.13
N ILE C 28 -16.84 43.92 4.53
CA ILE C 28 -16.64 42.72 5.34
C ILE C 28 -15.39 42.87 6.20
N ILE C 29 -14.31 43.39 5.62
CA ILE C 29 -13.08 43.59 6.39
C ILE C 29 -13.31 44.59 7.51
N GLU C 30 -14.06 45.67 7.24
CA GLU C 30 -14.36 46.64 8.30
C GLU C 30 -15.20 46.01 9.42
N LEU C 31 -16.14 45.12 9.07
CA LEU C 31 -16.90 44.42 10.10
C LEU C 31 -16.02 43.51 10.93
N GLU C 32 -15.06 42.84 10.28
CA GLU C 32 -14.15 41.95 11.00
C GLU C 32 -13.22 42.75 11.90
N LYS C 33 -12.77 43.93 11.44
CA LYS C 33 -11.97 44.80 12.30
C LYS C 33 -12.73 45.16 13.58
N ALA C 34 -14.00 45.55 13.44
CA ALA C 34 -14.81 45.87 14.60
C ALA C 34 -15.00 44.66 15.51
N ARG C 35 -15.11 43.46 14.91
CA ARG C 35 -15.29 42.26 15.73
C ARG C 35 -14.03 41.98 16.55
N GLN C 36 -12.85 42.19 15.96
CA GLN C 36 -11.60 41.97 16.67
C GLN C 36 -11.37 43.03 17.74
N TRP C 37 -11.95 44.22 17.56
CA TRP C 37 -11.81 45.30 18.53
C TRP C 37 -12.72 45.09 19.74
N LYS C 38 -13.96 44.65 19.52
CA LYS C 38 -14.98 44.67 20.57
C LYS C 38 -15.16 43.35 21.33
N GLY C 39 -14.40 42.29 21.01
CA GLY C 39 -14.66 40.99 21.57
C GLY C 39 -13.53 40.48 22.47
N PHE C 40 -13.84 39.43 23.23
CA PHE C 40 -12.84 38.64 23.93
C PHE C 40 -12.46 37.49 23.00
N GLU C 41 -11.29 37.58 22.36
CA GLU C 41 -10.82 36.54 21.45
C GLU C 41 -10.01 35.54 22.28
N LEU C 42 -10.63 34.42 22.65
CA LEU C 42 -10.04 33.46 23.58
C LEU C 42 -9.60 32.16 22.90
N ILE C 43 -9.77 32.04 21.59
CA ILE C 43 -9.32 30.83 20.90
C ILE C 43 -7.80 30.80 21.00
N PRO C 44 -7.20 29.78 21.64
CA PRO C 44 -5.77 29.85 21.98
C PRO C 44 -4.84 29.67 20.81
N SER C 45 -5.36 29.27 19.64
CA SER C 45 -4.60 29.18 18.40
C SER C 45 -4.66 30.46 17.59
N GLU C 46 -5.39 31.48 18.07
CA GLU C 46 -5.47 32.75 17.38
C GLU C 46 -4.58 33.80 18.03
N ASN C 47 -4.13 34.73 17.21
CA ASN C 47 -3.37 35.88 17.65
C ASN C 47 -3.72 37.05 16.75
N PHE C 48 -3.15 38.22 17.05
CA PHE C 48 -3.26 39.39 16.18
C PHE C 48 -1.87 39.68 15.64
N THR C 49 -1.68 39.49 14.33
CA THR C 49 -0.33 39.70 13.83
C THR C 49 -0.08 41.18 13.52
N SER C 50 1.18 41.51 13.32
CA SER C 50 1.61 42.90 13.24
C SER C 50 1.24 43.50 11.89
N LEU C 51 1.16 44.85 11.88
CA LEU C 51 1.00 45.56 10.63
C LEU C 51 2.14 45.27 9.66
N SER C 52 3.37 45.20 10.16
CA SER C 52 4.52 45.01 9.28
C SER C 52 4.48 43.63 8.61
N VAL C 53 4.05 42.61 9.33
CA VAL C 53 3.85 41.30 8.70
C VAL C 53 2.81 41.40 7.59
N MET C 54 1.66 42.03 7.90
CA MET C 54 0.59 42.13 6.91
C MET C 54 1.01 42.95 5.68
N GLN C 55 1.85 43.96 5.87
CA GLN C 55 2.31 44.73 4.72
C GLN C 55 3.23 43.89 3.82
N ALA C 56 4.02 42.99 4.42
CA ALA C 56 4.84 42.09 3.60
C ALA C 56 3.98 41.03 2.93
N VAL C 57 3.00 40.47 3.64
CA VAL C 57 2.14 39.45 3.04
C VAL C 57 1.31 40.06 1.92
N GLY C 58 0.96 41.33 2.04
CA GLY C 58 0.23 42.00 0.97
C GLY C 58 1.10 42.77 -0.01
N SER C 59 2.28 42.25 -0.35
CA SER C 59 3.21 42.94 -1.23
C SER C 59 3.38 42.19 -2.55
N VAL C 60 4.12 42.82 -3.47
CA VAL C 60 4.33 42.26 -4.80
C VAL C 60 5.27 41.06 -4.77
N MET C 61 5.75 40.66 -3.59
CA MET C 61 6.49 39.41 -3.52
C MET C 61 5.65 38.23 -3.99
N THR C 62 4.32 38.37 -3.96
CA THR C 62 3.43 37.32 -4.42
C THR C 62 3.57 37.00 -5.92
N ASN C 63 4.15 37.91 -6.72
CA ASN C 63 4.08 37.74 -8.17
C ASN C 63 5.08 36.73 -8.73
N LYS C 64 6.18 36.48 -8.03
CA LYS C 64 7.28 35.70 -8.59
C LYS C 64 7.07 34.21 -8.42
N TYR C 65 7.40 33.44 -9.47
CA TYR C 65 7.46 31.99 -9.38
C TYR C 65 8.89 31.58 -9.05
N SER C 66 9.09 30.87 -7.94
N SER C 66 9.06 30.80 -7.99
CA SER C 66 10.43 30.58 -7.45
CA SER C 66 10.39 30.58 -7.43
C SER C 66 10.54 29.14 -6.97
C SER C 66 10.58 29.14 -7.01
N GLU C 67 10.04 28.21 -7.78
CA GLU C 67 10.23 26.79 -7.50
C GLU C 67 11.70 26.48 -7.30
N GLY C 68 11.99 25.65 -6.30
CA GLY C 68 13.35 25.34 -5.93
C GLY C 68 13.72 26.00 -4.62
N TYR C 69 15.01 26.26 -4.42
CA TYR C 69 15.52 26.83 -3.18
C TYR C 69 16.53 27.92 -3.54
N PRO C 70 16.85 28.81 -2.60
CA PRO C 70 17.74 29.93 -2.92
C PRO C 70 19.03 29.46 -3.58
N GLY C 71 19.41 30.13 -4.67
CA GLY C 71 20.56 29.76 -5.46
C GLY C 71 20.41 28.49 -6.27
N ALA C 72 19.25 27.84 -6.21
CA ALA C 72 18.98 26.60 -6.94
C ALA C 72 17.53 26.61 -7.40
N ARG C 73 17.16 27.69 -8.11
CA ARG C 73 15.80 27.89 -8.60
C ARG C 73 15.67 27.37 -10.02
N TYR C 74 14.44 26.98 -10.38
CA TYR C 74 14.17 26.59 -11.76
C TYR C 74 14.29 27.79 -12.69
N TYR C 75 13.83 28.95 -12.25
CA TYR C 75 13.72 30.14 -13.10
C TYR C 75 14.68 31.21 -12.65
N GLY C 76 15.01 32.10 -13.58
CA GLY C 76 15.76 33.30 -13.27
C GLY C 76 14.90 34.37 -12.63
N GLY C 77 15.52 35.51 -12.38
CA GLY C 77 14.82 36.64 -11.80
C GLY C 77 14.55 36.54 -10.32
N ASN C 78 15.17 35.58 -9.63
CA ASN C 78 14.85 35.34 -8.23
C ASN C 78 15.89 35.91 -7.27
N GLU C 79 16.68 36.90 -7.71
CA GLU C 79 17.75 37.41 -6.85
C GLU C 79 17.20 37.99 -5.55
N TYR C 80 16.08 38.70 -5.62
CA TYR C 80 15.55 39.32 -4.41
C TYR C 80 14.64 38.38 -3.63
N ILE C 81 13.92 37.50 -4.32
CA ILE C 81 13.22 36.43 -3.62
C ILE C 81 14.22 35.60 -2.81
N ASP C 82 15.42 35.36 -3.36
CA ASP C 82 16.45 34.61 -2.63
C ASP C 82 16.92 35.38 -1.40
N MET C 83 17.09 36.69 -1.50
CA MET C 83 17.44 37.48 -0.32
C MET C 83 16.44 37.25 0.79
N ALA C 84 15.14 37.25 0.45
CA ALA C 84 14.10 37.13 1.47
C ALA C 84 14.05 35.73 2.07
N GLU C 85 14.11 34.69 1.22
CA GLU C 85 13.99 33.33 1.76
C GLU C 85 15.21 32.97 2.61
N THR C 86 16.43 33.31 2.13
CA THR C 86 17.63 33.05 2.92
C THR C 86 17.60 33.80 4.24
N LEU C 87 17.19 35.08 4.20
CA LEU C 87 17.04 35.85 5.44
C LEU C 87 16.04 35.19 6.37
N CYS C 88 14.92 34.70 5.81
CA CYS C 88 13.91 34.03 6.61
C CYS C 88 14.49 32.78 7.29
N GLN C 89 15.22 31.97 6.54
CA GLN C 89 15.82 30.76 7.08
C GLN C 89 16.78 31.07 8.22
N LYS C 90 17.67 32.04 8.00
CA LYS C 90 18.65 32.37 9.04
C LYS C 90 17.97 32.98 10.25
N ARG C 91 16.96 33.82 10.04
CA ARG C 91 16.22 34.35 11.18
C ARG C 91 15.44 33.27 11.91
N ALA C 92 15.00 32.24 11.18
CA ALA C 92 14.27 31.15 11.82
C ALA C 92 15.17 30.39 12.79
N LEU C 93 16.39 30.07 12.37
CA LEU C 93 17.30 29.38 13.28
C LEU C 93 17.65 30.27 14.47
N GLU C 94 17.83 31.57 14.24
CA GLU C 94 18.17 32.48 15.34
C GLU C 94 17.02 32.62 16.34
N ALA C 95 15.78 32.60 15.85
CA ALA C 95 14.63 32.74 16.73
C ALA C 95 14.55 31.63 17.76
N PHE C 96 15.13 30.46 17.48
CA PHE C 96 15.11 29.35 18.42
C PHE C 96 16.51 29.00 18.92
N GLN C 97 17.45 29.94 18.73
CA GLN C 97 18.83 29.84 19.21
C GLN C 97 19.48 28.53 18.78
N LEU C 98 19.29 28.16 17.51
CA LEU C 98 19.80 26.90 16.99
C LEU C 98 21.15 27.08 16.30
N ASP C 99 22.02 26.11 16.50
CA ASP C 99 23.30 26.03 15.82
C ASP C 99 23.08 25.61 14.37
N PRO C 100 23.34 26.46 13.38
CA PRO C 100 23.05 26.08 11.98
C PRO C 100 23.90 24.92 11.47
N SER C 101 24.96 24.54 12.18
CA SER C 101 25.67 23.31 11.80
C SER C 101 24.97 22.06 12.32
N LYS C 102 24.02 22.22 13.26
CA LYS C 102 23.27 21.09 13.81
C LYS C 102 21.80 21.08 13.39
N TRP C 103 21.27 22.21 12.94
CA TRP C 103 19.87 22.36 12.55
C TRP C 103 19.76 23.06 11.21
N GLY C 104 18.83 22.58 10.38
CA GLY C 104 18.42 23.28 9.18
C GLY C 104 16.91 23.53 9.23
N VAL C 105 16.43 24.33 8.28
CA VAL C 105 15.02 24.71 8.28
C VAL C 105 14.50 24.83 6.85
N ASN C 106 13.24 24.47 6.68
CA ASN C 106 12.49 24.70 5.46
C ASN C 106 11.36 25.65 5.80
N VAL C 107 11.26 26.78 5.08
CA VAL C 107 10.26 27.78 5.38
C VAL C 107 9.16 27.85 4.32
N GLN C 108 9.09 26.87 3.41
CA GLN C 108 8.13 26.93 2.31
C GLN C 108 6.80 26.23 2.58
N SER C 109 6.70 25.42 3.64
N SER C 109 6.71 25.42 3.63
CA SER C 109 5.47 24.66 3.84
CA SER C 109 5.47 24.69 3.88
C SER C 109 4.30 25.60 4.08
C SER C 109 4.30 25.65 4.05
N LEU C 110 3.17 25.32 3.43
CA LEU C 110 2.10 26.30 3.34
C LEU C 110 1.33 26.46 4.64
N SER C 111 1.26 25.43 5.48
CA SER C 111 0.54 25.54 6.75
C SER C 111 0.93 24.34 7.61
N GLY C 112 0.41 24.30 8.83
CA GLY C 112 0.82 23.27 9.78
C GLY C 112 0.46 21.86 9.36
N SER C 113 -0.75 21.67 8.81
CA SER C 113 -1.18 20.33 8.45
C SER C 113 -0.34 19.75 7.31
N PRO C 114 -0.14 20.44 6.19
CA PRO C 114 0.75 19.86 5.17
C PRO C 114 2.20 19.74 5.63
N ALA C 115 2.68 20.61 6.53
CA ALA C 115 4.04 20.47 7.01
C ALA C 115 4.27 19.10 7.65
N ASN C 116 3.34 18.67 8.50
CA ASN C 116 3.46 17.34 9.10
C ASN C 116 3.39 16.25 8.03
N PHE C 117 2.46 16.39 7.08
CA PHE C 117 2.35 15.39 6.03
C PHE C 117 3.63 15.33 5.19
N GLN C 118 4.29 16.48 5.00
CA GLN C 118 5.54 16.50 4.25
C GLN C 118 6.65 15.79 5.02
N VAL C 119 6.69 15.93 6.34
CA VAL C 119 7.66 15.18 7.14
C VAL C 119 7.41 13.68 7.00
N TYR C 120 6.15 13.24 7.10
CA TYR C 120 5.88 11.81 6.99
C TYR C 120 6.30 11.31 5.61
N THR C 121 5.99 12.08 4.57
CA THR C 121 6.34 11.68 3.22
C THR C 121 7.85 11.59 3.03
N ALA C 122 8.58 12.50 3.68
CA ALA C 122 10.05 12.52 3.59
C ALA C 122 10.66 11.29 4.24
N LEU C 123 10.12 10.88 5.39
CA LEU C 123 10.85 9.96 6.27
C LEU C 123 10.24 8.57 6.38
N LEU C 124 8.98 8.39 5.96
CA LEU C 124 8.26 7.13 6.09
C LEU C 124 7.77 6.68 4.73
N LYS C 125 7.84 5.37 4.46
CA LYS C 125 7.17 4.82 3.30
C LYS C 125 5.68 4.77 3.57
N PRO C 126 4.85 4.75 2.53
CA PRO C 126 3.42 4.57 2.74
C PRO C 126 3.16 3.36 3.63
N HIS C 127 2.18 3.51 4.53
CA HIS C 127 1.70 2.50 5.48
C HIS C 127 2.67 2.21 6.62
N GLU C 128 3.76 2.99 6.76
CA GLU C 128 4.58 2.85 7.95
C GLU C 128 3.92 3.55 9.14
N ARG C 129 4.43 3.29 10.34
CA ARG C 129 3.67 3.44 11.57
C ARG C 129 4.00 4.72 12.34
N ILE C 130 2.95 5.42 12.79
CA ILE C 130 3.05 6.68 13.51
C ILE C 130 2.25 6.57 14.80
N MET C 131 2.82 7.04 15.90
CA MET C 131 2.08 7.23 17.15
C MET C 131 2.02 8.72 17.48
N ALA C 132 0.88 9.15 18.05
CA ALA C 132 0.66 10.55 18.40
C ALA C 132 -0.45 10.60 19.43
N LEU C 133 -0.60 11.77 20.05
CA LEU C 133 -1.64 11.96 21.05
C LEU C 133 -3.03 11.85 20.41
N ASP C 134 -3.92 11.08 21.05
CA ASP C 134 -5.26 10.87 20.55
C ASP C 134 -5.98 12.21 20.38
N LEU C 135 -6.67 12.39 19.26
CA LEU C 135 -7.39 13.63 19.01
C LEU C 135 -8.34 14.01 20.15
N PRO C 136 -9.22 13.14 20.64
CA PRO C 136 -10.09 13.53 21.76
C PRO C 136 -9.34 13.78 23.06
N HIS C 137 -8.06 13.45 23.14
CA HIS C 137 -7.25 13.72 24.32
C HIS C 137 -6.33 14.91 24.11
N GLY C 138 -6.56 15.71 23.07
CA GLY C 138 -5.83 16.95 22.87
C GLY C 138 -4.85 16.94 21.71
N GLY C 139 -4.85 15.89 20.88
CA GLY C 139 -3.98 15.84 19.72
C GLY C 139 -4.52 16.65 18.56
N HIS C 140 -3.96 16.38 17.38
CA HIS C 140 -4.32 17.15 16.19
C HIS C 140 -4.53 16.21 15.01
N LEU C 141 -5.47 16.58 14.13
CA LEU C 141 -5.83 15.74 12.99
C LEU C 141 -4.64 15.42 12.11
N SER C 142 -3.69 16.35 11.96
CA SER C 142 -2.54 16.11 11.09
C SER C 142 -1.55 15.11 11.67
N HIS C 143 -1.84 14.55 12.86
CA HIS C 143 -1.07 13.44 13.41
C HIS C 143 -1.76 12.09 13.19
N GLY C 144 -2.88 12.08 12.51
CA GLY C 144 -3.67 10.87 12.34
C GLY C 144 -4.92 10.92 13.20
N TYR C 145 -5.99 10.30 12.68
CA TYR C 145 -7.20 10.07 13.45
C TYR C 145 -8.17 9.20 12.68
N GLN C 146 -8.68 8.16 13.32
CA GLN C 146 -9.75 7.36 12.75
C GLN C 146 -10.75 7.01 13.83
N THR C 147 -12.02 6.91 13.42
CA THR C 147 -13.08 6.42 14.28
C THR C 147 -13.21 4.92 14.09
N ASP C 148 -14.20 4.32 14.77
CA ASP C 148 -14.47 2.91 14.60
C ASP C 148 -14.82 2.56 13.15
N THR C 149 -15.29 3.52 12.35
CA THR C 149 -15.79 3.22 11.02
C THR C 149 -15.18 4.04 9.89
N LYS C 150 -14.34 5.03 10.18
CA LYS C 150 -13.90 5.93 9.13
C LYS C 150 -12.54 6.53 9.47
N LYS C 151 -11.65 6.54 8.50
CA LYS C 151 -10.42 7.30 8.61
C LYS C 151 -10.73 8.77 8.35
N ILE C 152 -10.57 9.60 9.37
CA ILE C 152 -10.93 11.02 9.29
C ILE C 152 -9.80 11.86 8.73
N SER C 153 -8.61 11.71 9.30
CA SER C 153 -7.42 12.35 8.75
C SER C 153 -6.83 11.48 7.65
N ALA C 154 -6.42 12.13 6.55
CA ALA C 154 -5.77 11.37 5.48
C ALA C 154 -4.41 10.85 5.92
N VAL C 155 -3.85 11.36 7.01
CA VAL C 155 -2.63 10.75 7.56
C VAL C 155 -2.88 9.28 7.89
N SER C 156 -4.09 8.97 8.37
CA SER C 156 -4.45 7.60 8.70
C SER C 156 -4.82 6.76 7.47
N ILE C 157 -5.01 7.39 6.32
CA ILE C 157 -5.17 6.67 5.06
C ILE C 157 -3.81 6.22 4.53
N PHE C 158 -2.88 7.16 4.44
CA PHE C 158 -1.60 6.89 3.81
C PHE C 158 -0.57 6.28 4.75
N PHE C 159 -0.77 6.40 6.07
CA PHE C 159 0.13 5.84 7.06
C PHE C 159 -0.69 5.07 8.09
N GLU C 160 -0.02 4.22 8.86
CA GLU C 160 -0.69 3.40 9.87
C GLU C 160 -0.51 4.08 11.23
N THR C 161 -1.60 4.60 11.79
CA THR C 161 -1.53 5.40 12.98
C THR C 161 -2.09 4.66 14.19
N MET C 162 -1.58 5.01 15.38
CA MET C 162 -2.13 4.50 16.62
C MET C 162 -1.94 5.57 17.69
N PRO C 163 -2.96 5.86 18.48
CA PRO C 163 -2.85 6.93 19.48
C PRO C 163 -2.19 6.48 20.77
N TYR C 164 -1.60 7.46 21.46
CA TYR C 164 -1.37 7.33 22.90
C TYR C 164 -2.30 8.30 23.63
N ARG C 165 -2.49 8.04 24.92
CA ARG C 165 -3.61 8.63 25.64
C ARG C 165 -3.17 9.31 26.93
N LEU C 166 -4.08 10.12 27.47
CA LEU C 166 -3.90 10.66 28.80
C LEU C 166 -4.17 9.62 29.87
N ASP C 167 -3.57 9.83 31.03
CA ASP C 167 -4.06 9.26 32.27
C ASP C 167 -5.34 9.99 32.63
N GLU C 168 -6.49 9.35 32.48
CA GLU C 168 -7.71 10.12 32.71
C GLU C 168 -7.90 10.50 34.17
N ASN C 169 -7.14 9.92 35.10
CA ASN C 169 -7.19 10.35 36.49
C ASN C 169 -6.47 11.69 36.70
N THR C 170 -5.36 11.91 36.01
CA THR C 170 -4.57 13.11 36.21
C THR C 170 -4.69 14.15 35.10
N GLY C 171 -5.08 13.73 33.90
CA GLY C 171 -5.10 14.65 32.78
C GLY C 171 -3.76 14.87 32.12
N TYR C 172 -2.71 14.22 32.58
CA TYR C 172 -1.40 14.27 31.94
C TYR C 172 -1.25 13.06 31.02
N ILE C 173 -0.39 13.20 30.01
CA ILE C 173 -0.07 12.08 29.13
C ILE C 173 0.42 10.90 29.95
N ASP C 174 -0.08 9.71 29.63
CA ASP C 174 0.35 8.47 30.28
C ASP C 174 1.58 7.96 29.54
N TYR C 175 2.76 8.42 29.98
CA TYR C 175 3.99 8.04 29.30
C TYR C 175 4.32 6.57 29.50
N ASP C 176 3.93 5.98 30.63
CA ASP C 176 4.17 4.55 30.84
C ASP C 176 3.44 3.72 29.79
N GLN C 177 2.17 4.05 29.56
CA GLN C 177 1.42 3.31 28.55
C GLN C 177 1.91 3.62 27.13
N LEU C 178 2.35 4.85 26.88
CA LEU C 178 2.95 5.16 25.60
C LEU C 178 4.12 4.25 25.32
N GLU C 179 5.02 4.12 26.30
CA GLU C 179 6.21 3.30 26.12
C GLU C 179 5.83 1.84 25.89
N LYS C 180 4.88 1.32 26.68
CA LYS C 180 4.49 -0.07 26.53
C LYS C 180 3.83 -0.34 25.19
N SER C 181 2.92 0.54 24.77
N SER C 181 2.95 0.56 24.73
CA SER C 181 2.29 0.42 23.46
CA SER C 181 2.30 0.32 23.45
C SER C 181 3.33 0.41 22.36
C SER C 181 3.27 0.49 22.29
N ALA C 182 4.31 1.32 22.44
CA ALA C 182 5.31 1.44 21.40
C ALA C 182 6.13 0.15 21.23
N VAL C 183 6.35 -0.60 22.33
CA VAL C 183 7.04 -1.87 22.20
C VAL C 183 6.29 -2.80 21.26
N LEU C 184 4.96 -2.86 21.39
CA LEU C 184 4.14 -3.76 20.58
C LEU C 184 3.90 -3.20 19.17
N PHE C 185 3.69 -1.90 19.05
CA PHE C 185 3.30 -1.30 17.78
C PHE C 185 4.49 -0.98 16.87
N ARG C 186 5.69 -0.80 17.43
CA ARG C 186 6.88 -0.51 16.64
C ARG C 186 6.71 0.72 15.75
N PRO C 187 6.39 1.89 16.32
CA PRO C 187 6.27 3.08 15.47
C PRO C 187 7.61 3.40 14.81
N LYS C 188 7.55 3.91 13.58
CA LYS C 188 8.74 4.48 12.95
C LYS C 188 8.88 5.97 13.25
N LEU C 189 7.84 6.61 13.78
CA LEU C 189 7.86 8.03 14.12
C LEU C 189 6.87 8.25 15.26
N ILE C 190 7.26 9.02 16.25
CA ILE C 190 6.38 9.40 17.35
C ILE C 190 6.28 10.92 17.39
N VAL C 191 5.05 11.43 17.44
CA VAL C 191 4.78 12.86 17.48
C VAL C 191 4.63 13.30 18.93
N ALA C 192 5.32 14.38 19.29
CA ALA C 192 5.20 15.03 20.59
C ALA C 192 4.66 16.42 20.33
N GLY C 193 3.34 16.57 20.42
CA GLY C 193 2.73 17.86 20.17
C GLY C 193 1.23 17.79 20.29
N ALA C 194 0.60 18.91 20.68
CA ALA C 194 -0.81 18.88 21.01
C ALA C 194 -1.47 20.21 20.70
N SER C 195 -2.79 20.17 20.55
CA SER C 195 -3.62 21.36 20.35
C SER C 195 -4.41 21.76 21.58
N ALA C 196 -4.72 20.84 22.49
CA ALA C 196 -5.57 21.14 23.64
C ALA C 196 -5.01 20.49 24.89
N TYR C 197 -3.69 20.52 25.04
CA TYR C 197 -3.01 20.02 26.22
C TYR C 197 -2.49 21.22 27.01
N ALA C 198 -2.86 21.31 28.28
CA ALA C 198 -2.52 22.47 29.09
C ALA C 198 -1.18 22.33 29.82
N ARG C 199 -0.45 21.25 29.61
CA ARG C 199 0.78 21.01 30.35
C ARG C 199 1.96 20.91 29.40
N LEU C 200 3.17 20.98 29.97
CA LEU C 200 4.39 20.84 29.20
C LEU C 200 4.66 19.38 28.88
N TYR C 201 5.20 19.12 27.69
CA TYR C 201 5.57 17.77 27.29
C TYR C 201 6.82 17.30 28.02
N ASP C 202 6.83 16.00 28.35
CA ASP C 202 8.04 15.34 28.83
C ASP C 202 8.82 14.87 27.61
N TYR C 203 9.50 15.83 26.98
CA TYR C 203 10.26 15.52 25.76
C TYR C 203 11.39 14.53 26.04
N ALA C 204 11.97 14.58 27.24
CA ALA C 204 13.04 13.63 27.53
C ALA C 204 12.51 12.20 27.55
N ARG C 205 11.30 12.00 28.07
CA ARG C 205 10.71 10.66 28.06
C ARG C 205 10.40 10.21 26.65
N ILE C 206 9.85 11.09 25.81
CA ILE C 206 9.61 10.76 24.42
C ILE C 206 10.91 10.37 23.72
N ARG C 207 11.97 11.12 23.99
CA ARG C 207 13.28 10.81 23.42
C ARG C 207 13.74 9.41 23.82
N LYS C 208 13.57 9.06 25.11
CA LYS C 208 13.93 7.73 25.58
C LYS C 208 13.18 6.65 24.82
N VAL C 209 11.87 6.84 24.62
CA VAL C 209 11.08 5.86 23.88
C VAL C 209 11.52 5.79 22.41
N CYS C 210 11.76 6.96 21.79
CA CYS C 210 12.18 6.97 20.39
C CYS C 210 13.55 6.30 20.22
N ASN C 211 14.45 6.50 21.17
CA ASN C 211 15.74 5.81 21.11
C ASN C 211 15.56 4.29 21.17
N LYS C 212 14.70 3.81 22.09
CA LYS C 212 14.51 2.37 22.21
C LYS C 212 13.90 1.78 20.95
N GLN C 213 12.98 2.50 20.32
CA GLN C 213 12.25 2.03 19.15
C GLN C 213 12.93 2.38 17.83
N LYS C 214 14.05 3.10 17.89
CA LYS C 214 14.68 3.65 16.69
C LYS C 214 13.67 4.39 15.82
N ALA C 215 12.84 5.19 16.49
CA ALA C 215 11.81 5.99 15.83
C ALA C 215 12.26 7.45 15.73
N VAL C 216 11.80 8.11 14.67
CA VAL C 216 11.99 9.56 14.55
C VAL C 216 11.15 10.25 15.61
N MET C 217 11.74 11.21 16.32
CA MET C 217 11.00 12.04 17.25
C MET C 217 10.62 13.35 16.55
N LEU C 218 9.33 13.52 16.30
CA LEU C 218 8.81 14.76 15.73
C LEU C 218 8.12 15.55 16.82
N ALA C 219 8.61 16.75 17.09
CA ALA C 219 7.90 17.65 17.98
C ALA C 219 7.09 18.61 17.12
N ASP C 220 5.79 18.66 17.35
CA ASP C 220 4.90 19.60 16.68
C ASP C 220 4.56 20.68 17.69
N MET C 221 5.29 21.79 17.64
CA MET C 221 5.20 22.84 18.65
C MET C 221 4.30 23.99 18.22
N ALA C 222 3.40 23.77 17.25
CA ALA C 222 2.58 24.83 16.69
C ALA C 222 2.00 25.77 17.76
N HIS C 223 1.40 25.21 18.81
CA HIS C 223 0.72 26.04 19.81
C HIS C 223 1.69 26.83 20.67
N ILE C 224 2.89 26.31 20.91
CA ILE C 224 3.78 26.84 21.93
C ILE C 224 5.00 27.50 21.31
N SER C 225 5.03 27.64 19.98
N SER C 225 5.02 27.64 19.97
CA SER C 225 6.28 28.04 19.31
CA SER C 225 6.20 28.07 19.23
C SER C 225 6.76 29.42 19.78
C SER C 225 6.73 29.40 19.75
N GLY C 226 5.83 30.36 20.01
CA GLY C 226 6.26 31.68 20.46
C GLY C 226 6.82 31.65 21.86
N LEU C 227 6.24 30.80 22.72
CA LEU C 227 6.77 30.60 24.07
C LEU C 227 8.17 30.00 24.00
N VAL C 228 8.37 29.05 23.10
CA VAL C 228 9.70 28.44 22.92
C VAL C 228 10.69 29.49 22.41
N ALA C 229 10.29 30.27 21.39
CA ALA C 229 11.20 31.26 20.82
C ALA C 229 11.65 32.27 21.87
N ALA C 230 10.73 32.69 22.75
CA ALA C 230 11.06 33.64 23.80
C ALA C 230 11.86 33.01 24.93
N GLY C 231 11.95 31.69 24.97
CA GLY C 231 12.70 31.03 26.03
C GLY C 231 12.01 31.03 27.37
N VAL C 232 10.68 31.04 27.39
CA VAL C 232 9.93 31.06 28.64
C VAL C 232 9.32 29.72 29.00
N ILE C 233 9.42 28.72 28.12
CA ILE C 233 9.16 27.32 28.47
C ILE C 233 10.30 26.48 27.89
N PRO C 234 10.46 25.23 28.36
CA PRO C 234 11.53 24.40 27.83
C PRO C 234 11.36 24.11 26.34
N SER C 235 12.49 24.03 25.63
CA SER C 235 12.51 23.88 24.17
C SER C 235 12.51 22.41 23.75
N PRO C 236 11.67 22.02 22.79
CA PRO C 236 11.76 20.65 22.26
C PRO C 236 13.00 20.41 21.43
N PHE C 237 13.69 21.47 20.99
CA PHE C 237 14.86 21.27 20.14
C PHE C 237 16.00 20.56 20.86
N GLU C 238 16.00 20.57 22.19
CA GLU C 238 17.01 19.80 22.91
C GLU C 238 16.93 18.32 22.56
N TYR C 239 15.73 17.81 22.26
CA TYR C 239 15.50 16.38 22.15
C TYR C 239 15.09 15.91 20.77
N ALA C 240 14.33 16.72 20.03
CA ALA C 240 13.65 16.24 18.83
C ALA C 240 14.62 16.04 17.67
N ASP C 241 14.23 15.15 16.76
CA ASP C 241 14.91 14.99 15.48
C ASP C 241 14.43 16.02 14.47
N VAL C 242 13.12 16.26 14.48
CA VAL C 242 12.43 17.16 13.57
C VAL C 242 11.44 17.96 14.41
N VAL C 243 11.30 19.25 14.11
CA VAL C 243 10.32 20.11 14.78
C VAL C 243 9.49 20.81 13.70
N THR C 244 8.18 20.60 13.73
CA THR C 244 7.27 21.36 12.89
C THR C 244 6.56 22.42 13.72
N THR C 245 6.10 23.47 13.04
CA THR C 245 5.34 24.51 13.71
C THR C 245 4.56 25.29 12.66
N THR C 246 3.40 25.78 13.06
CA THR C 246 2.79 26.87 12.31
C THR C 246 3.48 28.18 12.67
N THR C 247 3.19 29.21 11.90
CA THR C 247 3.79 30.50 12.16
C THR C 247 2.78 31.54 12.65
N HIS C 248 1.50 31.19 12.76
CA HIS C 248 0.43 32.15 13.05
C HIS C 248 -0.17 32.05 14.44
N LYS C 249 0.26 31.10 15.27
CA LYS C 249 -0.34 30.98 16.59
C LYS C 249 0.44 31.84 17.58
N SER C 250 1.00 31.22 18.62
CA SER C 250 1.74 32.03 19.60
C SER C 250 2.97 32.68 18.98
N LEU C 251 3.49 32.17 17.86
CA LEU C 251 4.61 32.84 17.21
C LEU C 251 4.21 34.24 16.74
N ARG C 252 2.93 34.43 16.43
CA ARG C 252 2.34 35.71 16.06
C ARG C 252 2.78 36.19 14.68
N GLY C 253 3.03 35.26 13.76
CA GLY C 253 3.41 35.60 12.41
C GLY C 253 2.29 35.41 11.40
N PRO C 254 2.64 35.32 10.12
CA PRO C 254 1.64 35.08 9.09
C PRO C 254 1.17 33.62 9.13
N ARG C 255 0.13 33.33 8.36
CA ARG C 255 -0.32 31.93 8.23
C ARG C 255 0.66 31.16 7.35
N GLY C 256 1.31 30.17 7.95
CA GLY C 256 2.34 29.41 7.27
C GLY C 256 2.92 28.40 8.23
N ALA C 257 4.10 27.90 7.91
CA ALA C 257 4.70 26.84 8.72
C ALA C 257 6.20 26.76 8.46
N MET C 258 6.90 26.11 9.39
CA MET C 258 8.32 25.83 9.26
C MET C 258 8.57 24.38 9.65
N ILE C 259 9.57 23.76 9.01
CA ILE C 259 10.06 22.44 9.38
C ILE C 259 11.53 22.56 9.70
N PHE C 260 11.90 22.26 10.94
CA PHE C 260 13.30 22.20 11.37
C PHE C 260 13.74 20.74 11.45
N PHE C 261 15.02 20.50 11.17
CA PHE C 261 15.53 19.13 11.19
C PHE C 261 16.99 19.11 11.59
N ARG C 262 17.38 18.05 12.28
CA ARG C 262 18.79 17.86 12.59
C ARG C 262 19.59 17.59 11.31
N LYS C 263 20.84 18.04 11.33
CA LYS C 263 21.76 17.83 10.22
C LYS C 263 23.16 17.69 10.79
N GLY C 264 24.08 17.23 9.97
CA GLY C 264 25.44 17.03 10.43
C GLY C 264 25.62 15.72 11.18
N LEU C 265 26.65 15.70 12.03
CA LEU C 265 27.04 14.49 12.73
C LEU C 265 26.00 14.09 13.76
N LYS C 266 25.58 12.82 13.73
CA LYS C 266 24.68 12.28 14.75
C LYS C 266 25.42 11.58 15.87
N GLU C 267 26.31 10.65 15.53
CA GLU C 267 26.99 9.81 16.52
C GLU C 267 28.14 9.10 15.84
N ILE C 268 28.89 8.32 16.63
CA ILE C 268 30.01 7.48 16.11
C ILE C 268 29.55 6.02 16.21
N ASN C 269 29.67 5.27 15.12
CA ASN C 269 29.22 3.84 15.10
C ASN C 269 30.27 2.93 15.72
N LYS C 270 29.96 1.64 15.77
CA LYS C 270 30.77 0.56 16.40
C LYS C 270 32.17 0.50 15.77
N GLN C 271 32.29 0.74 14.47
CA GLN C 271 33.58 0.79 13.72
C GLN C 271 34.29 2.14 13.93
N GLY C 272 33.72 3.08 14.70
CA GLY C 272 34.34 4.40 14.93
C GLY C 272 34.08 5.34 13.78
N LYS C 273 33.10 4.99 12.96
CA LYS C 273 32.72 5.77 11.76
C LYS C 273 31.66 6.80 12.15
N GLU C 274 31.73 7.96 11.51
CA GLU C 274 30.74 9.02 11.76
C GLU C 274 29.43 8.65 11.07
N VAL C 275 28.35 8.73 11.81
CA VAL C 275 26.99 8.56 11.28
C VAL C 275 26.39 9.95 11.18
N MET C 276 25.93 10.31 9.99
CA MET C 276 25.35 11.62 9.75
C MET C 276 23.83 11.53 9.77
N TYR C 277 23.20 12.62 10.18
CA TYR C 277 21.75 12.73 10.07
C TYR C 277 21.36 12.69 8.60
N ASP C 278 20.19 12.11 8.33
CA ASP C 278 19.68 11.95 6.97
C ASP C 278 18.22 12.43 6.92
N TYR C 279 18.02 13.68 7.31
CA TYR C 279 16.70 14.32 7.27
C TYR C 279 16.59 15.43 6.24
N GLU C 280 17.67 16.21 6.06
CA GLU C 280 17.60 17.49 5.36
C GLU C 280 17.18 17.32 3.89
N ASP C 281 17.93 16.52 3.14
CA ASP C 281 17.59 16.34 1.73
C ASP C 281 16.21 15.72 1.55
N ARG C 282 15.87 14.74 2.39
N ARG C 282 15.88 14.74 2.40
CA ARG C 282 14.58 14.08 2.26
CA ARG C 282 14.58 14.07 2.28
C ARG C 282 13.43 15.04 2.52
C ARG C 282 13.43 15.03 2.53
N ILE C 283 13.56 15.86 3.57
CA ILE C 283 12.48 16.80 3.89
C ILE C 283 12.38 17.89 2.82
N ASN C 284 13.51 18.48 2.44
CA ASN C 284 13.46 19.54 1.43
C ASN C 284 12.86 19.03 0.12
N GLN C 285 13.20 17.79 -0.26
CA GLN C 285 12.68 17.25 -1.50
C GLN C 285 11.21 16.85 -1.37
N ALA C 286 10.77 16.46 -0.17
CA ALA C 286 9.35 16.16 0.03
C ALA C 286 8.51 17.43 -0.11
N VAL C 287 9.02 18.55 0.42
CA VAL C 287 8.31 19.83 0.24
C VAL C 287 8.28 20.20 -1.24
N PHE C 288 9.44 20.22 -1.89
CA PHE C 288 9.49 20.49 -3.32
C PHE C 288 10.67 19.72 -3.90
N PRO C 289 10.48 18.94 -4.98
CA PRO C 289 9.29 18.83 -5.84
C PRO C 289 8.21 17.83 -5.40
N GLY C 290 8.30 17.28 -4.19
CA GLY C 290 7.41 16.19 -3.81
C GLY C 290 5.95 16.56 -3.76
N LEU C 291 5.62 17.62 -3.01
CA LEU C 291 4.22 17.89 -2.67
C LEU C 291 3.76 19.31 -2.93
N GLN C 292 4.64 20.30 -3.00
CA GLN C 292 4.25 21.67 -3.29
C GLN C 292 4.85 22.11 -4.61
N GLY C 293 4.37 23.26 -5.08
CA GLY C 293 4.92 23.90 -6.27
C GLY C 293 5.64 25.19 -5.89
N GLY C 294 5.22 26.31 -6.47
CA GLY C 294 5.85 27.58 -6.20
C GLY C 294 5.67 28.03 -4.77
N PRO C 295 6.75 28.47 -4.13
CA PRO C 295 6.64 29.00 -2.77
C PRO C 295 5.81 30.26 -2.73
N HIS C 296 5.19 30.53 -1.59
CA HIS C 296 4.42 31.75 -1.41
C HIS C 296 5.34 32.80 -0.82
N ASN C 297 6.02 33.54 -1.72
CA ASN C 297 7.08 34.43 -1.32
C ASN C 297 6.59 35.58 -0.46
N HIS C 298 5.34 35.99 -0.64
CA HIS C 298 4.80 37.03 0.23
C HIS C 298 4.68 36.54 1.67
N THR C 299 4.22 35.30 1.87
CA THR C 299 4.15 34.75 3.22
C THR C 299 5.54 34.56 3.82
N ILE C 300 6.49 34.04 3.01
CA ILE C 300 7.85 33.85 3.51
C ILE C 300 8.47 35.18 3.91
N THR C 301 8.18 36.24 3.15
CA THR C 301 8.71 37.55 3.49
C THR C 301 8.08 38.07 4.78
N GLY C 302 6.76 37.89 4.94
CA GLY C 302 6.13 38.25 6.21
C GLY C 302 6.63 37.41 7.36
N LEU C 303 6.95 36.15 7.10
CA LEU C 303 7.52 35.30 8.14
C LEU C 303 8.87 35.83 8.61
N ALA C 304 9.72 36.28 7.67
CA ALA C 304 10.99 36.87 8.06
C ALA C 304 10.78 38.04 9.03
N VAL C 305 9.78 38.88 8.75
CA VAL C 305 9.47 40.00 9.64
C VAL C 305 9.06 39.49 11.02
N ALA C 306 8.17 38.49 11.06
CA ALA C 306 7.72 37.95 12.34
C ALA C 306 8.87 37.35 13.14
N LEU C 307 9.84 36.73 12.45
CA LEU C 307 10.96 36.09 13.15
C LEU C 307 11.91 37.11 13.75
N LYS C 308 12.09 38.26 13.10
CA LYS C 308 12.86 39.33 13.71
C LYS C 308 12.18 39.85 14.97
N GLN C 309 10.86 40.02 14.92
CA GLN C 309 10.14 40.45 16.11
C GLN C 309 10.30 39.45 17.25
N ALA C 310 10.36 38.16 16.94
CA ALA C 310 10.42 37.13 17.97
C ALA C 310 11.71 37.18 18.79
N ARG C 311 12.73 37.90 18.32
CA ARG C 311 14.01 37.98 18.99
C ARG C 311 14.11 39.12 19.99
N THR C 312 13.09 39.99 20.07
CA THR C 312 13.22 41.23 20.83
C THR C 312 12.90 41.02 22.31
N PRO C 313 13.43 41.89 23.17
CA PRO C 313 13.08 41.80 24.60
C PRO C 313 11.60 41.99 24.86
N GLU C 314 10.93 42.87 24.11
CA GLU C 314 9.52 43.08 24.37
C GLU C 314 8.68 41.88 23.94
N TYR C 315 9.15 41.12 22.94
CA TYR C 315 8.46 39.89 22.57
C TYR C 315 8.57 38.85 23.69
N LYS C 316 9.76 38.74 24.29
CA LYS C 316 9.88 37.85 25.44
C LYS C 316 8.98 38.29 26.59
N ALA C 317 8.93 39.60 26.86
CA ALA C 317 8.03 40.10 27.90
C ALA C 317 6.58 39.75 27.59
N TYR C 318 6.20 39.85 26.32
CA TYR C 318 4.86 39.46 25.89
C TYR C 318 4.59 37.99 26.22
N GLN C 319 5.51 37.09 25.87
CA GLN C 319 5.26 35.67 26.09
C GLN C 319 5.26 35.34 27.58
N ASP C 320 6.12 35.99 28.36
CA ASP C 320 6.05 35.82 29.82
C ASP C 320 4.70 36.27 30.35
N GLN C 321 4.15 37.35 29.78
CA GLN C 321 2.82 37.79 30.20
C GLN C 321 1.74 36.80 29.80
N VAL C 322 1.89 36.18 28.62
CA VAL C 322 0.93 35.16 28.18
C VAL C 322 0.82 34.06 29.24
N LEU C 323 1.96 33.61 29.77
CA LEU C 323 1.96 32.56 30.78
C LEU C 323 1.32 33.04 32.08
N ARG C 324 1.72 34.22 32.57
CA ARG C 324 1.17 34.71 33.82
C ARG C 324 -0.32 34.98 33.71
N ASN C 325 -0.77 35.47 32.55
CA ASN C 325 -2.20 35.70 32.35
C ASN C 325 -2.96 34.38 32.43
N CYS C 326 -2.43 33.33 31.81
CA CYS C 326 -3.14 32.06 31.81
C CYS C 326 -3.17 31.46 33.20
N SER C 327 -2.07 31.58 33.95
CA SER C 327 -2.06 31.12 35.33
C SER C 327 -3.14 31.82 36.15
N LYS C 328 -3.25 33.16 36.00
CA LYS C 328 -4.27 33.91 36.72
C LYS C 328 -5.67 33.51 36.27
N PHE C 329 -5.86 33.36 34.95
CA PHE C 329 -7.11 32.89 34.39
C PHE C 329 -7.51 31.54 35.00
N ALA C 330 -6.60 30.58 35.00
CA ALA C 330 -6.87 29.27 35.58
C ALA C 330 -7.22 29.38 37.06
N GLU C 331 -6.45 30.16 37.80
CA GLU C 331 -6.69 30.31 39.24
C GLU C 331 -8.08 30.87 39.49
N THR C 332 -8.51 31.85 38.69
CA THR C 332 -9.82 32.46 38.87
C THR C 332 -10.94 31.48 38.54
N LEU C 333 -10.78 30.72 37.44
CA LEU C 333 -11.78 29.71 37.10
C LEU C 333 -11.91 28.66 38.19
N LEU C 334 -10.78 28.19 38.73
CA LEU C 334 -10.83 27.19 39.81
C LEU C 334 -11.53 27.76 41.04
N ALA C 335 -11.27 29.03 41.35
CA ALA C 335 -11.89 29.66 42.50
C ALA C 335 -13.39 29.81 42.32
N LYS C 336 -13.86 29.90 41.07
CA LYS C 336 -15.28 29.97 40.77
C LYS C 336 -15.92 28.59 40.60
N GLY C 337 -15.19 27.53 40.91
CA GLY C 337 -15.76 26.20 40.96
C GLY C 337 -15.64 25.39 39.69
N TYR C 338 -14.91 25.87 38.69
CA TYR C 338 -14.78 25.13 37.44
C TYR C 338 -13.71 24.06 37.56
N ASP C 339 -13.92 22.95 36.85
CA ASP C 339 -12.92 21.90 36.74
C ASP C 339 -12.09 22.14 35.48
N LEU C 340 -10.77 22.11 35.63
CA LEU C 340 -9.86 22.20 34.51
C LEU C 340 -9.23 20.83 34.25
N VAL C 341 -9.13 20.45 32.97
CA VAL C 341 -8.46 19.21 32.63
C VAL C 341 -6.99 19.35 33.00
N SER C 342 -6.49 18.36 33.76
CA SER C 342 -5.19 18.30 34.43
C SER C 342 -5.10 19.23 35.64
N GLY C 343 -6.17 19.95 35.99
CA GLY C 343 -6.20 20.72 37.21
C GLY C 343 -5.62 22.12 37.13
N GLY C 344 -5.18 22.55 35.95
CA GLY C 344 -4.52 23.84 35.83
C GLY C 344 -3.84 23.96 34.48
N THR C 345 -2.77 24.78 34.45
CA THR C 345 -2.09 25.00 33.20
C THR C 345 -0.63 25.32 33.46
N ASP C 346 0.22 24.97 32.49
CA ASP C 346 1.59 25.47 32.47
C ASP C 346 1.90 26.19 31.17
N ASN C 347 0.88 26.47 30.36
CA ASN C 347 1.18 27.15 29.11
C ASN C 347 0.16 28.26 28.87
N HIS C 348 -0.27 28.41 27.62
CA HIS C 348 -1.09 29.53 27.17
C HIS C 348 -2.58 29.21 27.14
N LEU C 349 -3.01 28.01 27.51
CA LEU C 349 -4.42 27.64 27.37
C LEU C 349 -4.91 26.90 28.60
N VAL C 350 -6.24 26.83 28.71
CA VAL C 350 -6.91 25.99 29.68
C VAL C 350 -8.00 25.22 28.96
N LEU C 351 -8.38 24.07 29.52
CA LEU C 351 -9.50 23.29 29.02
C LEU C 351 -10.46 23.10 30.18
N VAL C 352 -11.61 23.77 30.11
CA VAL C 352 -12.62 23.70 31.16
C VAL C 352 -13.52 22.50 30.88
N ASN C 353 -13.66 21.61 31.87
CA ASN C 353 -14.57 20.48 31.79
C ASN C 353 -15.85 20.89 32.52
N LEU C 354 -16.93 21.10 31.77
CA LEU C 354 -18.15 21.69 32.33
C LEU C 354 -19.08 20.69 33.00
N LYS C 355 -18.72 19.41 33.03
CA LYS C 355 -19.69 18.39 33.43
C LYS C 355 -20.18 18.60 34.86
N ASN C 356 -19.32 19.05 35.77
CA ASN C 356 -19.75 19.25 37.14
C ASN C 356 -20.73 20.43 37.27
N LYS C 357 -20.82 21.29 36.25
CA LYS C 357 -21.80 22.37 36.27
C LYS C 357 -23.14 21.95 35.67
N GLY C 358 -23.23 20.74 35.12
CA GLY C 358 -24.49 20.27 34.58
C GLY C 358 -24.87 20.88 33.25
N ILE C 359 -23.88 21.19 32.39
CA ILE C 359 -24.15 21.73 31.06
C ILE C 359 -22.95 21.38 30.18
N ASP C 360 -23.17 21.38 28.87
CA ASP C 360 -22.17 20.95 27.91
C ASP C 360 -21.54 22.14 27.18
N GLY C 361 -20.49 21.83 26.42
CA GLY C 361 -19.76 22.86 25.69
C GLY C 361 -20.55 23.49 24.57
N SER C 362 -21.40 22.72 23.88
CA SER C 362 -22.15 23.30 22.77
C SER C 362 -23.08 24.40 23.26
N ARG C 363 -23.80 24.15 24.36
CA ARG C 363 -24.72 25.14 24.90
C ARG C 363 -23.97 26.38 25.38
N VAL C 364 -22.88 26.18 26.12
CA VAL C 364 -22.13 27.33 26.64
C VAL C 364 -21.53 28.14 25.49
N GLU C 365 -20.98 27.46 24.47
CA GLU C 365 -20.36 28.19 23.37
C GLU C 365 -21.37 29.02 22.60
N LYS C 366 -22.62 28.57 22.52
CA LYS C 366 -23.65 29.37 21.85
C LYS C 366 -23.88 30.68 22.59
N VAL C 367 -23.88 30.64 23.92
CA VAL C 367 -24.04 31.88 24.67
C VAL C 367 -22.81 32.76 24.54
N LEU C 368 -21.61 32.17 24.65
CA LEU C 368 -20.37 32.93 24.48
C LEU C 368 -20.37 33.69 23.16
N GLU C 369 -20.75 33.01 22.07
CA GLU C 369 -20.80 33.66 20.75
C GLU C 369 -21.70 34.89 20.78
N LEU C 370 -22.87 34.77 21.40
CA LEU C 370 -23.83 35.87 21.40
C LEU C 370 -23.40 37.02 22.30
N VAL C 371 -22.48 36.80 23.23
CA VAL C 371 -21.97 37.88 24.08
C VAL C 371 -20.57 38.31 23.64
N HIS C 372 -20.18 37.91 22.42
N HIS C 372 -20.17 37.94 22.42
CA HIS C 372 -18.93 38.34 21.78
CA HIS C 372 -18.92 38.41 21.79
C HIS C 372 -17.70 37.86 22.55
C HIS C 372 -17.67 37.82 22.46
N ILE C 373 -17.78 36.62 23.02
CA ILE C 373 -16.62 35.87 23.52
C ILE C 373 -16.39 34.73 22.55
N ALA C 374 -15.24 34.74 21.87
CA ALA C 374 -14.89 33.72 20.88
C ALA C 374 -14.04 32.66 21.55
N ALA C 375 -14.59 31.45 21.65
CA ALA C 375 -13.85 30.31 22.20
C ALA C 375 -14.17 29.12 21.29
N ASN C 376 -13.86 27.90 21.75
CA ASN C 376 -14.39 26.75 21.04
C ASN C 376 -14.83 25.67 22.03
N LYS C 377 -15.96 25.05 21.71
CA LYS C 377 -16.33 23.83 22.39
C LYS C 377 -15.27 22.77 22.08
N ASN C 378 -15.02 21.90 23.05
CA ASN C 378 -13.87 21.02 22.97
C ASN C 378 -14.16 19.73 23.71
N THR C 379 -13.81 18.62 23.08
CA THR C 379 -13.88 17.32 23.73
C THR C 379 -13.06 17.33 25.02
N VAL C 380 -13.56 16.63 26.04
CA VAL C 380 -12.77 16.42 27.25
C VAL C 380 -12.59 14.92 27.44
N PRO C 381 -11.52 14.48 28.09
CA PRO C 381 -11.38 13.06 28.41
C PRO C 381 -12.61 12.54 29.14
N GLY C 382 -13.15 11.42 28.66
CA GLY C 382 -14.35 10.85 29.20
C GLY C 382 -15.60 11.09 28.37
N ASP C 383 -15.55 12.04 27.43
CA ASP C 383 -16.64 12.20 26.47
C ASP C 383 -16.79 10.92 25.66
N VAL C 384 -18.02 10.46 25.48
CA VAL C 384 -18.25 9.26 24.67
C VAL C 384 -18.43 9.59 23.19
N SER C 385 -18.81 10.81 22.86
CA SER C 385 -19.08 11.19 21.48
C SER C 385 -18.43 12.55 21.20
N ALA C 386 -17.61 12.61 20.16
CA ALA C 386 -17.04 13.89 19.75
C ALA C 386 -18.10 14.86 19.24
N MET C 387 -19.33 14.40 19.03
CA MET C 387 -20.43 15.26 18.63
C MET C 387 -21.03 16.04 19.79
N VAL C 388 -20.82 15.60 21.03
CA VAL C 388 -21.36 16.26 22.21
C VAL C 388 -20.20 16.64 23.14
N PRO C 389 -19.46 17.70 22.84
CA PRO C 389 -18.27 18.00 23.66
C PRO C 389 -18.65 18.54 25.03
N GLY C 390 -17.91 18.08 26.04
CA GLY C 390 -18.20 18.49 27.40
C GLY C 390 -17.42 19.68 27.89
N GLY C 391 -16.59 20.31 27.06
CA GLY C 391 -15.68 21.33 27.55
C GLY C 391 -15.62 22.56 26.66
N ILE C 392 -14.90 23.56 27.18
CA ILE C 392 -14.60 24.80 26.46
C ILE C 392 -13.09 25.03 26.57
N ARG C 393 -12.46 25.33 25.44
CA ARG C 393 -11.04 25.65 25.39
C ARG C 393 -10.85 27.16 25.23
N MET C 394 -9.96 27.74 26.04
CA MET C 394 -9.69 29.16 26.02
C MET C 394 -8.21 29.40 26.29
N GLY C 395 -7.70 30.53 25.82
CA GLY C 395 -6.30 30.85 26.06
C GLY C 395 -6.04 32.35 25.96
N THR C 396 -4.78 32.71 26.24
CA THR C 396 -4.40 34.11 26.44
C THR C 396 -3.57 34.80 25.34
N PRO C 397 -3.02 34.12 24.32
CA PRO C 397 -2.16 34.88 23.37
C PRO C 397 -2.79 36.11 22.74
N ALA C 398 -4.03 36.01 22.23
CA ALA C 398 -4.60 37.11 21.45
C ALA C 398 -4.87 38.35 22.31
N LEU C 399 -5.58 38.19 23.42
CA LEU C 399 -5.85 39.35 24.25
C LEU C 399 -4.60 39.88 24.94
N THR C 400 -3.62 39.01 25.24
CA THR C 400 -2.38 39.53 25.78
C THR C 400 -1.68 40.44 24.78
N SER C 401 -1.79 40.11 23.48
CA SER C 401 -1.20 40.99 22.47
C SER C 401 -1.81 42.38 22.52
N ARG C 402 -3.11 42.49 22.84
CA ARG C 402 -3.75 43.79 22.96
C ARG C 402 -3.46 44.48 24.29
N GLY C 403 -2.74 43.84 25.21
CA GLY C 403 -2.37 44.46 26.46
C GLY C 403 -3.13 43.99 27.69
N PHE C 404 -3.98 42.96 27.57
CA PHE C 404 -4.59 42.38 28.75
C PHE C 404 -3.50 41.87 29.69
N ILE C 405 -3.64 42.17 30.98
CA ILE C 405 -2.72 41.65 31.99
C ILE C 405 -3.55 40.86 33.01
N GLU C 406 -2.95 40.51 34.15
CA GLU C 406 -3.54 39.48 35.01
C GLU C 406 -4.93 39.88 35.52
N GLU C 407 -5.08 41.13 35.99
CA GLU C 407 -6.39 41.56 36.46
C GLU C 407 -7.42 41.54 35.35
N ASP C 408 -7.00 41.78 34.11
CA ASP C 408 -7.94 41.74 32.99
C ASP C 408 -8.41 40.33 32.72
N PHE C 409 -7.52 39.34 32.84
CA PHE C 409 -8.00 37.98 32.65
C PHE C 409 -8.80 37.45 33.83
N ALA C 410 -8.64 38.03 35.03
CA ALA C 410 -9.59 37.74 36.09
C ALA C 410 -10.98 38.19 35.68
N LYS C 411 -11.07 39.36 35.03
CA LYS C 411 -12.35 39.86 34.53
C LYS C 411 -12.89 38.97 33.41
N VAL C 412 -12.01 38.50 32.51
CA VAL C 412 -12.46 37.57 31.48
C VAL C 412 -13.08 36.33 32.11
N ALA C 413 -12.46 35.81 33.17
CA ALA C 413 -13.01 34.63 33.83
C ALA C 413 -14.36 34.93 34.47
N GLU C 414 -14.52 36.13 35.03
CA GLU C 414 -15.80 36.53 35.60
C GLU C 414 -16.88 36.56 34.53
N TYR C 415 -16.58 37.13 33.37
CA TYR C 415 -17.60 37.23 32.33
C TYR C 415 -17.89 35.87 31.71
N PHE C 416 -16.88 35.00 31.58
CA PHE C 416 -17.13 33.62 31.18
C PHE C 416 -18.12 32.97 32.13
N ASP C 417 -17.91 33.15 33.44
CA ASP C 417 -18.79 32.55 34.44
C ASP C 417 -20.21 33.10 34.32
N LEU C 418 -20.34 34.41 34.08
CA LEU C 418 -21.67 34.99 33.89
C LEU C 418 -22.35 34.36 32.68
N ALA C 419 -21.58 34.09 31.62
CA ALA C 419 -22.16 33.45 30.44
C ALA C 419 -22.60 32.02 30.74
N VAL C 420 -21.83 31.28 31.53
CA VAL C 420 -22.25 29.93 31.91
C VAL C 420 -23.55 29.99 32.71
N LYS C 421 -23.68 30.98 33.59
CA LYS C 421 -24.90 31.10 34.39
C LYS C 421 -26.11 31.35 33.48
N ILE C 422 -25.94 32.16 32.44
CA ILE C 422 -27.03 32.39 31.50
C ILE C 422 -27.36 31.12 30.74
N ALA C 423 -26.32 30.38 30.30
CA ALA C 423 -26.56 29.12 29.60
C ALA C 423 -27.36 28.15 30.47
N LEU C 424 -27.03 28.08 31.76
CA LEU C 424 -27.78 27.21 32.67
C LEU C 424 -29.22 27.69 32.85
N LYS C 425 -29.46 29.00 32.84
CA LYS C 425 -30.83 29.50 32.87
C LYS C 425 -31.59 29.13 31.59
N ILE C 426 -30.92 29.21 30.43
CA ILE C 426 -31.57 28.84 29.19
C ILE C 426 -31.92 27.35 29.20
N LYS C 427 -31.00 26.52 29.69
CA LYS C 427 -31.28 25.10 29.79
C LYS C 427 -32.46 24.82 30.72
N ALA C 428 -32.50 25.52 31.87
CA ALA C 428 -33.62 25.31 32.80
C ALA C 428 -34.95 25.73 32.18
N GLU C 429 -34.96 26.79 31.39
CA GLU C 429 -36.20 27.26 30.79
C GLU C 429 -36.60 26.48 29.54
N SER C 430 -35.67 25.77 28.90
CA SER C 430 -35.96 25.10 27.64
C SER C 430 -37.05 24.04 27.81
N GLN C 431 -38.01 24.06 26.89
CA GLN C 431 -39.12 23.10 26.85
C GLN C 431 -38.70 21.86 26.06
N GLY C 432 -37.72 21.17 26.60
CA GLY C 432 -37.16 20.00 25.97
C GLY C 432 -35.70 19.88 26.32
N THR C 433 -35.12 18.74 25.94
CA THR C 433 -33.73 18.44 26.26
C THR C 433 -32.80 18.56 25.07
N LYS C 434 -33.32 18.87 23.87
CA LYS C 434 -32.49 18.90 22.68
C LYS C 434 -31.76 20.23 22.55
N LEU C 435 -30.60 20.20 21.88
CA LEU C 435 -29.90 21.43 21.54
C LEU C 435 -30.81 22.38 20.75
N LYS C 436 -31.66 21.81 19.88
CA LYS C 436 -32.60 22.62 19.13
C LYS C 436 -33.58 23.36 20.05
N ASP C 437 -33.98 22.74 21.16
CA ASP C 437 -34.85 23.41 22.12
C ASP C 437 -34.10 24.50 22.87
N PHE C 438 -32.84 24.25 23.21
CA PHE C 438 -32.00 25.27 23.82
C PHE C 438 -31.91 26.49 22.92
N VAL C 439 -31.64 26.28 21.63
CA VAL C 439 -31.52 27.39 20.69
C VAL C 439 -32.84 28.15 20.58
N ALA C 440 -33.96 27.42 20.50
CA ALA C 440 -35.26 28.09 20.42
C ALA C 440 -35.49 28.99 21.63
N THR C 441 -35.17 28.50 22.82
CA THR C 441 -35.31 29.32 24.03
C THR C 441 -34.35 30.49 24.01
N MET C 442 -33.09 30.24 23.66
CA MET C 442 -32.07 31.28 23.59
C MET C 442 -32.49 32.42 22.68
N GLN C 443 -33.31 32.13 21.67
CA GLN C 443 -33.69 33.13 20.67
C GLN C 443 -35.04 33.79 20.94
N SER C 444 -35.91 33.15 21.73
CA SER C 444 -37.26 33.66 21.94
C SER C 444 -37.51 34.23 23.33
N ASN C 445 -36.70 33.87 24.32
CA ASN C 445 -36.95 34.30 25.69
C ASN C 445 -36.46 35.72 25.88
N GLU C 446 -37.40 36.66 26.08
CA GLU C 446 -37.05 38.08 26.17
C GLU C 446 -36.16 38.37 27.37
N LYS C 447 -36.45 37.74 28.51
CA LYS C 447 -35.66 37.97 29.72
C LYS C 447 -34.21 37.51 29.52
N LEU C 448 -34.02 36.30 29.00
CA LEU C 448 -32.67 35.80 28.80
C LEU C 448 -31.96 36.53 27.66
N GLN C 449 -32.70 36.93 26.63
CA GLN C 449 -32.11 37.79 25.60
C GLN C 449 -31.61 39.10 26.19
N SER C 450 -32.36 39.67 27.14
N SER C 450 -32.36 39.67 27.14
CA SER C 450 -31.91 40.90 27.79
CA SER C 450 -31.93 40.89 27.80
C SER C 450 -30.64 40.67 28.62
C SER C 450 -30.66 40.67 28.61
N GLU C 451 -30.56 39.54 29.31
CA GLU C 451 -29.36 39.24 30.08
C GLU C 451 -28.15 39.08 29.16
N MET C 452 -28.34 38.42 28.01
CA MET C 452 -27.23 38.28 27.07
C MET C 452 -26.83 39.62 26.47
N SER C 453 -27.80 40.50 26.19
N SER C 453 -27.80 40.48 26.17
CA SER C 453 -27.46 41.82 25.67
CA SER C 453 -27.47 41.82 25.68
C SER C 453 -26.68 42.63 26.70
C SER C 453 -26.66 42.60 26.70
N LYS C 454 -27.02 42.49 27.98
CA LYS C 454 -26.28 43.19 29.03
C LYS C 454 -24.86 42.68 29.13
N LEU C 455 -24.67 41.35 29.12
CA LEU C 455 -23.33 40.80 29.19
C LEU C 455 -22.52 41.15 27.94
N ARG C 456 -23.15 41.09 26.76
CA ARG C 456 -22.47 41.50 25.54
C ARG C 456 -21.97 42.94 25.65
N GLU C 457 -22.81 43.83 26.19
CA GLU C 457 -22.37 45.22 26.36
C GLU C 457 -21.20 45.32 27.32
N MET C 458 -21.19 44.49 28.37
CA MET C 458 -20.10 44.51 29.33
C MET C 458 -18.80 44.03 28.68
N VAL C 459 -18.87 42.94 27.91
CA VAL C 459 -17.68 42.45 27.21
C VAL C 459 -17.15 43.52 26.27
N GLU C 460 -18.02 44.09 25.44
CA GLU C 460 -17.57 45.05 24.44
C GLU C 460 -17.00 46.29 25.09
N GLU C 461 -17.62 46.77 26.17
CA GLU C 461 -17.10 47.96 26.85
C GLU C 461 -15.70 47.69 27.40
N TYR C 462 -15.47 46.49 27.92
CA TYR C 462 -14.15 46.15 28.45
C TYR C 462 -13.12 46.04 27.33
N ALA C 463 -13.48 45.31 26.25
CA ALA C 463 -12.52 45.05 25.18
C ALA C 463 -12.18 46.32 24.40
N LYS C 464 -13.17 47.20 24.22
CA LYS C 464 -12.94 48.43 23.44
C LYS C 464 -11.87 49.32 24.06
N GLN C 465 -11.62 49.20 25.37
CA GLN C 465 -10.62 50.04 26.03
C GLN C 465 -9.23 49.82 25.47
N PHE C 466 -8.95 48.62 25.00
CA PHE C 466 -7.61 48.20 24.65
C PHE C 466 -7.27 48.56 23.21
N PRO C 467 -5.98 48.76 22.94
CA PRO C 467 -5.57 49.13 21.58
C PRO C 467 -6.00 48.08 20.56
N THR C 468 -6.27 48.56 19.35
CA THR C 468 -6.41 47.67 18.20
C THR C 468 -5.04 47.31 17.67
N ILE C 469 -4.91 46.08 17.15
CA ILE C 469 -3.63 45.57 16.68
C ILE C 469 -3.70 45.41 15.17
N GLY C 470 -2.81 46.12 14.46
CA GLY C 470 -2.67 46.00 13.03
C GLY C 470 -3.50 46.96 12.21
N PHE C 471 -4.30 47.81 12.86
CA PHE C 471 -5.07 48.85 12.17
C PHE C 471 -5.38 49.95 13.19
N GLU C 472 -5.71 51.12 12.66
CA GLU C 472 -6.00 52.29 13.48
C GLU C 472 -7.46 52.32 13.88
N LYS C 473 -7.71 52.49 15.18
CA LYS C 473 -9.08 52.66 15.66
C LYS C 473 -9.73 53.90 15.05
N GLU C 474 -8.94 54.97 14.88
CA GLU C 474 -9.52 56.25 14.47
C GLU C 474 -10.14 56.20 13.07
N THR C 475 -9.61 55.35 12.19
CA THR C 475 -10.11 55.29 10.81
C THR C 475 -11.07 54.14 10.57
N MET C 476 -11.46 53.39 11.60
CA MET C 476 -12.41 52.31 11.43
C MET C 476 -13.75 52.83 10.92
N ARG C 477 -14.38 52.06 10.04
CA ARG C 477 -15.73 52.39 9.62
C ARG C 477 -16.74 52.23 10.76
N TYR C 478 -16.61 51.19 11.56
CA TYR C 478 -17.61 50.82 12.55
C TYR C 478 -17.07 51.11 13.96
N LYS C 479 -17.19 52.37 14.37
CA LYS C 479 -16.70 52.83 15.66
C LYS C 479 -17.77 52.83 16.74
N GLU C 480 -19.02 52.51 16.40
CA GLU C 480 -20.08 52.49 17.40
C GLU C 480 -20.13 51.13 18.09
N SER D 1 6.58 49.63 36.46
CA SER D 1 7.26 50.48 35.48
C SER D 1 7.74 49.66 34.28
N ASN D 2 8.63 48.69 34.53
CA ASN D 2 9.17 47.89 33.42
C ASN D 2 8.10 47.06 32.75
N ALA D 3 7.16 46.50 33.53
CA ALA D 3 6.08 45.71 32.95
C ALA D 3 5.24 46.54 31.98
N GLU D 4 4.88 47.76 32.39
CA GLU D 4 4.09 48.60 31.50
C GLU D 4 4.92 49.13 30.34
N LYS D 5 6.20 49.39 30.59
CA LYS D 5 7.12 49.78 29.51
C LYS D 5 7.18 48.68 28.45
N SER D 6 7.28 47.42 28.88
CA SER D 6 7.33 46.30 27.93
C SER D 6 6.03 46.16 27.16
N ARG D 7 4.89 46.30 27.84
CA ARG D 7 3.59 46.17 27.17
C ARG D 7 3.42 47.24 26.11
N SER D 8 3.71 48.50 26.45
CA SER D 8 3.69 49.56 25.47
C SER D 8 4.64 49.25 24.31
N SER D 9 5.80 48.66 24.61
CA SER D 9 6.76 48.36 23.58
C SER D 9 6.25 47.30 22.61
N TRP D 10 5.63 46.22 23.11
CA TRP D 10 5.21 45.20 22.14
C TRP D 10 3.97 45.64 21.36
N ILE D 11 3.12 46.49 21.94
CA ILE D 11 2.01 47.03 21.17
C ILE D 11 2.52 47.96 20.08
N LYS D 12 3.50 48.81 20.41
CA LYS D 12 4.13 49.65 19.39
C LYS D 12 4.75 48.79 18.28
N GLN D 13 5.41 47.70 18.67
CA GLN D 13 5.98 46.77 17.70
C GLN D 13 4.92 46.25 16.73
N LEU D 14 3.73 45.92 17.25
CA LEU D 14 2.69 45.33 16.42
C LEU D 14 2.04 46.33 15.48
N ASN D 15 2.10 47.62 15.79
CA ASN D 15 1.38 48.62 15.01
C ASN D 15 2.29 49.47 14.13
N ALA D 16 3.60 49.26 14.19
CA ALA D 16 4.52 50.04 13.39
C ALA D 16 4.55 49.55 11.95
N SER D 17 4.91 50.45 11.03
CA SER D 17 4.98 50.10 9.63
C SER D 17 6.21 49.22 9.36
N LEU D 18 6.13 48.48 8.25
CA LEU D 18 7.27 47.67 7.81
C LEU D 18 8.52 48.51 7.62
N ASP D 19 8.37 49.72 7.06
CA ASP D 19 9.52 50.61 6.85
C ASP D 19 10.26 50.89 8.16
N GLU D 20 9.51 51.03 9.26
CA GLU D 20 10.10 51.33 10.56
C GLU D 20 10.63 50.07 11.25
N ILE D 21 9.87 48.98 11.18
CA ILE D 21 10.16 47.77 11.96
C ILE D 21 11.28 46.96 11.32
N ASP D 22 11.28 46.82 10.00
CA ASP D 22 12.18 45.90 9.31
C ASP D 22 12.66 46.53 8.01
N PRO D 23 13.51 47.55 8.11
CA PRO D 23 13.99 48.19 6.88
C PRO D 23 14.72 47.25 5.93
N GLU D 24 15.34 46.18 6.44
CA GLU D 24 16.00 45.24 5.55
C GLU D 24 14.99 44.54 4.64
N VAL D 25 13.87 44.10 5.21
CA VAL D 25 12.83 43.47 4.40
C VAL D 25 12.18 44.50 3.49
N ALA D 26 11.92 45.71 4.01
CA ALA D 26 11.34 46.76 3.17
C ALA D 26 12.22 47.03 1.96
N ASP D 27 13.56 47.02 2.16
CA ASP D 27 14.47 47.26 1.05
C ASP D 27 14.41 46.15 0.02
N ILE D 28 14.31 44.90 0.47
CA ILE D 28 14.19 43.78 -0.45
C ILE D 28 12.94 43.96 -1.31
N ILE D 29 11.82 44.31 -0.68
CA ILE D 29 10.58 44.49 -1.45
C ILE D 29 10.74 45.63 -2.46
N GLU D 30 11.41 46.72 -2.06
CA GLU D 30 11.60 47.82 -3.00
C GLU D 30 12.48 47.40 -4.17
N LEU D 31 13.48 46.55 -3.92
CA LEU D 31 14.31 46.05 -5.01
C LEU D 31 13.48 45.17 -5.94
N GLU D 32 12.62 44.34 -5.38
CA GLU D 32 11.76 43.50 -6.21
C GLU D 32 10.77 44.34 -7.01
N LYS D 33 10.25 45.42 -6.43
CA LYS D 33 9.39 46.34 -7.18
C LYS D 33 10.12 46.89 -8.40
N ALA D 34 11.37 47.33 -8.23
CA ALA D 34 12.14 47.87 -9.35
C ALA D 34 12.42 46.79 -10.39
N ARG D 35 12.64 45.55 -9.95
CA ARG D 35 12.87 44.45 -10.89
C ARG D 35 11.65 44.19 -11.76
N GLN D 36 10.45 44.22 -11.16
CA GLN D 36 9.22 44.03 -11.92
C GLN D 36 8.92 45.20 -12.85
N TRP D 37 9.50 46.37 -12.56
CA TRP D 37 9.33 47.54 -13.40
C TRP D 37 10.16 47.47 -14.69
N LYS D 38 11.34 46.86 -14.63
CA LYS D 38 12.34 47.01 -15.67
C LYS D 38 12.48 45.82 -16.61
N GLY D 39 11.81 44.71 -16.35
CA GLY D 39 12.09 43.52 -17.12
C GLY D 39 11.02 43.14 -18.12
N PHE D 40 11.39 42.34 -19.12
CA PHE D 40 10.45 41.64 -19.99
C PHE D 40 10.12 40.33 -19.30
N GLU D 41 8.93 40.25 -18.68
CA GLU D 41 8.55 39.06 -17.94
C GLU D 41 7.72 38.17 -18.85
N LEU D 42 8.37 37.16 -19.44
CA LEU D 42 7.72 36.30 -20.44
C LEU D 42 7.44 34.90 -19.92
N ILE D 43 7.70 34.61 -18.65
CA ILE D 43 7.34 33.30 -18.11
C ILE D 43 5.81 33.23 -18.07
N PRO D 44 5.20 32.28 -18.79
CA PRO D 44 3.74 32.34 -19.00
C PRO D 44 2.92 32.02 -17.77
N SER D 45 3.53 31.52 -16.69
CA SER D 45 2.82 31.29 -15.44
C SER D 45 2.83 32.51 -14.53
N GLU D 46 3.57 33.57 -14.88
CA GLU D 46 3.65 34.72 -14.00
C GLU D 46 2.70 35.82 -14.44
N ASN D 47 2.31 36.65 -13.47
CA ASN D 47 1.42 37.77 -13.73
C ASN D 47 1.66 38.80 -12.62
N PHE D 48 0.94 39.91 -12.71
CA PHE D 48 1.00 40.98 -11.71
C PHE D 48 -0.36 41.15 -11.07
N THR D 49 -0.43 40.91 -9.77
CA THR D 49 -1.66 40.99 -9.01
C THR D 49 -2.10 42.44 -8.81
N SER D 50 -3.41 42.64 -8.76
CA SER D 50 -3.96 43.97 -8.53
C SER D 50 -3.69 44.46 -7.10
N LEU D 51 -3.73 45.78 -6.94
CA LEU D 51 -3.62 46.36 -5.61
C LEU D 51 -4.74 45.92 -4.69
N SER D 52 -5.99 45.87 -5.21
CA SER D 52 -7.11 45.52 -4.34
C SER D 52 -6.99 44.09 -3.79
N VAL D 53 -6.51 43.15 -4.61
CA VAL D 53 -6.28 41.79 -4.11
C VAL D 53 -5.22 41.81 -3.02
N MET D 54 -4.12 42.53 -3.26
CA MET D 54 -3.04 42.55 -2.27
C MET D 54 -3.50 43.19 -0.96
N GLN D 55 -4.39 44.19 -1.02
CA GLN D 55 -4.88 44.81 0.20
C GLN D 55 -5.73 43.83 1.01
N ALA D 56 -6.52 43.00 0.33
CA ALA D 56 -7.27 41.97 1.04
C ALA D 56 -6.36 40.89 1.61
N VAL D 57 -5.38 40.44 0.83
CA VAL D 57 -4.45 39.42 1.32
C VAL D 57 -3.65 39.94 2.51
N GLY D 58 -3.36 41.24 2.52
CA GLY D 58 -2.65 41.85 3.65
C GLY D 58 -3.56 42.45 4.69
N SER D 59 -4.69 41.81 5.00
CA SER D 59 -5.67 42.35 5.94
C SER D 59 -5.77 41.47 7.19
N VAL D 60 -6.56 41.95 8.16
CA VAL D 60 -6.70 41.24 9.44
C VAL D 60 -7.54 39.98 9.29
N MET D 61 -8.02 39.69 8.08
CA MET D 61 -8.65 38.39 7.86
C MET D 61 -7.70 37.24 8.15
N THR D 62 -6.38 37.51 8.13
CA THR D 62 -5.38 36.50 8.46
C THR D 62 -5.48 36.01 9.91
N ASN D 63 -6.13 36.76 10.81
CA ASN D 63 -6.08 36.40 12.22
C ASN D 63 -7.04 35.29 12.64
N LYS D 64 -7.96 34.87 11.79
CA LYS D 64 -9.10 34.06 12.22
C LYS D 64 -8.89 32.58 11.93
N TYR D 65 -9.19 31.73 12.92
CA TYR D 65 -9.32 30.28 12.70
C TYR D 65 -10.77 29.93 12.37
N SER D 66 -10.98 29.22 11.26
CA SER D 66 -12.34 28.95 10.80
C SER D 66 -12.45 27.56 10.17
N GLU D 67 -11.88 26.56 10.84
CA GLU D 67 -12.01 25.19 10.34
C GLU D 67 -13.46 24.80 10.14
N GLY D 68 -13.72 24.08 9.05
CA GLY D 68 -15.06 23.71 8.65
C GLY D 68 -15.47 24.52 7.43
N TYR D 69 -16.76 24.75 7.29
CA TYR D 69 -17.32 25.41 6.11
C TYR D 69 -18.33 26.43 6.60
N PRO D 70 -18.71 27.39 5.75
CA PRO D 70 -19.62 28.46 6.21
C PRO D 70 -20.87 27.92 6.88
N GLY D 71 -21.21 28.52 8.03
CA GLY D 71 -22.34 28.06 8.82
C GLY D 71 -22.14 26.75 9.54
N ALA D 72 -20.99 26.09 9.35
CA ALA D 72 -20.71 24.79 9.95
C ALA D 72 -19.26 24.77 10.42
N ARG D 73 -18.92 25.68 11.32
CA ARG D 73 -17.56 25.89 11.80
C ARG D 73 -17.35 25.20 13.14
N TYR D 74 -16.07 24.99 13.47
CA TYR D 74 -15.64 24.45 14.76
C TYR D 74 -15.17 25.51 15.73
N TYR D 75 -15.24 26.78 15.35
CA TYR D 75 -14.85 27.89 16.21
C TYR D 75 -15.95 28.93 16.19
N GLY D 76 -16.08 29.66 17.29
CA GLY D 76 -16.92 30.85 17.27
C GLY D 76 -16.24 32.02 16.58
N GLY D 77 -17.02 33.09 16.39
CA GLY D 77 -16.49 34.34 15.87
C GLY D 77 -16.41 34.45 14.36
N ASN D 78 -17.07 33.57 13.61
CA ASN D 78 -16.85 33.49 12.17
C ASN D 78 -17.95 34.13 11.34
N GLU D 79 -18.74 35.04 11.91
CA GLU D 79 -19.84 35.63 11.14
C GLU D 79 -19.34 36.30 9.86
N TYR D 80 -18.22 37.03 9.94
CA TYR D 80 -17.75 37.79 8.78
C TYR D 80 -16.82 36.97 7.90
N ILE D 81 -16.04 36.07 8.50
CA ILE D 81 -15.31 35.10 7.69
C ILE D 81 -16.28 34.28 6.86
N ASP D 82 -17.45 33.94 7.42
CA ASP D 82 -18.45 33.21 6.63
C ASP D 82 -18.95 34.04 5.46
N MET D 83 -19.16 35.34 5.67
CA MET D 83 -19.58 36.19 4.55
C MET D 83 -18.56 36.16 3.43
N ALA D 84 -17.27 36.25 3.79
CA ALA D 84 -16.21 36.25 2.78
C ALA D 84 -16.15 34.94 2.03
N GLU D 85 -16.17 33.79 2.74
CA GLU D 85 -16.05 32.53 2.03
C GLU D 85 -17.29 32.25 1.18
N THR D 86 -18.48 32.53 1.71
CA THR D 86 -19.70 32.36 0.93
C THR D 86 -19.69 33.25 -0.31
N LEU D 87 -19.26 34.50 -0.17
CA LEU D 87 -19.16 35.39 -1.31
C LEU D 87 -18.13 34.87 -2.32
N CYS D 88 -17.01 34.36 -1.82
CA CYS D 88 -15.98 33.80 -2.70
C CYS D 88 -16.53 32.64 -3.51
N GLN D 89 -17.23 31.72 -2.86
CA GLN D 89 -17.82 30.58 -3.57
C GLN D 89 -18.81 31.06 -4.63
N LYS D 90 -19.68 32.00 -4.26
CA LYS D 90 -20.67 32.51 -5.21
C LYS D 90 -20.00 33.12 -6.42
N ARG D 91 -18.98 33.95 -6.20
CA ARG D 91 -18.27 34.59 -7.30
C ARG D 91 -17.46 33.58 -8.10
N ALA D 92 -16.98 32.51 -7.46
CA ALA D 92 -16.24 31.49 -8.20
C ALA D 92 -17.14 30.81 -9.22
N LEU D 93 -18.35 30.44 -8.81
CA LEU D 93 -19.28 29.82 -9.75
C LEU D 93 -19.69 30.82 -10.83
N GLU D 94 -19.89 32.10 -10.45
CA GLU D 94 -20.29 33.10 -11.43
C GLU D 94 -19.20 33.36 -12.45
N ALA D 95 -17.93 33.30 -12.03
CA ALA D 95 -16.83 33.64 -12.92
C ALA D 95 -16.73 32.65 -14.08
N PHE D 96 -17.22 31.43 -13.90
CA PHE D 96 -17.20 30.43 -14.95
C PHE D 96 -18.60 30.07 -15.43
N GLN D 97 -19.59 30.88 -15.07
CA GLN D 97 -20.98 30.77 -15.54
C GLN D 97 -21.56 29.38 -15.24
N LEU D 98 -21.39 28.95 -13.99
CA LEU D 98 -21.77 27.60 -13.59
C LEU D 98 -23.08 27.62 -12.83
N ASP D 99 -23.96 26.70 -13.19
CA ASP D 99 -25.21 26.46 -12.45
C ASP D 99 -24.89 25.88 -11.07
N PRO D 100 -25.22 26.57 -9.97
CA PRO D 100 -24.87 26.03 -8.64
C PRO D 100 -25.57 24.74 -8.30
N SER D 101 -26.62 24.36 -9.03
CA SER D 101 -27.23 23.05 -8.81
C SER D 101 -26.47 21.93 -9.52
N LYS D 102 -25.57 22.28 -10.44
CA LYS D 102 -24.77 21.30 -11.15
C LYS D 102 -23.29 21.34 -10.80
N TRP D 103 -22.83 22.41 -10.14
CA TRP D 103 -21.44 22.60 -9.80
C TRP D 103 -21.32 23.11 -8.38
N GLY D 104 -20.36 22.55 -7.62
CA GLY D 104 -19.94 23.10 -6.36
C GLY D 104 -18.47 23.50 -6.42
N VAL D 105 -18.02 24.20 -5.38
CA VAL D 105 -16.64 24.68 -5.37
C VAL D 105 -16.12 24.65 -3.95
N ASN D 106 -14.84 24.34 -3.82
CA ASN D 106 -14.07 24.48 -2.60
C ASN D 106 -13.00 25.55 -2.84
N VAL D 107 -12.97 26.58 -1.99
CA VAL D 107 -12.05 27.70 -2.18
C VAL D 107 -10.93 27.70 -1.13
N GLN D 108 -10.78 26.62 -0.36
CA GLN D 108 -9.84 26.60 0.77
C GLN D 108 -8.49 25.99 0.43
N SER D 109 -8.34 25.31 -0.70
CA SER D 109 -7.09 24.63 -0.96
C SER D 109 -5.96 25.64 -1.13
N LEU D 110 -4.81 25.36 -0.51
CA LEU D 110 -3.79 26.39 -0.34
C LEU D 110 -3.01 26.71 -1.62
N SER D 111 -2.94 25.81 -2.59
CA SER D 111 -2.21 26.10 -3.82
C SER D 111 -2.55 25.01 -4.84
N GLY D 112 -2.03 25.17 -6.06
CA GLY D 112 -2.41 24.25 -7.13
C GLY D 112 -1.99 22.82 -6.87
N SER D 113 -0.76 22.62 -6.36
CA SER D 113 -0.27 21.25 -6.18
C SER D 113 -1.04 20.49 -5.11
N PRO D 114 -1.24 21.03 -3.89
CA PRO D 114 -2.07 20.29 -2.92
C PRO D 114 -3.51 20.15 -3.37
N ALA D 115 -4.04 21.09 -4.17
CA ALA D 115 -5.41 20.94 -4.65
C ALA D 115 -5.57 19.66 -5.45
N ASN D 116 -4.62 19.36 -6.33
CA ASN D 116 -4.71 18.11 -7.07
C ASN D 116 -4.56 16.91 -6.14
N PHE D 117 -3.61 16.98 -5.19
CA PHE D 117 -3.45 15.86 -4.26
C PHE D 117 -4.71 15.61 -3.45
N GLN D 118 -5.43 16.70 -3.11
CA GLN D 118 -6.68 16.56 -2.38
C GLN D 118 -7.75 15.88 -3.23
N VAL D 119 -7.81 16.20 -4.52
CA VAL D 119 -8.75 15.49 -5.40
C VAL D 119 -8.41 14.01 -5.46
N TYR D 120 -7.13 13.67 -5.63
CA TYR D 120 -6.77 12.24 -5.67
C TYR D 120 -7.15 11.55 -4.37
N THR D 121 -6.86 12.20 -3.24
CA THR D 121 -7.18 11.62 -1.94
C THR D 121 -8.69 11.45 -1.77
N ALA D 122 -9.47 12.40 -2.28
CA ALA D 122 -10.93 12.32 -2.18
C ALA D 122 -11.49 11.15 -2.97
N LEU D 123 -10.96 10.92 -4.18
CA LEU D 123 -11.64 10.06 -5.16
C LEU D 123 -10.94 8.74 -5.42
N LEU D 124 -9.69 8.58 -5.01
CA LEU D 124 -8.90 7.39 -5.28
C LEU D 124 -8.39 6.79 -3.97
N LYS D 125 -8.39 5.46 -3.89
CA LYS D 125 -7.69 4.79 -2.80
C LYS D 125 -6.19 4.86 -3.06
N PRO D 126 -5.37 4.76 -2.01
CA PRO D 126 -3.92 4.67 -2.22
C PRO D 126 -3.59 3.61 -3.27
N HIS D 127 -2.63 3.95 -4.13
CA HIS D 127 -2.10 3.10 -5.21
C HIS D 127 -3.07 2.92 -6.36
N GLU D 128 -4.20 3.63 -6.38
CA GLU D 128 -5.03 3.59 -7.58
C GLU D 128 -4.40 4.45 -8.69
N ARG D 129 -4.90 4.29 -9.91
CA ARG D 129 -4.16 4.66 -11.11
C ARG D 129 -4.59 6.00 -11.71
N ILE D 130 -3.59 6.80 -12.09
CA ILE D 130 -3.76 8.12 -12.68
C ILE D 130 -2.98 8.19 -13.99
N MET D 131 -3.57 8.77 -15.03
CA MET D 131 -2.85 9.13 -16.23
C MET D 131 -2.86 10.65 -16.41
N ALA D 132 -1.75 11.18 -16.92
CA ALA D 132 -1.59 12.62 -17.09
C ALA D 132 -0.49 12.86 -18.12
N LEU D 133 -0.46 14.08 -18.63
CA LEU D 133 0.54 14.44 -19.65
C LEU D 133 1.93 14.38 -19.04
N ASP D 134 2.85 13.70 -19.74
CA ASP D 134 4.22 13.56 -19.25
C ASP D 134 4.82 14.95 -18.99
N LEU D 135 5.56 15.06 -17.90
CA LEU D 135 6.14 16.35 -17.48
C LEU D 135 6.98 16.98 -18.59
N PRO D 136 7.93 16.28 -19.22
CA PRO D 136 8.69 16.90 -20.31
C PRO D 136 7.86 17.23 -21.58
N HIS D 137 6.67 16.67 -21.71
CA HIS D 137 5.77 16.92 -22.84
C HIS D 137 4.79 18.05 -22.50
N GLY D 138 4.91 18.70 -21.34
CA GLY D 138 4.03 19.81 -21.03
C GLY D 138 3.17 19.63 -19.81
N GLY D 139 3.37 18.55 -19.07
CA GLY D 139 2.58 18.27 -17.88
C GLY D 139 3.04 19.06 -16.66
N HIS D 140 2.65 18.56 -15.50
CA HIS D 140 2.96 19.22 -14.23
C HIS D 140 3.27 18.17 -13.16
N LEU D 141 4.18 18.54 -12.25
CA LEU D 141 4.62 17.58 -11.23
C LEU D 141 3.46 17.09 -10.36
N SER D 142 2.45 17.93 -10.13
CA SER D 142 1.34 17.53 -9.26
C SER D 142 0.40 16.52 -9.91
N HIS D 143 0.68 16.10 -11.14
CA HIS D 143 -0.04 14.99 -11.75
C HIS D 143 0.75 13.70 -11.64
N GLY D 144 1.88 13.73 -10.94
CA GLY D 144 2.77 12.60 -10.88
C GLY D 144 3.97 12.78 -11.79
N TYR D 145 5.08 12.15 -11.42
CA TYR D 145 6.27 12.09 -12.26
C TYR D 145 7.31 11.18 -11.66
N GLN D 146 7.87 10.28 -12.47
CA GLN D 146 9.00 9.49 -12.04
C GLN D 146 9.94 9.30 -13.21
N THR D 147 11.22 9.19 -12.88
CA THR D 147 12.27 8.92 -13.85
C THR D 147 12.66 7.45 -13.73
N ASP D 148 13.62 7.04 -14.57
CA ASP D 148 14.21 5.71 -14.40
C ASP D 148 14.85 5.57 -13.03
N THR D 149 15.25 6.70 -12.43
CA THR D 149 15.97 6.70 -11.16
C THR D 149 15.01 6.61 -9.98
N LYS D 150 14.04 7.51 -9.90
CA LYS D 150 13.25 7.61 -8.68
C LYS D 150 11.94 8.34 -8.95
N LYS D 151 11.04 8.23 -7.99
CA LYS D 151 9.78 8.95 -8.02
C LYS D 151 10.01 10.38 -7.55
N ILE D 152 9.66 11.34 -8.38
CA ILE D 152 9.97 12.75 -8.14
C ILE D 152 8.84 13.44 -7.40
N SER D 153 7.63 13.31 -7.92
CA SER D 153 6.45 13.82 -7.26
C SER D 153 5.92 12.76 -6.30
N ALA D 154 5.50 13.20 -5.11
CA ALA D 154 4.90 12.25 -4.18
C ALA D 154 3.54 11.74 -4.65
N VAL D 155 2.93 12.37 -5.65
CA VAL D 155 1.74 11.78 -6.28
C VAL D 155 2.07 10.37 -6.77
N SER D 156 3.29 10.18 -7.29
CA SER D 156 3.72 8.88 -7.79
C SER D 156 4.13 7.92 -6.68
N ILE D 157 4.25 8.40 -5.44
CA ILE D 157 4.49 7.51 -4.30
C ILE D 157 3.17 6.95 -3.78
N PHE D 158 2.18 7.82 -3.59
CA PHE D 158 0.93 7.39 -2.98
C PHE D 158 -0.07 6.86 -3.98
N PHE D 159 0.08 7.18 -5.26
CA PHE D 159 -0.79 6.68 -6.32
C PHE D 159 0.09 6.12 -7.43
N GLU D 160 -0.53 5.35 -8.33
CA GLU D 160 0.18 4.69 -9.42
C GLU D 160 -0.04 5.49 -10.70
N THR D 161 1.00 6.17 -11.18
CA THR D 161 0.88 7.08 -12.30
C THR D 161 1.50 6.50 -13.57
N MET D 162 0.97 6.94 -14.72
CA MET D 162 1.53 6.61 -16.03
C MET D 162 1.31 7.82 -16.94
N PRO D 163 2.31 8.24 -17.71
CA PRO D 163 2.15 9.39 -18.58
C PRO D 163 1.49 9.03 -19.91
N TYR D 164 0.86 10.04 -20.51
CA TYR D 164 0.59 10.03 -21.94
C TYR D 164 1.43 11.13 -22.58
N ARG D 165 1.63 11.02 -23.89
CA ARG D 165 2.69 11.80 -24.54
C ARG D 165 2.18 12.52 -25.79
N LEU D 166 2.99 13.45 -26.26
CA LEU D 166 2.74 14.13 -27.53
C LEU D 166 2.97 13.20 -28.70
N ASP D 167 2.31 13.51 -29.80
CA ASP D 167 2.74 13.08 -31.12
C ASP D 167 3.90 13.98 -31.51
N GLU D 168 5.12 13.45 -31.47
CA GLU D 168 6.27 14.33 -31.68
C GLU D 168 6.41 14.80 -33.12
N ASN D 169 5.62 14.25 -34.05
CA ASN D 169 5.58 14.77 -35.41
C ASN D 169 4.71 16.02 -35.53
N THR D 170 3.65 16.12 -34.71
CA THR D 170 2.73 17.24 -34.80
C THR D 170 2.80 18.20 -33.63
N GLY D 171 3.36 17.80 -32.50
CA GLY D 171 3.38 18.63 -31.32
C GLY D 171 2.08 18.66 -30.54
N TYR D 172 1.06 17.95 -30.99
CA TYR D 172 -0.19 17.80 -30.25
C TYR D 172 -0.16 16.53 -29.42
N ILE D 173 -1.00 16.51 -28.37
CA ILE D 173 -1.21 15.30 -27.60
C ILE D 173 -1.64 14.17 -28.52
N ASP D 174 -1.06 12.98 -28.32
CA ASP D 174 -1.41 11.82 -29.13
C ASP D 174 -2.62 11.18 -28.46
N TYR D 175 -3.82 11.61 -28.86
CA TYR D 175 -5.02 11.11 -28.21
C TYR D 175 -5.27 9.64 -28.52
N ASP D 176 -4.90 9.19 -29.73
CA ASP D 176 -5.05 7.78 -30.05
C ASP D 176 -4.20 6.91 -29.14
N GLN D 177 -2.95 7.32 -28.88
CA GLN D 177 -2.11 6.52 -28.01
C GLN D 177 -2.56 6.60 -26.55
N LEU D 178 -3.05 7.77 -26.13
CA LEU D 178 -3.66 7.90 -24.81
C LEU D 178 -4.77 6.86 -24.64
N GLU D 179 -5.67 6.81 -25.61
CA GLU D 179 -6.79 5.87 -25.53
C GLU D 179 -6.31 4.43 -25.48
N LYS D 180 -5.34 4.07 -26.34
CA LYS D 180 -4.86 2.69 -26.34
C LYS D 180 -4.15 2.34 -25.04
N SER D 181 -3.35 3.28 -24.50
CA SER D 181 -2.69 3.05 -23.23
C SER D 181 -3.68 2.84 -22.10
N ALA D 182 -4.76 3.63 -22.10
CA ALA D 182 -5.75 3.55 -21.03
C ALA D 182 -6.43 2.20 -20.99
N VAL D 183 -6.66 1.58 -22.16
CA VAL D 183 -7.27 0.25 -22.17
C VAL D 183 -6.43 -0.73 -21.37
N LEU D 184 -5.10 -0.66 -21.48
CA LEU D 184 -4.22 -1.59 -20.79
C LEU D 184 -4.03 -1.19 -19.34
N PHE D 185 -3.85 0.11 -19.08
CA PHE D 185 -3.47 0.59 -17.74
C PHE D 185 -4.66 0.71 -16.81
N ARG D 186 -5.87 0.93 -17.36
CA ARG D 186 -7.09 1.06 -16.58
C ARG D 186 -6.99 2.18 -15.54
N PRO D 187 -6.78 3.43 -15.96
CA PRO D 187 -6.75 4.52 -14.99
C PRO D 187 -8.10 4.70 -14.33
N LYS D 188 -8.07 5.10 -13.06
CA LYS D 188 -9.27 5.52 -12.35
C LYS D 188 -9.52 7.02 -12.50
N LEU D 189 -8.52 7.77 -12.95
CA LEU D 189 -8.62 9.21 -13.11
C LEU D 189 -7.65 9.61 -14.20
N ILE D 190 -8.09 10.47 -15.13
CA ILE D 190 -7.24 10.99 -16.19
C ILE D 190 -7.22 12.51 -16.06
N VAL D 191 -6.02 13.08 -16.04
CA VAL D 191 -5.88 14.53 -15.93
C VAL D 191 -5.77 15.12 -17.33
N ALA D 192 -6.56 16.17 -17.57
CA ALA D 192 -6.47 16.98 -18.77
C ALA D 192 -6.00 18.37 -18.33
N GLY D 193 -4.69 18.57 -18.34
CA GLY D 193 -4.14 19.85 -17.91
C GLY D 193 -2.68 19.97 -18.25
N ALA D 194 -2.25 21.15 -18.69
CA ALA D 194 -0.89 21.32 -19.14
C ALA D 194 -0.32 22.65 -18.63
N SER D 195 1.01 22.69 -18.53
CA SER D 195 1.76 23.90 -18.19
C SER D 195 2.61 24.42 -19.32
N ALA D 196 3.09 23.58 -20.22
CA ALA D 196 3.94 24.00 -21.33
C ALA D 196 3.41 23.36 -22.60
N TYR D 197 2.23 23.81 -23.01
CA TYR D 197 1.52 23.30 -24.20
C TYR D 197 0.89 24.51 -24.86
N ALA D 198 1.21 24.76 -26.14
CA ALA D 198 0.66 25.91 -26.85
C ALA D 198 -0.67 25.62 -27.52
N ARG D 199 -1.28 24.48 -27.23
CA ARG D 199 -2.57 24.13 -27.80
C ARG D 199 -3.60 23.95 -26.69
N LEU D 200 -4.86 23.98 -27.09
CA LEU D 200 -5.95 23.72 -26.17
C LEU D 200 -6.29 22.24 -26.19
N TYR D 201 -6.93 21.77 -25.12
CA TYR D 201 -7.26 20.37 -24.97
C TYR D 201 -8.47 19.99 -25.82
N ASP D 202 -8.43 18.76 -26.35
CA ASP D 202 -9.61 18.12 -26.91
C ASP D 202 -10.37 17.49 -25.75
N TYR D 203 -11.10 18.34 -25.01
CA TYR D 203 -11.84 17.83 -23.85
C TYR D 203 -12.89 16.81 -24.26
N ALA D 204 -13.48 16.96 -25.45
CA ALA D 204 -14.44 15.98 -25.93
C ALA D 204 -13.81 14.60 -26.02
N ARG D 205 -12.59 14.52 -26.55
CA ARG D 205 -11.92 13.23 -26.70
C ARG D 205 -11.55 12.64 -25.34
N ILE D 206 -11.01 13.46 -24.44
CA ILE D 206 -10.73 13.00 -23.09
C ILE D 206 -12.00 12.47 -22.44
N ARG D 207 -13.12 13.18 -22.64
CA ARG D 207 -14.39 12.73 -22.06
C ARG D 207 -14.77 11.34 -22.56
N LYS D 208 -14.57 11.09 -23.85
CA LYS D 208 -14.91 9.78 -24.40
C LYS D 208 -14.05 8.69 -23.78
N VAL D 209 -12.74 8.94 -23.64
CA VAL D 209 -11.86 7.95 -23.03
C VAL D 209 -12.26 7.73 -21.57
N CYS D 210 -12.52 8.81 -20.84
CA CYS D 210 -12.91 8.67 -19.44
C CYS D 210 -14.22 7.89 -19.32
N ASN D 211 -15.18 8.14 -20.22
CA ASN D 211 -16.44 7.41 -20.14
C ASN D 211 -16.22 5.91 -20.38
N LYS D 212 -15.39 5.59 -21.38
CA LYS D 212 -15.11 4.19 -21.72
C LYS D 212 -14.37 3.48 -20.59
N GLN D 213 -13.49 4.18 -19.90
CA GLN D 213 -12.69 3.60 -18.83
C GLN D 213 -13.36 3.72 -17.46
N LYS D 214 -14.52 4.38 -17.38
CA LYS D 214 -15.17 4.69 -16.12
C LYS D 214 -14.18 5.38 -15.17
N ALA D 215 -13.46 6.36 -15.72
CA ALA D 215 -12.48 7.14 -15.01
C ALA D 215 -13.00 8.55 -14.77
N VAL D 216 -12.56 9.14 -13.65
CA VAL D 216 -12.84 10.55 -13.39
C VAL D 216 -12.05 11.40 -14.37
N MET D 217 -12.72 12.38 -14.97
CA MET D 217 -12.07 13.38 -15.83
C MET D 217 -11.77 14.62 -14.99
N LEU D 218 -10.48 14.83 -14.70
CA LEU D 218 -10.01 15.99 -13.98
C LEU D 218 -9.37 16.95 -14.97
N ALA D 219 -9.94 18.14 -15.11
CA ALA D 219 -9.29 19.20 -15.89
C ALA D 219 -8.52 20.09 -14.92
N ASP D 220 -7.23 20.26 -15.19
CA ASP D 220 -6.39 21.16 -14.40
C ASP D 220 -6.09 22.37 -15.28
N MET D 221 -6.85 23.45 -15.07
CA MET D 221 -6.81 24.59 -15.96
C MET D 221 -5.96 25.74 -15.44
N ALA D 222 -4.99 25.45 -14.57
CA ALA D 222 -4.19 26.51 -13.94
C ALA D 222 -3.67 27.55 -14.93
N HIS D 223 -3.15 27.11 -16.08
CA HIS D 223 -2.53 28.05 -17.00
C HIS D 223 -3.53 28.87 -17.80
N ILE D 224 -4.80 28.44 -17.86
CA ILE D 224 -5.76 29.01 -18.79
C ILE D 224 -7.01 29.52 -18.12
N SER D 225 -7.09 29.48 -16.79
CA SER D 225 -8.39 29.74 -16.13
C SER D 225 -8.90 31.15 -16.42
N GLY D 226 -8.01 32.13 -16.57
CA GLY D 226 -8.48 33.47 -16.87
C GLY D 226 -9.03 33.60 -18.27
N LEU D 227 -8.42 32.87 -19.21
CA LEU D 227 -8.98 32.80 -20.56
C LEU D 227 -10.36 32.15 -20.55
N VAL D 228 -10.51 31.11 -19.74
CA VAL D 228 -11.80 30.43 -19.61
C VAL D 228 -12.84 31.36 -19.01
N ALA D 229 -12.47 32.06 -17.93
CA ALA D 229 -13.42 32.96 -17.27
C ALA D 229 -13.89 34.05 -18.21
N ALA D 230 -12.99 34.59 -19.03
CA ALA D 230 -13.35 35.63 -19.98
C ALA D 230 -14.16 35.10 -21.16
N GLY D 231 -14.27 33.79 -21.32
CA GLY D 231 -15.01 33.21 -22.42
C GLY D 231 -14.31 33.26 -23.76
N VAL D 232 -12.98 33.40 -23.78
CA VAL D 232 -12.26 33.58 -25.05
C VAL D 232 -11.67 32.28 -25.57
N ILE D 233 -11.71 31.19 -24.79
CA ILE D 233 -11.40 29.84 -25.27
C ILE D 233 -12.48 28.91 -24.76
N PRO D 234 -12.60 27.71 -25.34
CA PRO D 234 -13.60 26.74 -24.84
C PRO D 234 -13.34 26.35 -23.39
N SER D 235 -14.43 26.01 -22.67
CA SER D 235 -14.36 25.78 -21.23
C SER D 235 -14.21 24.30 -20.92
N PRO D 236 -13.29 23.91 -20.04
CA PRO D 236 -13.27 22.51 -19.57
C PRO D 236 -14.54 22.10 -18.86
N PHE D 237 -15.30 23.06 -18.30
CA PHE D 237 -16.52 22.72 -17.57
C PHE D 237 -17.59 22.11 -18.47
N GLU D 238 -17.45 22.23 -19.79
CA GLU D 238 -18.39 21.57 -20.69
C GLU D 238 -18.31 20.05 -20.59
N TYR D 239 -17.17 19.52 -20.12
CA TYR D 239 -16.91 18.08 -20.18
C TYR D 239 -16.43 17.47 -18.87
N ALA D 240 -15.61 18.18 -18.08
CA ALA D 240 -14.90 17.56 -16.98
C ALA D 240 -15.84 17.21 -15.82
N ASP D 241 -15.42 16.22 -15.03
CA ASP D 241 -16.09 15.89 -13.76
C ASP D 241 -15.65 16.81 -12.64
N VAL D 242 -14.36 17.10 -12.58
CA VAL D 242 -13.73 17.92 -11.56
C VAL D 242 -12.79 18.87 -12.28
N VAL D 243 -12.69 20.11 -11.82
CA VAL D 243 -11.77 21.10 -12.39
C VAL D 243 -10.98 21.72 -11.24
N THR D 244 -9.66 21.64 -11.33
CA THR D 244 -8.79 22.35 -10.40
C THR D 244 -8.12 23.53 -11.11
N THR D 245 -7.68 24.48 -10.31
CA THR D 245 -6.92 25.61 -10.87
C THR D 245 -6.19 26.33 -9.75
N THR D 246 -5.02 26.87 -10.11
CA THR D 246 -4.44 27.92 -9.30
C THR D 246 -5.31 29.16 -9.41
N THR D 247 -5.22 30.01 -8.40
CA THR D 247 -5.92 31.29 -8.47
C THR D 247 -4.98 32.41 -8.91
N HIS D 248 -3.68 32.15 -8.91
CA HIS D 248 -2.68 33.01 -9.50
C HIS D 248 -2.53 32.54 -10.95
N1 LLP D 249 -1.16 22.43 -12.17
C2 LLP D 249 -0.81 23.15 -13.23
C2' LLP D 249 -1.34 22.74 -14.63
C3 LLP D 249 0.06 24.26 -13.05
O3 LLP D 249 0.42 25.01 -14.17
C4 LLP D 249 0.53 24.61 -11.79
C4' LLP D 249 1.51 25.90 -11.69
C5 LLP D 249 0.16 23.85 -10.70
C6 LLP D 249 -0.68 22.77 -10.90
C5' LLP D 249 0.65 24.09 -9.23
OP4 LLP D 249 0.42 25.33 -8.65
P LLP D 249 1.32 25.71 -7.43
OP1 LLP D 249 1.45 24.52 -6.46
OP2 LLP D 249 2.67 26.08 -7.93
OP3 LLP D 249 0.63 26.86 -6.79
N LLP D 249 -1.43 32.90 -11.61
CA LLP D 249 -1.26 32.65 -13.08
CB LLP D 249 -1.27 31.17 -13.41
CG LLP D 249 -0.25 30.38 -12.58
CD LLP D 249 -0.01 28.97 -13.17
CE LLP D 249 1.03 28.20 -12.32
NZ LLP D 249 1.19 26.80 -12.77
C LLP D 249 -2.33 33.37 -13.84
O LLP D 249 -2.62 34.53 -13.58
N SER D 250 -2.93 32.68 -14.81
CA SER D 250 -3.90 33.24 -15.75
C SER D 250 -5.04 34.04 -15.10
N LEU D 251 -5.56 33.52 -14.00
CA LEU D 251 -6.68 34.19 -13.33
C LEU D 251 -6.28 35.55 -12.77
N ARG D 252 -5.00 35.72 -12.43
CA ARG D 252 -4.42 36.96 -11.91
C ARG D 252 -4.91 37.28 -10.49
N GLY D 253 -5.22 36.25 -9.70
CA GLY D 253 -5.58 36.43 -8.32
C GLY D 253 -4.43 36.19 -7.34
N PRO D 254 -4.77 36.00 -6.07
CA PRO D 254 -3.75 35.70 -5.07
C PRO D 254 -3.24 34.27 -5.26
N ARG D 255 -2.16 33.95 -4.54
CA ARG D 255 -1.66 32.59 -4.57
C ARG D 255 -2.59 31.69 -3.77
N GLY D 256 -3.21 30.74 -4.47
CA GLY D 256 -4.21 29.89 -3.86
C GLY D 256 -4.72 28.93 -4.92
N ALA D 257 -5.90 28.35 -4.68
CA ALA D 257 -6.43 27.36 -5.60
C ALA D 257 -7.93 27.22 -5.40
N MET D 258 -8.58 26.63 -6.40
CA MET D 258 -9.99 26.27 -6.33
C MET D 258 -10.19 24.87 -6.87
N ILE D 259 -11.17 24.16 -6.31
CA ILE D 259 -11.58 22.85 -6.80
C ILE D 259 -13.08 22.92 -7.10
N PHE D 260 -13.45 22.71 -8.36
CA PHE D 260 -14.83 22.65 -8.81
C PHE D 260 -15.22 21.20 -9.08
N PHE D 261 -16.49 20.86 -8.84
CA PHE D 261 -16.90 19.47 -9.01
C PHE D 261 -18.38 19.40 -9.38
N ARG D 262 -18.72 18.40 -10.19
CA ARG D 262 -20.11 18.18 -10.56
C ARG D 262 -20.94 17.76 -9.35
N LYS D 263 -22.19 18.21 -9.35
CA LYS D 263 -23.23 17.83 -8.40
C LYS D 263 -24.43 17.32 -9.18
N GLY D 264 -25.21 16.46 -8.55
CA GLY D 264 -26.48 16.05 -9.13
C GLY D 264 -26.42 14.75 -9.90
N LEU D 265 -27.29 14.61 -10.91
CA LEU D 265 -27.47 13.34 -11.58
C LEU D 265 -26.33 13.05 -12.55
N LYS D 266 -25.69 11.89 -12.39
CA LYS D 266 -24.71 11.42 -13.36
C LYS D 266 -25.39 10.66 -14.50
N GLU D 267 -26.21 9.68 -14.16
CA GLU D 267 -26.92 8.87 -15.14
C GLU D 267 -28.02 8.10 -14.41
N ILE D 268 -28.98 7.60 -15.19
CA ILE D 268 -29.88 6.56 -14.73
C ILE D 268 -29.31 5.25 -15.26
N ASN D 269 -29.04 4.31 -14.36
CA ASN D 269 -28.33 3.11 -14.78
C ASN D 269 -29.30 2.12 -15.44
N LYS D 270 -28.78 0.94 -15.78
CA LYS D 270 -29.57 -0.05 -16.50
C LYS D 270 -30.76 -0.54 -15.68
N GLN D 271 -30.65 -0.49 -14.36
CA GLN D 271 -31.70 -0.93 -13.46
C GLN D 271 -32.70 0.18 -13.14
N GLY D 272 -32.56 1.34 -13.76
CA GLY D 272 -33.48 2.43 -13.53
C GLY D 272 -33.20 3.27 -12.30
N LYS D 273 -32.06 3.09 -11.65
CA LYS D 273 -31.74 3.86 -10.46
C LYS D 273 -30.90 5.06 -10.84
N GLU D 274 -31.23 6.21 -10.25
CA GLU D 274 -30.39 7.38 -10.39
C GLU D 274 -29.04 7.13 -9.75
N VAL D 275 -27.98 7.42 -10.50
CA VAL D 275 -26.62 7.47 -9.95
C VAL D 275 -26.26 8.94 -9.82
N MET D 276 -26.05 9.38 -8.58
N MET D 276 -26.05 9.38 -8.59
CA MET D 276 -25.70 10.76 -8.33
CA MET D 276 -25.71 10.78 -8.33
C MET D 276 -24.18 10.93 -8.29
C MET D 276 -24.20 10.94 -8.26
N TYR D 277 -23.73 12.12 -8.68
CA TYR D 277 -22.32 12.43 -8.51
C TYR D 277 -21.95 12.37 -7.04
N ASP D 278 -20.79 11.81 -6.77
CA ASP D 278 -20.30 11.58 -5.43
C ASP D 278 -18.96 12.28 -5.27
N TYR D 279 -18.91 13.57 -5.59
CA TYR D 279 -17.67 14.34 -5.50
C TYR D 279 -17.67 15.34 -4.36
N GLU D 280 -18.79 16.03 -4.14
CA GLU D 280 -18.81 17.18 -3.24
C GLU D 280 -18.37 16.83 -1.84
N ASP D 281 -19.03 15.84 -1.21
CA ASP D 281 -18.66 15.50 0.16
C ASP D 281 -17.26 14.92 0.23
N ARG D 282 -16.88 14.10 -0.74
CA ARG D 282 -15.55 13.48 -0.69
C ARG D 282 -14.45 14.53 -0.84
N ILE D 283 -14.62 15.47 -1.76
CA ILE D 283 -13.60 16.50 -1.95
C ILE D 283 -13.57 17.46 -0.76
N ASN D 284 -14.74 17.94 -0.33
CA ASN D 284 -14.72 18.86 0.81
C ASN D 284 -14.10 18.20 2.05
N GLN D 285 -14.39 16.92 2.27
CA GLN D 285 -13.81 16.24 3.43
C GLN D 285 -12.32 15.94 3.25
N ALA D 286 -11.87 15.74 2.01
CA ALA D 286 -10.44 15.56 1.78
C ALA D 286 -9.68 16.85 2.09
N VAL D 287 -10.25 18.00 1.75
CA VAL D 287 -9.61 19.28 2.08
C VAL D 287 -9.61 19.49 3.58
N PHE D 288 -10.78 19.35 4.22
CA PHE D 288 -10.86 19.42 5.67
C PHE D 288 -11.99 18.48 6.10
N PRO D 289 -11.76 17.56 7.04
CA PRO D 289 -10.59 17.42 7.90
C PRO D 289 -9.42 16.59 7.36
N GLY D 290 -9.46 16.20 6.08
CA GLY D 290 -8.52 15.20 5.60
C GLY D 290 -7.07 15.68 5.57
N LEU D 291 -6.81 16.82 4.93
CA LEU D 291 -5.44 17.22 4.62
C LEU D 291 -5.06 18.63 5.02
N GLN D 292 -6.02 19.52 5.28
CA GLN D 292 -5.71 20.87 5.72
C GLN D 292 -6.38 21.16 7.05
N GLY D 293 -5.95 22.26 7.66
CA GLY D 293 -6.56 22.75 8.90
C GLY D 293 -7.30 24.05 8.64
N GLY D 294 -6.89 25.12 9.31
CA GLY D 294 -7.58 26.38 9.20
C GLY D 294 -7.44 26.99 7.83
N PRO D 295 -8.57 27.42 7.25
CA PRO D 295 -8.52 28.15 5.99
C PRO D 295 -7.71 29.44 6.10
N HIS D 296 -7.11 29.85 4.99
CA HIS D 296 -6.36 31.10 4.96
C HIS D 296 -7.31 32.19 4.50
N ASN D 297 -7.97 32.85 5.46
CA ASN D 297 -9.09 33.71 5.07
C ASN D 297 -8.65 35.00 4.42
N HIS D 298 -7.41 35.44 4.67
CA HIS D 298 -6.90 36.58 3.90
C HIS D 298 -6.78 36.24 2.42
N THR D 299 -6.30 35.04 2.10
CA THR D 299 -6.22 34.63 0.69
C THR D 299 -7.61 34.43 0.11
N ILE D 300 -8.53 33.82 0.86
CA ILE D 300 -9.88 33.60 0.37
C ILE D 300 -10.56 34.94 0.07
N THR D 301 -10.33 35.94 0.93
CA THR D 301 -10.92 37.26 0.70
C THR D 301 -10.30 37.93 -0.52
N GLY D 302 -8.97 37.86 -0.66
CA GLY D 302 -8.36 38.36 -1.89
C GLY D 302 -8.85 37.64 -3.13
N LEU D 303 -9.13 36.34 -3.00
CA LEU D 303 -9.66 35.58 -4.13
C LEU D 303 -11.05 36.09 -4.53
N ALA D 304 -11.90 36.41 -3.56
CA ALA D 304 -13.20 36.97 -3.89
C ALA D 304 -13.05 38.26 -4.71
N VAL D 305 -12.07 39.09 -4.35
CA VAL D 305 -11.80 40.31 -5.11
C VAL D 305 -11.38 39.97 -6.53
N ALA D 306 -10.45 39.02 -6.67
CA ALA D 306 -9.98 38.63 -8.01
C ALA D 306 -11.11 38.09 -8.87
N LEU D 307 -12.05 37.36 -8.26
CA LEU D 307 -13.14 36.77 -9.02
C LEU D 307 -14.15 37.82 -9.46
N LYS D 308 -14.36 38.87 -8.65
CA LYS D 308 -15.18 39.99 -9.10
C LYS D 308 -14.55 40.65 -10.32
N GLN D 309 -13.23 40.90 -10.27
CA GLN D 309 -12.54 41.49 -11.41
C GLN D 309 -12.68 40.61 -12.66
N ALA D 310 -12.70 39.29 -12.48
CA ALA D 310 -12.69 38.38 -13.63
C ALA D 310 -13.97 38.47 -14.46
N ARG D 311 -15.04 39.05 -13.92
CA ARG D 311 -16.31 39.14 -14.65
C ARG D 311 -16.50 40.47 -15.36
N THR D 312 -15.52 41.35 -15.35
CA THR D 312 -15.72 42.69 -15.88
C THR D 312 -15.37 42.76 -17.37
N PRO D 313 -15.88 43.76 -18.08
CA PRO D 313 -15.47 43.93 -19.48
C PRO D 313 -14.00 44.25 -19.63
N GLU D 314 -13.40 44.96 -18.67
CA GLU D 314 -11.97 45.25 -18.71
C GLU D 314 -11.15 43.97 -18.68
N TYR D 315 -11.56 43.02 -17.85
CA TYR D 315 -10.86 41.75 -17.74
C TYR D 315 -10.99 40.93 -19.03
N LYS D 316 -12.20 40.93 -19.61
CA LYS D 316 -12.38 40.24 -20.88
C LYS D 316 -11.50 40.86 -21.96
N ALA D 317 -11.44 42.19 -21.99
CA ALA D 317 -10.56 42.87 -22.96
C ALA D 317 -9.11 42.50 -22.72
N TYR D 318 -8.70 42.40 -21.46
CA TYR D 318 -7.34 41.97 -21.13
C TYR D 318 -7.05 40.58 -21.69
N GLN D 319 -7.95 39.62 -21.47
CA GLN D 319 -7.66 38.25 -21.91
C GLN D 319 -7.72 38.14 -23.43
N ASP D 320 -8.59 38.91 -24.08
CA ASP D 320 -8.53 39.01 -25.54
C ASP D 320 -7.17 39.51 -26.00
N GLN D 321 -6.64 40.53 -25.32
CA GLN D 321 -5.34 41.06 -25.70
C GLN D 321 -4.22 40.05 -25.46
N VAL D 322 -4.32 39.26 -24.39
CA VAL D 322 -3.33 38.21 -24.13
C VAL D 322 -3.21 37.29 -25.35
N LEU D 323 -4.35 36.87 -25.89
CA LEU D 323 -4.33 35.97 -27.05
C LEU D 323 -3.83 36.68 -28.30
N ARG D 324 -4.31 37.90 -28.54
CA ARG D 324 -3.88 38.62 -29.73
C ARG D 324 -2.40 38.94 -29.66
N ASN D 325 -1.89 39.29 -28.48
CA ASN D 325 -0.46 39.52 -28.31
C ASN D 325 0.35 38.26 -28.61
N CYS D 326 -0.13 37.11 -28.15
CA CYS D 326 0.62 35.89 -28.39
C CYS D 326 0.66 35.56 -29.88
N SER D 327 -0.46 35.77 -30.59
CA SER D 327 -0.47 35.52 -32.03
C SER D 327 0.51 36.43 -32.74
N LYS D 328 0.54 37.72 -32.40
CA LYS D 328 1.48 38.63 -33.03
C LYS D 328 2.92 38.23 -32.71
N PHE D 329 3.16 37.87 -31.44
CA PHE D 329 4.45 37.33 -31.04
C PHE D 329 4.85 36.14 -31.91
N ALA D 330 3.93 35.18 -32.05
CA ALA D 330 4.20 34.01 -32.90
C ALA D 330 4.46 34.41 -34.36
N GLU D 331 3.64 35.32 -34.90
CA GLU D 331 3.84 35.86 -36.23
C GLU D 331 5.27 36.36 -36.43
N THR D 332 5.73 37.17 -35.49
CA THR D 332 7.04 37.81 -35.62
C THR D 332 8.16 36.78 -35.52
N LEU D 333 8.03 35.82 -34.61
CA LEU D 333 9.03 34.75 -34.51
C LEU D 333 9.10 33.93 -35.79
N LEU D 334 7.94 33.59 -36.38
CA LEU D 334 7.95 32.86 -37.65
C LEU D 334 8.60 33.69 -38.75
N ALA D 335 8.28 34.98 -38.80
CA ALA D 335 8.87 35.86 -39.82
C ALA D 335 10.39 35.94 -39.66
N LYS D 336 10.89 35.79 -38.44
CA LYS D 336 12.32 35.88 -38.20
C LYS D 336 13.02 34.52 -38.28
N GLY D 337 12.33 33.50 -38.77
CA GLY D 337 12.94 32.22 -39.06
C GLY D 337 12.87 31.20 -37.96
N TYR D 338 12.08 31.44 -36.90
CA TYR D 338 12.00 30.51 -35.80
C TYR D 338 10.93 29.45 -36.04
N ASP D 339 11.16 28.26 -35.50
CA ASP D 339 10.20 27.17 -35.53
C ASP D 339 9.43 27.11 -34.22
N LEU D 340 8.12 26.95 -34.30
CA LEU D 340 7.26 26.82 -33.14
C LEU D 340 6.76 25.39 -33.01
N VAL D 341 6.80 24.86 -31.79
CA VAL D 341 6.26 23.52 -31.56
C VAL D 341 4.77 23.53 -31.86
N SER D 342 4.33 22.57 -32.67
CA SER D 342 2.99 22.42 -33.24
C SER D 342 2.70 23.44 -34.34
N GLY D 343 3.69 24.26 -34.71
CA GLY D 343 3.54 25.17 -35.84
C GLY D 343 2.87 26.49 -35.52
N GLY D 344 2.41 26.68 -34.29
CA GLY D 344 1.70 27.90 -33.93
C GLY D 344 1.24 27.88 -32.50
N THR D 345 0.21 28.66 -32.20
CA THR D 345 -0.32 28.71 -30.84
C THR D 345 -1.81 28.96 -30.90
N ASP D 346 -2.52 28.47 -29.89
CA ASP D 346 -3.93 28.77 -29.67
C ASP D 346 -4.16 29.42 -28.33
N ASN D 347 -3.10 29.79 -27.62
CA ASN D 347 -3.31 30.31 -26.28
C ASN D 347 -2.32 31.44 -25.95
N HIS D 348 -1.87 31.45 -24.69
CA HIS D 348 -1.10 32.54 -24.11
C HIS D 348 0.42 32.35 -24.22
N LEU D 349 0.88 31.24 -24.80
CA LEU D 349 2.32 30.98 -24.83
C LEU D 349 2.73 30.41 -26.19
N VAL D 350 4.05 30.42 -26.42
CA VAL D 350 4.65 29.73 -27.55
C VAL D 350 5.79 28.87 -27.03
N LEU D 351 6.10 27.81 -27.76
CA LEU D 351 7.28 26.99 -27.52
C LEU D 351 8.16 27.10 -28.76
N VAL D 352 9.30 27.76 -28.61
CA VAL D 352 10.25 27.93 -29.70
C VAL D 352 11.19 26.74 -29.71
N ASN D 353 11.25 26.03 -30.83
CA ASN D 353 12.19 24.93 -31.02
C ASN D 353 13.42 25.52 -31.70
N LEU D 354 14.53 25.64 -30.95
CA LEU D 354 15.70 26.34 -31.43
C LEU D 354 16.62 25.49 -32.31
N LYS D 355 16.21 24.27 -32.67
CA LYS D 355 17.11 23.36 -33.37
C LYS D 355 17.66 23.98 -34.65
N ASN D 356 16.80 24.57 -35.47
CA ASN D 356 17.24 25.10 -36.76
C ASN D 356 18.16 26.31 -36.62
N LYS D 357 18.25 26.91 -35.43
CA LYS D 357 19.18 27.99 -35.18
C LYS D 357 20.54 27.49 -34.69
N GLY D 358 20.68 26.19 -34.44
CA GLY D 358 21.98 25.64 -34.07
C GLY D 358 22.42 25.96 -32.66
N ILE D 359 21.47 26.11 -31.73
CA ILE D 359 21.81 26.40 -30.34
C ILE D 359 20.64 25.92 -29.47
N ASP D 360 20.93 25.64 -28.21
CA ASP D 360 19.95 25.03 -27.32
C ASP D 360 19.36 26.04 -26.35
N GLY D 361 18.35 25.57 -25.60
CA GLY D 361 17.62 26.45 -24.70
C GLY D 361 18.41 26.91 -23.49
N SER D 362 19.32 26.08 -22.99
CA SER D 362 20.13 26.47 -21.82
C SER D 362 20.97 27.70 -22.14
N ARG D 363 21.63 27.70 -23.29
CA ARG D 363 22.47 28.82 -23.68
C ARG D 363 21.64 30.08 -23.92
N VAL D 364 20.52 29.95 -24.65
CA VAL D 364 19.70 31.12 -24.94
C VAL D 364 19.10 31.68 -23.66
N GLU D 365 18.61 30.81 -22.77
CA GLU D 365 18.02 31.30 -21.52
C GLU D 365 19.02 32.09 -20.70
N LYS D 366 20.29 31.68 -20.71
CA LYS D 366 21.31 32.40 -19.93
C LYS D 366 21.52 33.81 -20.46
N VAL D 367 21.56 33.98 -21.78
CA VAL D 367 21.71 35.32 -22.35
C VAL D 367 20.46 36.15 -22.10
N LEU D 368 19.28 35.55 -22.29
CA LEU D 368 18.03 36.26 -21.99
C LEU D 368 18.04 36.80 -20.57
N GLU D 369 18.44 35.96 -19.61
CA GLU D 369 18.47 36.37 -18.22
C GLU D 369 19.39 37.58 -18.02
N LEU D 370 20.56 37.57 -18.66
CA LEU D 370 21.50 38.68 -18.48
C LEU D 370 20.97 39.98 -19.07
N VAL D 371 20.08 39.92 -20.07
CA VAL D 371 19.49 41.12 -20.64
C VAL D 371 18.10 41.38 -20.07
N HIS D 372 17.73 40.69 -18.99
CA HIS D 372 16.49 40.91 -18.24
C HIS D 372 15.25 40.58 -19.07
N ILE D 373 15.36 39.51 -19.86
CA ILE D 373 14.20 38.89 -20.49
C ILE D 373 14.01 37.55 -19.80
N ALA D 374 12.91 37.42 -19.06
CA ALA D 374 12.61 36.22 -18.29
C ALA D 374 11.86 35.24 -19.17
N ALA D 375 12.48 34.08 -19.42
CA ALA D 375 11.88 32.98 -20.15
C ALA D 375 12.43 31.72 -19.52
N ASN D 376 12.02 30.55 -19.99
CA ASN D 376 12.61 29.35 -19.43
C ASN D 376 12.86 28.32 -20.53
N LYS D 377 14.00 27.66 -20.42
CA LYS D 377 14.33 26.57 -21.32
C LYS D 377 13.27 25.47 -21.23
N ASN D 378 13.03 24.80 -22.35
CA ASN D 378 11.89 23.90 -22.44
C ASN D 378 12.23 22.75 -23.36
N THR D 379 11.90 21.53 -22.92
CA THR D 379 12.05 20.36 -23.78
C THR D 379 11.19 20.51 -25.03
N VAL D 380 11.73 20.08 -26.17
CA VAL D 380 10.96 20.09 -27.41
C VAL D 380 11.02 18.70 -28.02
N PRO D 381 10.04 18.36 -28.87
CA PRO D 381 10.11 17.11 -29.62
C PRO D 381 11.46 16.97 -30.32
N GLY D 382 12.10 15.82 -30.15
CA GLY D 382 13.38 15.54 -30.75
C GLY D 382 14.56 15.55 -29.79
N ASP D 383 14.41 16.14 -28.61
CA ASP D 383 15.52 16.19 -27.65
C ASP D 383 15.90 14.79 -27.21
N VAL D 384 17.21 14.57 -27.04
CA VAL D 384 17.67 13.25 -26.61
C VAL D 384 17.52 13.08 -25.11
N SER D 385 17.64 14.15 -24.33
CA SER D 385 17.52 14.09 -22.89
C SER D 385 16.57 15.17 -22.41
N ALA D 386 15.77 14.84 -21.38
CA ALA D 386 14.95 15.84 -20.73
C ALA D 386 15.78 16.88 -19.99
N MET D 387 17.08 16.67 -19.87
CA MET D 387 17.98 17.52 -19.10
C MET D 387 18.71 18.56 -19.95
N VAL D 388 18.82 18.34 -21.25
CA VAL D 388 19.44 19.33 -22.15
C VAL D 388 18.38 19.81 -23.13
N PRO D 389 17.57 20.80 -22.76
CA PRO D 389 16.40 21.17 -23.57
C PRO D 389 16.76 22.02 -24.79
N GLY D 390 16.05 21.76 -25.89
CA GLY D 390 16.29 22.42 -27.14
C GLY D 390 15.41 23.61 -27.46
N GLY D 391 14.56 24.03 -26.52
CA GLY D 391 13.59 25.06 -26.78
C GLY D 391 13.53 26.10 -25.67
N ILE D 392 12.64 27.08 -25.89
CA ILE D 392 12.40 28.18 -24.96
C ILE D 392 10.89 28.42 -24.92
N ARG D 393 10.34 28.55 -23.71
CA ARG D 393 8.93 28.86 -23.49
C ARG D 393 8.77 30.33 -23.14
N MET D 394 7.83 31.01 -23.80
CA MET D 394 7.55 32.42 -23.57
C MET D 394 6.06 32.67 -23.72
N GLY D 395 5.54 33.63 -22.95
CA GLY D 395 4.12 33.90 -22.98
C GLY D 395 3.82 35.36 -22.70
N THR D 396 2.55 35.70 -22.86
CA THR D 396 2.12 37.09 -22.82
C THR D 396 1.35 37.61 -21.59
N PRO D 397 0.84 36.78 -20.65
CA PRO D 397 -0.01 37.37 -19.60
C PRO D 397 0.60 38.53 -18.82
N ALA D 398 1.86 38.40 -18.38
CA ALA D 398 2.41 39.40 -17.46
C ALA D 398 2.58 40.76 -18.13
N LEU D 399 3.25 40.82 -19.29
CA LEU D 399 3.45 42.12 -19.92
C LEU D 399 2.14 42.70 -20.45
N THR D 400 1.20 41.85 -20.87
CA THR D 400 -0.11 42.37 -21.27
C THR D 400 -0.80 43.08 -20.11
N SER D 401 -0.60 42.58 -18.88
CA SER D 401 -1.18 43.25 -17.72
C SER D 401 -0.63 44.67 -17.57
N ARG D 402 0.62 44.89 -17.96
CA ARG D 402 1.23 46.22 -17.93
C ARG D 402 0.89 47.07 -19.15
N GLY D 403 0.08 46.55 -20.08
CA GLY D 403 -0.34 47.32 -21.23
C GLY D 403 0.43 47.10 -22.52
N PHE D 404 1.31 46.09 -22.59
CA PHE D 404 1.88 45.71 -23.88
C PHE D 404 0.76 45.31 -24.84
N ILE D 405 0.81 45.84 -26.06
CA ILE D 405 -0.13 45.40 -27.09
C ILE D 405 0.65 44.79 -28.25
N GLU D 406 0.00 44.61 -29.40
CA GLU D 406 0.58 43.75 -30.44
C GLU D 406 1.93 44.28 -30.91
N GLU D 407 2.00 45.58 -31.23
CA GLU D 407 3.26 46.16 -31.69
C GLU D 407 4.35 46.02 -30.63
N ASP D 408 3.98 46.02 -29.34
CA ASP D 408 4.98 45.86 -28.30
C ASP D 408 5.53 44.44 -28.27
N PHE D 409 4.67 43.44 -28.53
CA PHE D 409 5.20 42.08 -28.55
C PHE D 409 5.96 41.78 -29.83
N ALA D 410 5.69 42.51 -30.92
CA ALA D 410 6.60 42.44 -32.07
C ALA D 410 7.99 42.89 -31.65
N LYS D 411 8.06 43.94 -30.83
CA LYS D 411 9.35 44.41 -30.32
C LYS D 411 9.99 43.40 -29.37
N VAL D 412 9.18 42.74 -28.53
CA VAL D 412 9.73 41.70 -27.65
C VAL D 412 10.38 40.60 -28.48
N ALA D 413 9.71 40.19 -29.57
CA ALA D 413 10.29 39.17 -30.44
C ALA D 413 11.58 39.66 -31.08
N GLU D 414 11.65 40.95 -31.42
CA GLU D 414 12.88 41.51 -31.97
C GLU D 414 14.02 41.41 -30.96
N TYR D 415 13.75 41.77 -29.70
CA TYR D 415 14.81 41.75 -28.70
C TYR D 415 15.18 40.33 -28.30
N PHE D 416 14.20 39.42 -28.30
CA PHE D 416 14.52 38.00 -28.15
C PHE D 416 15.48 37.55 -29.24
N ASP D 417 15.19 37.94 -30.49
CA ASP D 417 16.03 37.54 -31.60
C ASP D 417 17.44 38.11 -31.46
N LEU D 418 17.55 39.36 -30.99
CA LEU D 418 18.87 39.94 -30.77
C LEU D 418 19.65 39.17 -29.70
N ALA D 419 18.95 38.69 -28.67
CA ALA D 419 19.62 37.90 -27.64
C ALA D 419 20.09 36.56 -28.20
N VAL D 420 19.27 35.93 -29.05
CA VAL D 420 19.68 34.68 -29.70
C VAL D 420 20.93 34.91 -30.53
N LYS D 421 20.99 36.04 -31.25
CA LYS D 421 22.18 36.35 -32.04
C LYS D 421 23.42 36.49 -31.15
N ILE D 422 23.26 37.08 -29.96
CA ILE D 422 24.38 37.18 -29.04
C ILE D 422 24.78 35.80 -28.53
N ALA D 423 23.81 34.96 -28.18
CA ALA D 423 24.11 33.61 -27.72
C ALA D 423 24.90 32.84 -28.77
N LEU D 424 24.53 32.99 -30.05
CA LEU D 424 25.27 32.31 -31.11
C LEU D 424 26.69 32.84 -31.24
N LYS D 425 26.89 34.14 -31.01
CA LYS D 425 28.25 34.68 -31.02
C LYS D 425 29.06 34.13 -29.85
N ILE D 426 28.46 34.05 -28.66
CA ILE D 426 29.16 33.49 -27.51
C ILE D 426 29.56 32.04 -27.79
N LYS D 427 28.64 31.26 -28.38
CA LYS D 427 28.95 29.89 -28.74
C LYS D 427 30.06 29.81 -29.78
N ALA D 428 30.06 30.74 -30.73
CA ALA D 428 31.10 30.75 -31.76
C ALA D 428 32.47 31.12 -31.18
N GLU D 429 32.49 31.99 -30.17
CA GLU D 429 33.73 32.37 -29.52
C GLU D 429 34.14 31.41 -28.40
N SER D 430 33.30 30.45 -28.05
CA SER D 430 33.56 29.58 -26.91
C SER D 430 34.70 28.62 -27.23
N GLN D 431 35.75 28.67 -26.41
CA GLN D 431 36.87 27.75 -26.53
C GLN D 431 36.46 26.42 -25.88
N GLY D 432 35.77 25.60 -26.67
CA GLY D 432 35.23 24.35 -26.18
C GLY D 432 33.81 24.10 -26.62
N THR D 433 33.23 22.99 -26.16
CA THR D 433 31.90 22.58 -26.61
C THR D 433 30.90 22.41 -25.48
N LYS D 434 31.34 22.39 -24.23
CA LYS D 434 30.45 22.15 -23.10
C LYS D 434 29.80 23.47 -22.65
N LEU D 435 28.74 23.33 -21.85
CA LEU D 435 28.01 24.50 -21.37
C LEU D 435 28.87 25.38 -20.47
N LYS D 436 29.78 24.79 -19.70
CA LYS D 436 30.63 25.59 -18.83
C LYS D 436 31.62 26.43 -19.63
N ASP D 437 32.06 25.92 -20.79
CA ASP D 437 32.86 26.75 -21.69
C ASP D 437 32.05 27.92 -22.24
N PHE D 438 30.76 27.70 -22.49
CA PHE D 438 29.88 28.79 -22.93
C PHE D 438 29.77 29.86 -21.86
N VAL D 439 29.55 29.45 -20.61
CA VAL D 439 29.44 30.41 -19.51
C VAL D 439 30.77 31.12 -19.30
N ALA D 440 31.89 30.40 -19.47
CA ALA D 440 33.20 31.02 -19.33
C ALA D 440 33.39 32.14 -20.35
N THR D 441 33.02 31.88 -21.60
CA THR D 441 33.08 32.94 -22.61
C THR D 441 32.10 34.06 -22.29
N MET D 442 30.87 33.69 -21.90
CA MET D 442 29.82 34.67 -21.63
C MET D 442 30.23 35.64 -20.53
N GLN D 443 31.00 35.18 -19.55
CA GLN D 443 31.42 36.01 -18.43
C GLN D 443 32.75 36.71 -18.65
N SER D 444 33.45 36.40 -19.74
CA SER D 444 34.80 36.91 -19.95
C SER D 444 34.95 37.81 -21.19
N ASN D 445 34.18 37.57 -22.25
CA ASN D 445 34.35 38.30 -23.50
C ASN D 445 33.84 39.73 -23.33
N GLU D 446 34.77 40.67 -23.18
CA GLU D 446 34.43 42.08 -22.97
C GLU D 446 33.50 42.62 -24.05
N LYS D 447 33.76 42.29 -25.31
CA LYS D 447 32.92 42.81 -26.39
C LYS D 447 31.52 42.23 -26.33
N LEU D 448 31.39 40.94 -26.03
CA LEU D 448 30.08 40.33 -25.93
C LEU D 448 29.35 40.76 -24.67
N GLN D 449 30.08 41.03 -23.59
CA GLN D 449 29.48 41.66 -22.42
C GLN D 449 28.88 43.01 -22.77
N SER D 450 29.58 43.77 -23.62
CA SER D 450 29.12 45.10 -24.00
C SER D 450 27.83 45.01 -24.82
N GLU D 451 27.74 44.04 -25.72
CA GLU D 451 26.50 43.86 -26.48
C GLU D 451 25.35 43.49 -25.56
N MET D 452 25.60 42.65 -24.56
CA MET D 452 24.55 42.28 -23.62
C MET D 452 24.14 43.45 -22.75
N SER D 453 25.10 44.28 -22.33
CA SER D 453 24.76 45.50 -21.60
C SER D 453 23.90 46.42 -22.43
N LYS D 454 24.22 46.58 -23.72
CA LYS D 454 23.42 47.41 -24.60
C LYS D 454 22.01 46.86 -24.72
N LEU D 455 21.88 45.55 -24.96
CA LEU D 455 20.56 44.95 -25.10
C LEU D 455 19.78 45.03 -23.80
N ARG D 456 20.45 44.84 -22.65
CA ARG D 456 19.78 45.01 -21.37
C ARG D 456 19.23 46.42 -21.22
N GLU D 457 20.03 47.42 -21.59
CA GLU D 457 19.57 48.80 -21.52
C GLU D 457 18.36 49.01 -22.42
N MET D 458 18.36 48.40 -23.61
CA MET D 458 17.22 48.52 -24.51
C MET D 458 15.98 47.87 -23.91
N VAL D 459 16.13 46.68 -23.32
CA VAL D 459 15.00 46.01 -22.68
C VAL D 459 14.41 46.88 -21.57
N GLU D 460 15.27 47.34 -20.66
CA GLU D 460 14.79 48.11 -19.51
C GLU D 460 14.17 49.43 -19.94
N GLU D 461 14.77 50.11 -20.92
CA GLU D 461 14.21 51.38 -21.38
C GLU D 461 12.81 51.17 -21.94
N TYR D 462 12.61 50.07 -22.66
CA TYR D 462 11.29 49.79 -23.21
C TYR D 462 10.29 49.46 -22.09
N ALA D 463 10.69 48.58 -21.16
CA ALA D 463 9.76 48.14 -20.11
C ALA D 463 9.39 49.28 -19.17
N LYS D 464 10.35 50.17 -18.86
CA LYS D 464 10.10 51.21 -17.86
C LYS D 464 8.98 52.15 -18.28
N GLN D 465 8.76 52.32 -19.59
CA GLN D 465 7.73 53.24 -20.06
C GLN D 465 6.32 52.82 -19.67
N PHE D 466 6.11 51.52 -19.36
CA PHE D 466 4.76 51.07 -19.10
C PHE D 466 4.41 51.25 -17.63
N PRO D 467 3.12 51.35 -17.31
CA PRO D 467 2.72 51.49 -15.90
C PRO D 467 3.21 50.31 -15.07
N THR D 468 3.45 50.59 -13.79
CA THR D 468 3.65 49.55 -12.80
C THR D 468 2.30 49.08 -12.28
N ILE D 469 2.21 47.80 -11.95
CA ILE D 469 0.95 47.20 -11.51
C ILE D 469 1.05 46.90 -10.03
N GLY D 470 0.15 47.48 -9.25
CA GLY D 470 0.07 47.20 -7.83
C GLY D 470 0.79 48.20 -6.94
N PHE D 471 1.53 49.14 -7.52
CA PHE D 471 2.20 50.18 -6.75
C PHE D 471 2.46 51.36 -7.68
N GLU D 472 2.70 52.52 -7.07
CA GLU D 472 2.95 53.76 -7.80
C GLU D 472 4.44 53.92 -8.09
N LYS D 473 4.75 54.35 -9.31
CA LYS D 473 6.14 54.71 -9.61
C LYS D 473 6.63 55.82 -8.71
N GLU D 474 5.73 56.76 -8.35
CA GLU D 474 6.16 57.99 -7.68
C GLU D 474 6.75 57.71 -6.31
N THR D 475 6.30 56.66 -5.64
CA THR D 475 6.77 56.37 -4.29
C THR D 475 7.81 55.25 -4.26
N MET D 476 8.27 54.78 -5.41
CA MET D 476 9.32 53.75 -5.44
C MET D 476 10.61 54.30 -4.85
N ARG D 477 11.30 53.46 -4.08
CA ARG D 477 12.59 53.89 -3.55
C ARG D 477 13.68 53.88 -4.62
N TYR D 478 13.59 52.98 -5.59
CA TYR D 478 14.59 52.84 -6.64
C TYR D 478 13.98 53.30 -7.96
N LYS D 479 14.30 54.53 -8.36
CA LYS D 479 13.72 55.14 -9.55
C LYS D 479 14.68 55.14 -10.74
N GLU D 480 15.87 54.58 -10.59
CA GLU D 480 16.79 54.48 -11.72
C GLU D 480 16.67 53.11 -12.36
N PLS E . -2.04 -23.92 -15.52
CA PLS E . -3.26 -24.67 -15.59
CB PLS E . -4.38 -23.78 -15.07
OG PLS E . -4.06 -23.25 -13.81
C PLS E . -3.57 -25.13 -17.01
O PLS E . -4.49 -25.96 -17.18
OXT PLS E . -2.93 -24.66 -17.98
N1 PLS E . 2.06 -21.26 -14.51
C2 PLS E . 1.50 -21.65 -15.68
C2A PLS E . 2.08 -21.13 -17.00
C3 PLS E . 0.42 -22.50 -15.68
O3 PLS E . -0.13 -22.87 -16.92
C4 PLS E . -0.09 -22.97 -14.51
C4A PLS E . -1.31 -23.87 -14.49
C5 PLS E . 0.47 -22.56 -13.33
C6 PLS E . 1.56 -21.71 -13.35
C5A PLS E . -0.09 -22.99 -11.98
O4P PLS E . 0.21 -24.28 -11.57
P PLS E . -0.72 -24.90 -10.36
O1P PLS E . -0.91 -23.85 -9.29
O2P PLS E . -2.05 -25.27 -10.99
O3P PLS E . 0.02 -26.09 -9.83
C1 EDO F . -2.29 -9.23 -16.43
O1 EDO F . -2.98 -10.26 -17.16
C2 EDO F . -0.80 -9.47 -16.52
O2 EDO F . -0.07 -8.85 -15.44
N1 MTX G . -11.29 -20.43 -17.95
C2 MTX G . -10.60 -21.60 -17.76
NA2 MTX G . -10.69 -22.70 -18.72
N3 MTX G . -9.81 -21.75 -16.65
C4 MTX G . -9.71 -20.76 -15.75
NA4 MTX G . -8.86 -20.96 -14.55
C4A MTX G . -10.40 -19.58 -15.94
N5 MTX G . -10.30 -18.59 -15.04
C6 MTX G . -10.96 -17.45 -15.21
C7 MTX G . -11.75 -17.29 -16.33
N8 MTX G . -11.87 -18.26 -17.23
C8A MTX G . -11.20 -19.43 -17.05
C9 MTX G . -10.83 -16.26 -14.15
N10 MTX G . -12.11 -15.84 -13.65
CM MTX G . -12.75 -16.61 -12.71
C11 MTX G . -14.10 -12.51 -15.47
C12 MTX G . -14.58 -13.06 -14.29
C13 MTX G . -13.93 -14.13 -13.69
C14 MTX G . -12.80 -14.67 -14.28
C15 MTX G . -12.33 -14.14 -15.47
C16 MTX G . -12.99 -13.05 -16.07
C MTX G . -14.88 -11.34 -16.12
O MTX G . -16.01 -11.28 -15.82
N MTX G . -14.29 -10.39 -17.09
CA MTX G . -14.99 -9.30 -17.79
CT MTX G . -14.02 -8.17 -18.27
O1 MTX G . -13.47 -8.28 -19.40
O2 MTX G . -13.79 -7.16 -17.56
CB MTX G . -16.22 -8.69 -17.10
CG MTX G . -15.99 -8.24 -15.63
CD MTX G . -16.16 -6.64 -15.53
OE1 MTX G . -16.08 -6.07 -14.40
OE2 MTX G . -16.37 -5.96 -16.60
C1 EDO H . 21.59 -26.17 -4.61
O1 EDO H . 21.81 -26.35 -6.01
C2 EDO H . 20.33 -25.34 -4.44
O2 EDO H . 20.47 -24.15 -5.22
C1 EDO I . -5.59 -19.73 -17.21
O1 EDO I . -4.43 -20.54 -17.35
C2 EDO I . -6.10 -19.78 -15.78
O2 EDO I . -5.10 -19.29 -14.88
C1 EDO J . 0.44 -17.17 -0.29
O1 EDO J . 0.07 -18.48 0.12
C2 EDO J . 1.42 -17.29 -1.45
O2 EDO J . 0.94 -18.29 -2.34
C1 EDO K . 0.71 -51.47 -19.97
O1 EDO K . 0.78 -51.08 -18.60
C2 EDO K . -0.74 -51.63 -20.38
O2 EDO K . -0.99 -52.97 -20.84
C1 EDO L . 11.36 -7.22 -1.51
O1 EDO L . 11.55 -6.31 -0.41
C2 EDO L . 11.80 -6.54 -2.79
O2 EDO L . 13.03 -5.85 -2.57
C1 EDO M . -17.84 -44.95 -4.44
O1 EDO M . -18.68 -46.06 -4.11
C2 EDO M . -18.11 -44.52 -5.87
O2 EDO M . -19.50 -44.20 -6.03
C1 EDO N . -2.63 -56.83 -18.26
O1 EDO N . -2.12 -56.09 -17.14
C2 EDO N . -1.71 -56.66 -19.45
O2 EDO N . -1.70 -55.30 -19.88
C1 EDO O . 18.00 -23.47 12.19
O1 EDO O . 18.60 -22.96 13.38
C2 EDO O . 18.47 -22.71 10.97
O2 EDO O . 19.84 -23.02 10.70
C1 EDO P . 6.33 -7.38 -33.15
O1 EDO P . 6.05 -8.70 -32.67
C2 EDO P . 5.03 -6.68 -33.53
O2 EDO P . 4.29 -7.45 -34.48
C1 EDO Q . 19.81 -38.40 -23.17
O1 EDO Q . 20.16 -39.69 -22.67
C2 EDO Q . 19.18 -38.54 -24.56
O2 EDO Q . 18.69 -37.26 -24.98
C1 EDO R . -7.84 -48.61 -5.32
O1 EDO R . -6.80 -48.62 -6.30
C2 EDO R . -7.23 -48.56 -3.93
O2 EDO R . -6.43 -49.73 -3.69
C1 EDO S . -15.76 -16.50 -15.95
O1 EDO S . -15.71 -17.91 -15.71
C2 EDO S . -17.19 -16.03 -15.74
O2 EDO S . -17.34 -14.69 -16.24
C1 EDO T . -16.87 -23.05 -13.57
O1 EDO T . -18.17 -22.73 -13.02
C2 EDO T . -17.03 -23.38 -15.04
O2 EDO T . -17.49 -22.23 -15.76
C1 EDO U . -10.01 -13.64 -4.69
O1 EDO U . -8.81 -13.05 -4.17
C2 EDO U . -10.52 -12.81 -5.86
O2 EDO U . -11.03 -13.70 -6.87
C1 EDO V . 11.32 -12.70 4.58
O1 EDO V . 11.86 -13.69 5.47
C2 EDO V . 10.93 -13.38 3.28
O2 EDO V . 9.69 -12.84 2.80
N PLS W . 3.75 -25.66 12.70
CA PLS W . 5.03 -26.34 12.75
CB PLS W . 6.11 -25.31 12.39
OG PLS W . 5.80 -24.73 11.15
C PLS W . 5.33 -26.94 14.10
O PLS W . 4.67 -26.57 15.10
OXT PLS W . 6.26 -27.80 14.21
N1 PLS W . -0.49 -23.18 11.98
C2 PLS W . 0.05 -23.69 13.10
C2A PLS W . -0.58 -23.41 14.46
C3 PLS W . 1.18 -24.48 13.01
O3 PLS W . 1.72 -25.00 14.19
C4 PLS W . 1.74 -24.75 11.79
C4A PLS W . 3.02 -25.58 11.67
C5 PLS W . 1.17 -24.21 10.67
C6 PLS W . 0.05 -23.42 10.78
C5A PLS W . 1.78 -24.41 9.28
O4P PLS W . 1.54 -25.63 8.67
P PLS W . 2.52 -26.00 7.39
O1P PLS W . 3.89 -26.35 7.95
O2P PLS W . 1.88 -27.16 6.69
O3P PLS W . 2.65 -24.79 6.49
C1 EDO X . 3.15 -11.43 15.57
O1 EDO X . 3.14 -12.83 15.88
C2 EDO X . 1.73 -10.89 15.43
O2 EDO X . 1.09 -11.31 14.22
N1 MTX Y . 12.70 -21.98 15.60
C2 MTX Y . 12.03 -23.11 15.31
NA2 MTX Y . 12.25 -24.33 16.12
N3 MTX Y . 11.13 -23.15 14.26
C4 MTX Y . 10.92 -22.05 13.52
NA4 MTX Y . 9.94 -22.09 12.38
C4A MTX Y . 11.60 -20.89 13.80
N5 MTX Y . 11.39 -19.78 13.07
C6 MTX Y . 12.05 -18.65 13.34
C7 MTX Y . 12.95 -18.63 14.39
N8 MTX Y . 13.16 -19.72 15.13
C8A MTX Y . 12.49 -20.86 14.85
C9 MTX Y . 11.82 -17.33 12.49
N10 MTX Y . 13.07 -16.74 12.05
CM MTX Y . 13.67 -17.18 10.90
C11 MTX Y . 15.01 -13.78 14.49
C12 MTX Y . 15.48 -14.05 13.22
C13 MTX Y . 14.84 -15.00 12.42
C14 MTX Y . 13.75 -15.70 12.91
C15 MTX Y . 13.29 -15.44 14.19
C16 MTX Y . 13.93 -14.48 14.99
C MTX Y . 15.73 -12.74 15.39
O MTX Y . 16.89 -12.77 15.40
N MTX Y . 15.00 -11.78 16.22
CA MTX Y . 15.58 -10.80 17.11
CT MTX Y . 14.49 -9.80 17.61
O1 MTX Y . 14.58 -8.56 17.38
O2 MTX Y . 13.49 -10.23 18.25
CB MTX Y . 16.78 -10.01 16.57
CG MTX Y . 16.69 -9.65 15.07
CD MTX Y . 16.68 -8.06 14.86
OE1 MTX Y . 16.63 -7.29 15.85
OE2 MTX Y . 16.74 -7.58 13.67
C1 EDO Z . -18.39 -27.30 1.19
O1 EDO Z . -18.63 -26.18 2.05
C2 EDO Z . -19.64 -28.17 1.18
O2 EDO Z . -19.98 -28.47 2.54
C1 EDO AA . 19.09 -33.04 35.21
O1 EDO AA . 18.78 -34.23 35.95
C2 EDO AA . 20.31 -32.37 35.83
O2 EDO AA . 21.40 -33.30 35.84
C1 EDO BA . 21.20 -43.16 -0.73
O1 EDO BA . 21.63 -44.39 -1.31
C2 EDO BA . 21.63 -43.12 0.73
O2 EDO BA . 23.06 -43.07 0.82
C1 EDO CA . -20.94 -25.39 17.18
O1 EDO CA . -20.37 -26.45 16.41
C2 EDO CA . -21.02 -24.13 16.32
O2 EDO CA . -22.04 -24.26 15.32
C1 EDO DA . -12.14 -8.25 1.93
O1 EDO DA . -12.41 -6.86 2.18
C2 EDO DA . -10.89 -8.34 1.08
O2 EDO DA . -11.03 -7.44 -0.03
C1 EDO EA . -6.02 -12.48 31.86
O1 EDO EA . -5.85 -13.88 31.61
C2 EDO EA . -4.65 -11.84 32.00
O2 EDO EA . -4.08 -12.12 33.28
C1 EDO FA . -23.80 -32.79 13.75
O1 EDO FA . -22.76 -33.69 13.34
C2 EDO FA . -24.52 -32.26 12.51
O2 EDO FA . -25.56 -31.37 12.91
C1 EDO GA . 6.85 -53.40 24.55
O1 EDO GA . 6.17 -52.58 25.50
C2 EDO GA . 6.50 -52.93 23.13
O2 EDO GA . 5.07 -52.96 22.97
N PLS HA . -4.50 23.61 15.32
CA PLS HA . -5.74 24.36 15.32
CB PLS HA . -6.79 23.46 14.65
OG PLS HA . -6.33 22.95 13.42
C PLS HA . -6.20 24.76 16.72
O PLS HA . -5.63 24.29 17.74
OXT PLS HA . -7.16 25.56 16.86
N1 PLS HA . -0.29 21.10 14.54
C2 PLS HA . -0.87 21.49 15.69
C2A PLS HA . -0.31 20.98 17.01
C3 PLS HA . -1.97 22.34 15.64
O3 PLS HA . -2.57 22.72 16.85
C4 PLS HA . -2.44 22.76 14.43
C4A PLS HA . -3.66 23.66 14.37
C5 PLS HA . -1.84 22.36 13.28
C6 PLS HA . -0.75 21.52 13.34
C5A PLS HA . -2.34 22.75 11.88
O4P PLS HA . -2.10 24.04 11.47
P PLS HA . -2.98 24.57 10.18
O1P PLS HA . -4.38 24.84 10.70
O2P PLS HA . -2.29 25.81 9.70
O3P PLS HA . -3.00 23.47 9.15
C1 EDO IA . -3.48 8.35 16.11
O1 EDO IA . -4.52 9.09 16.77
C2 EDO IA . -2.20 9.19 16.16
O2 EDO IA . -1.26 8.78 15.15
N1 MTX JA . -13.51 19.53 17.34
C2 MTX JA . -12.85 20.71 17.19
NA2 MTX JA . -13.02 21.78 18.18
N3 MTX JA . -12.01 20.90 16.11
C4 MTX JA . -11.85 19.93 15.20
NA4 MTX JA . -10.94 20.17 14.04
C4A MTX JA . -12.52 18.72 15.34
N5 MTX JA . -12.36 17.75 14.43
C6 MTX JA . -13.01 16.59 14.57
C7 MTX JA . -13.83 16.39 15.66
N8 MTX JA . -13.99 17.36 16.55
C8A MTX JA . -13.35 18.53 16.42
C9 MTX JA . -12.83 15.40 13.50
N10 MTX JA . -14.08 14.86 13.00
CM MTX JA . -14.60 15.38 11.83
C11 MTX JA . -16.14 11.65 15.01
C12 MTX JA . -16.61 12.14 13.79
C13 MTX JA . -15.93 13.17 13.14
C14 MTX JA . -14.80 13.74 13.71
C15 MTX JA . -14.34 13.26 14.92
C16 MTX JA . -15.02 12.22 15.58
C MTX JA . -16.90 10.52 15.76
O MTX JA . -18.06 10.59 15.81
N MTX JA . -16.21 9.39 16.41
CA MTX JA . -16.88 8.33 17.13
CT MTX JA . -15.87 7.27 17.64
O1 MTX JA . -15.08 7.56 18.59
O2 MTX JA . -15.81 6.13 17.12
CB MTX JA . -18.02 7.62 16.39
CG MTX JA . -17.77 7.50 14.87
CD MTX JA . -17.83 5.95 14.43
OE1 MTX JA . -18.16 5.65 13.25
OE2 MTX JA . -17.54 5.02 15.28
C1 EDO KA . 20.03 20.52 19.85
O1 EDO KA . 20.13 21.95 19.86
C2 EDO KA . 21.39 19.94 19.54
O2 EDO KA . 22.27 20.19 20.64
C1 EDO LA . -20.97 43.47 3.23
O1 EDO LA . -21.70 44.71 3.20
C2 EDO LA . -21.35 42.73 4.50
O2 EDO LA . -22.79 42.68 4.59
C1 EDO MA . -30.71 17.83 19.19
O1 EDO MA . -30.92 19.08 18.51
C2 EDO MA . -29.30 17.77 19.77
O2 EDO MA . -29.36 17.27 21.11
C1 EDO NA . 9.53 32.35 34.07
O1 EDO NA . 10.71 33.10 34.41
C2 EDO NA . 9.72 31.65 32.73
O2 EDO NA . 10.20 32.58 31.75
C1 EDO OA . -0.72 22.86 39.83
O1 EDO OA . -1.88 22.39 39.14
C2 EDO OA . 0.37 23.18 38.83
O2 EDO OA . -0.05 24.27 37.98
C1 EDO PA . -0.40 16.85 0.17
O1 EDO PA . -0.97 18.06 -0.32
C2 EDO PA . -0.69 16.76 1.66
O2 EDO PA . -0.18 17.93 2.28
C1 EDO QA . -22.55 27.70 37.98
O1 EDO QA . -23.62 28.61 38.21
C2 EDO QA . -21.40 28.46 37.33
O2 EDO QA . -20.99 29.51 38.19
C1 EDO RA . -7.77 47.80 34.18
O1 EDO RA . -7.33 46.53 34.70
C2 EDO RA . -9.02 47.61 33.33
O2 EDO RA . -9.21 48.76 32.50
C1 EDO SA . -0.89 46.35 3.15
O1 EDO SA . -1.31 45.87 4.44
C2 EDO SA . -1.63 45.58 2.06
O2 EDO SA . -1.33 46.14 0.77
C1 EDO TA . -4.97 54.82 16.30
O1 EDO TA . -6.34 55.19 16.15
C2 EDO TA . -4.91 53.85 17.45
O2 EDO TA . -5.73 52.72 17.08
C1 EDO UA . 11.99 7.33 3.42
O1 EDO UA . 12.22 5.91 3.39
C2 EDO UA . 10.76 7.64 2.58
O2 EDO UA . 10.90 6.97 1.32
C1 EDO VA . 1.81 53.07 -21.88
O1 EDO VA . 2.61 53.05 -23.06
C2 EDO VA . 0.35 52.82 -22.26
O2 EDO VA . -0.44 52.69 -21.06
C1 EDO WA . 10.99 13.22 -3.91
O1 EDO WA . 11.18 14.31 -4.83
C2 EDO WA . 10.33 13.72 -2.63
O2 EDO WA . 9.10 13.00 -2.41
N1 MTX XA . 15.58 22.78 -13.57
C2 MTX XA . 15.25 23.94 -14.20
NA2 MTX XA . 16.26 24.99 -14.38
N3 MTX XA . 13.96 24.11 -14.66
C4 MTX XA . 13.04 23.16 -14.50
NA4 MTX XA . 11.64 23.36 -15.01
C4A MTX XA . 13.38 21.98 -13.87
N5 MTX XA . 12.45 21.02 -13.70
C6 MTX XA . 12.78 19.88 -13.08
C7 MTX XA . 14.07 19.70 -12.61
N8 MTX XA . 14.99 20.66 -12.78
C8A MTX XA . 14.66 21.80 -13.40
C9 MTX XA . 11.71 18.72 -12.86
N10 MTX XA . 12.27 17.62 -12.11
CM MTX XA . 12.20 17.63 -10.73
C11 MTX XA . 14.53 14.54 -14.07
C12 MTX XA . 14.57 14.65 -12.68
C13 MTX XA . 13.83 15.65 -12.06
C14 MTX XA . 13.06 16.53 -12.80
C15 MTX XA . 13.03 16.42 -14.18
C16 MTX XA . 13.77 15.41 -14.82
C MTX XA . 15.37 13.42 -14.77
O MTX XA . 16.18 12.83 -14.16
N MTX XA . 15.17 13.09 -16.18
CA MTX XA . 15.98 12.05 -16.77
CT MTX XA . 17.39 12.59 -17.12
O1 MTX XA . 18.01 12.12 -18.11
O2 MTX XA . 17.92 13.48 -16.40
CB MTX XA . 15.30 11.55 -18.03
CG MTX XA . 13.85 11.12 -17.69
CD MTX XA . 13.81 9.57 -17.24
OE1 MTX XA . 14.85 9.01 -16.78
OE2 MTX XA . 12.71 8.90 -17.33
C1 EDO YA . -11.24 12.72 4.06
O1 EDO YA . -9.91 12.30 3.74
C2 EDO YA . -11.76 11.93 5.25
O2 EDO YA . -12.20 12.84 6.27
C1 EDO ZA . 2.47 11.75 -15.61
O1 EDO ZA . 3.89 11.65 -15.78
C2 EDO ZA . 1.95 10.55 -14.84
O2 EDO ZA . 0.75 10.88 -14.13
N SER AB . 6.52 25.35 -13.33
CA SER AB . 5.17 25.91 -13.28
C SER AB . 4.59 26.14 -14.66
O SER AB . 3.46 26.60 -14.78
CB SER AB . 5.16 27.24 -12.52
OG SER AB . 5.74 28.27 -13.31
OXT SER AB . 5.22 25.91 -15.69
C1 EDO BB . -21.24 26.53 -2.64
O1 EDO BB . -21.23 26.90 -4.03
C2 EDO BB . -20.08 25.56 -2.41
O2 EDO BB . -20.16 24.53 -3.39
C1 EDO CB . -22.11 22.55 -17.83
O1 EDO CB . -22.48 21.67 -16.75
C2 EDO CB . -21.28 23.72 -17.31
O2 EDO CB . -21.13 24.72 -18.33
C1 EDO DB . 6.26 20.33 -35.62
O1 EDO DB . 5.46 21.52 -35.58
C2 EDO DB . 6.04 19.53 -34.33
O2 EDO DB . 6.23 20.39 -33.20
C1 EDO EB . 18.25 49.92 -8.33
O1 EDO EB . 19.66 50.12 -8.26
C2 EDO EB . 17.97 48.47 -8.72
O2 EDO EB . 16.67 48.37 -9.30
C1 EDO FB . -20.41 15.21 -17.82
O1 EDO FB . -19.76 15.84 -18.92
C2 EDO FB . -19.95 15.84 -16.51
O2 EDO FB . -20.39 17.20 -16.45
C1 EDO GB . -12.57 6.99 -2.72
O1 EDO GB . -12.68 5.58 -2.97
C2 EDO GB . -11.36 7.25 -1.84
O2 EDO GB . -11.51 6.49 -0.63
C1 EDO HB . 5.84 38.71 -12.33
O1 EDO HB . 5.92 38.68 -13.76
C2 EDO HB . 7.24 38.55 -11.76
O2 EDO HB . 8.15 39.34 -12.54
#